data_2ENN
#
_entry.id   2ENN
#
loop_
_entity.id
_entity.type
_entity.pdbx_description
1 polymer 'Protein kinase C theta type'
2 non-polymer 'ZINC ION'
#
_entity_poly.entity_id   1
_entity_poly.type   'polypeptide(L)'
_entity_poly.pdbx_seq_one_letter_code
;GSSGSSGQRRGAIKQAKVHHVKCHEFTATFFPQPTFCSVCHEFVWGLNKQGYQCRQCNAAIHKKCIDKVIAKCTGSA
;
_entity_poly.pdbx_strand_id   A
#
# COMPACT_ATOMS: atom_id res chain seq x y z
N GLY A 1 17.12 -26.75 44.82
CA GLY A 1 16.15 -27.34 43.92
C GLY A 1 15.16 -26.32 43.41
N SER A 2 14.94 -26.31 42.09
CA SER A 2 14.00 -25.38 41.47
C SER A 2 13.63 -25.83 40.06
N SER A 3 12.64 -25.16 39.48
CA SER A 3 12.18 -25.50 38.13
C SER A 3 11.29 -24.40 37.57
N GLY A 4 11.29 -24.26 36.25
CA GLY A 4 10.48 -23.24 35.62
C GLY A 4 9.91 -23.71 34.29
N SER A 5 9.04 -22.89 33.70
CA SER A 5 8.42 -23.23 32.43
C SER A 5 8.72 -22.16 31.38
N SER A 6 9.18 -22.60 30.21
CA SER A 6 9.51 -21.69 29.13
C SER A 6 8.40 -20.67 28.91
N GLY A 7 7.16 -21.16 28.87
CA GLY A 7 6.02 -20.28 28.67
C GLY A 7 5.77 -19.99 27.21
N GLN A 8 4.49 -19.95 26.82
CA GLN A 8 4.12 -19.68 25.45
C GLN A 8 3.30 -18.41 25.34
N ARG A 9 3.75 -17.49 24.48
CA ARG A 9 3.06 -16.22 24.29
C ARG A 9 2.90 -15.90 22.81
N ARG A 10 1.81 -15.24 22.46
CA ARG A 10 1.54 -14.87 21.08
C ARG A 10 1.12 -13.41 20.97
N GLY A 11 1.04 -12.91 19.74
CA GLY A 11 0.65 -11.53 19.53
C GLY A 11 1.46 -10.86 18.44
N ALA A 12 1.42 -11.44 17.23
CA ALA A 12 2.15 -10.90 16.10
C ALA A 12 1.23 -10.10 15.18
N ILE A 13 0.35 -9.31 15.77
CA ILE A 13 -0.58 -8.49 15.00
C ILE A 13 -0.55 -7.05 15.45
N LYS A 14 -0.16 -6.16 14.53
CA LYS A 14 -0.09 -4.73 14.83
C LYS A 14 -1.37 -4.01 14.40
N GLN A 15 -1.68 -4.10 13.11
CA GLN A 15 -2.87 -3.47 12.57
C GLN A 15 -3.18 -3.99 11.17
N ALA A 16 -4.46 -4.05 10.83
CA ALA A 16 -4.88 -4.52 9.52
C ALA A 16 -6.09 -3.73 9.02
N LYS A 17 -5.96 -3.19 7.80
CA LYS A 17 -7.04 -2.41 7.21
C LYS A 17 -6.75 -2.12 5.74
N VAL A 18 -7.79 -1.79 4.98
CA VAL A 18 -7.65 -1.50 3.56
C VAL A 18 -8.49 -0.28 3.16
N HIS A 19 -7.95 0.54 2.28
CA HIS A 19 -8.65 1.74 1.81
C HIS A 19 -9.42 1.44 0.53
N HIS A 20 -10.72 1.74 0.55
CA HIS A 20 -11.57 1.51 -0.62
C HIS A 20 -11.87 2.83 -1.34
N VAL A 21 -11.14 3.07 -2.43
CA VAL A 21 -11.32 4.29 -3.20
C VAL A 21 -11.67 3.97 -4.65
N LYS A 22 -12.89 4.29 -5.05
CA LYS A 22 -13.36 4.04 -6.41
C LYS A 22 -13.27 2.56 -6.74
N CYS A 23 -13.65 1.71 -5.78
CA CYS A 23 -13.61 0.26 -5.97
C CYS A 23 -12.18 -0.23 -6.14
N HIS A 24 -11.26 0.38 -5.40
CA HIS A 24 -9.85 0.00 -5.47
C HIS A 24 -9.26 -0.14 -4.06
N GLU A 25 -8.65 -1.29 -3.80
CA GLU A 25 -8.05 -1.55 -2.49
C GLU A 25 -6.57 -1.16 -2.49
N PHE A 26 -6.30 0.12 -2.31
CA PHE A 26 -4.93 0.61 -2.30
C PHE A 26 -4.22 0.20 -1.02
N THR A 27 -3.11 -0.52 -1.17
CA THR A 27 -2.33 -0.99 -0.03
C THR A 27 -0.87 -0.58 -0.15
N ALA A 28 -0.37 0.13 0.85
CA ALA A 28 1.01 0.58 0.85
C ALA A 28 1.96 -0.54 0.42
N THR A 29 2.45 -0.43 -0.82
CA THR A 29 3.36 -1.44 -1.36
C THR A 29 4.59 -0.78 -1.97
N PHE A 30 5.72 -1.49 -1.92
CA PHE A 30 6.97 -0.98 -2.46
C PHE A 30 7.32 -1.68 -3.77
N PHE A 31 7.20 -0.96 -4.87
CA PHE A 31 7.50 -1.53 -6.19
C PHE A 31 9.00 -1.54 -6.44
N PRO A 32 9.58 -2.75 -6.49
CA PRO A 32 11.01 -2.94 -6.72
C PRO A 32 11.42 -2.58 -8.15
N GLN A 33 10.43 -2.31 -8.99
CA GLN A 33 10.68 -1.95 -10.38
C GLN A 33 9.96 -0.66 -10.76
N PRO A 34 10.49 0.04 -11.77
CA PRO A 34 9.90 1.30 -12.24
C PRO A 34 8.59 1.07 -12.98
N THR A 35 7.49 1.50 -12.35
CA THR A 35 6.16 1.35 -12.94
C THR A 35 5.52 2.70 -13.21
N PHE A 36 4.92 2.84 -14.38
CA PHE A 36 4.27 4.10 -14.76
C PHE A 36 2.91 4.22 -14.10
N CYS A 37 2.61 5.42 -13.59
CA CYS A 37 1.34 5.67 -12.92
C CYS A 37 0.18 5.52 -13.90
N SER A 38 -1.01 5.30 -13.35
CA SER A 38 -2.21 5.13 -14.17
C SER A 38 -2.94 6.46 -14.33
N VAL A 39 -2.73 7.37 -13.39
CA VAL A 39 -3.37 8.68 -13.42
C VAL A 39 -2.46 9.72 -14.04
N CYS A 40 -1.45 10.15 -13.28
CA CYS A 40 -0.51 11.16 -13.76
C CYS A 40 0.36 10.59 -14.88
N HIS A 41 0.46 9.27 -14.92
CA HIS A 41 1.27 8.60 -15.95
C HIS A 41 2.73 8.99 -15.83
N GLU A 42 3.27 8.87 -14.62
CA GLU A 42 4.68 9.22 -14.38
C GLU A 42 5.43 8.02 -13.81
N PHE A 43 6.70 7.90 -14.18
CA PHE A 43 7.54 6.80 -13.71
C PHE A 43 7.56 6.76 -12.18
N VAL A 44 7.09 5.64 -11.63
CA VAL A 44 7.06 5.46 -10.18
C VAL A 44 8.26 4.65 -9.69
N TRP A 45 9.44 5.21 -9.85
CA TRP A 45 10.67 4.54 -9.43
C TRP A 45 11.46 5.41 -8.46
N GLY A 46 10.76 6.13 -7.60
CA GLY A 46 11.41 6.99 -6.63
C GLY A 46 11.91 6.24 -5.42
N LEU A 47 13.10 6.59 -4.95
CA LEU A 47 13.69 5.94 -3.79
C LEU A 47 12.94 6.32 -2.51
N ASN A 48 12.53 5.32 -1.74
CA ASN A 48 11.81 5.55 -0.49
C ASN A 48 10.49 6.28 -0.76
N LYS A 49 9.77 5.82 -1.77
CA LYS A 49 8.48 6.42 -2.12
C LYS A 49 7.37 5.37 -2.12
N GLN A 50 6.60 5.34 -1.04
CA GLN A 50 5.50 4.39 -0.92
C GLN A 50 4.36 4.74 -1.88
N GLY A 51 3.89 3.74 -2.62
CA GLY A 51 2.81 3.96 -3.56
C GLY A 51 1.54 3.24 -3.17
N TYR A 52 0.69 2.97 -4.16
CA TYR A 52 -0.57 2.28 -3.92
C TYR A 52 -0.88 1.30 -5.05
N GLN A 53 -1.25 0.08 -4.67
CA GLN A 53 -1.57 -0.95 -5.65
C GLN A 53 -2.89 -1.65 -5.30
N CYS A 54 -3.86 -1.57 -6.20
CA CYS A 54 -5.16 -2.19 -5.99
C CYS A 54 -5.02 -3.70 -5.82
N ARG A 55 -6.06 -4.32 -5.26
CA ARG A 55 -6.06 -5.76 -5.04
C ARG A 55 -6.74 -6.48 -6.18
N GLN A 56 -7.64 -5.78 -6.88
CA GLN A 56 -8.36 -6.36 -8.00
C GLN A 56 -7.66 -6.08 -9.32
N CYS A 57 -7.76 -4.85 -9.79
CA CYS A 57 -7.14 -4.46 -11.05
C CYS A 57 -5.62 -4.37 -10.89
N ASN A 58 -5.17 -4.16 -9.66
CA ASN A 58 -3.75 -4.05 -9.37
C ASN A 58 -3.13 -2.85 -10.08
N ALA A 59 -3.74 -1.68 -9.88
CA ALA A 59 -3.26 -0.45 -10.50
C ALA A 59 -2.26 0.26 -9.59
N ALA A 60 -1.11 0.62 -10.15
CA ALA A 60 -0.08 1.31 -9.39
C ALA A 60 -0.17 2.83 -9.58
N ILE A 61 -0.25 3.55 -8.47
CA ILE A 61 -0.34 5.00 -8.51
C ILE A 61 0.29 5.63 -7.28
N HIS A 62 0.76 6.87 -7.43
CA HIS A 62 1.39 7.59 -6.33
C HIS A 62 0.38 7.89 -5.23
N LYS A 63 0.88 8.15 -4.03
CA LYS A 63 0.02 8.47 -2.89
C LYS A 63 -0.84 9.70 -3.17
N LYS A 64 -0.26 10.65 -3.89
CA LYS A 64 -0.98 11.88 -4.23
C LYS A 64 -1.98 11.63 -5.36
N CYS A 65 -1.74 10.58 -6.14
CA CYS A 65 -2.63 10.23 -7.24
C CYS A 65 -3.76 9.32 -6.77
N ILE A 66 -4.06 9.40 -5.48
CA ILE A 66 -5.12 8.57 -4.91
C ILE A 66 -6.47 9.25 -5.03
N ASP A 67 -6.46 10.59 -5.01
CA ASP A 67 -7.70 11.36 -5.13
C ASP A 67 -8.03 11.64 -6.58
N LYS A 68 -7.03 11.52 -7.45
CA LYS A 68 -7.21 11.76 -8.88
C LYS A 68 -7.62 10.48 -9.59
N VAL A 69 -8.24 9.56 -8.85
CA VAL A 69 -8.68 8.29 -9.42
C VAL A 69 -10.17 8.32 -9.70
N ILE A 70 -10.53 8.17 -10.98
CA ILE A 70 -11.93 8.17 -11.38
C ILE A 70 -12.33 6.83 -11.98
N ALA A 71 -11.51 6.32 -12.89
CA ALA A 71 -11.77 5.04 -13.53
C ALA A 71 -12.24 4.00 -12.52
N LYS A 72 -13.20 3.17 -12.92
CA LYS A 72 -13.73 2.14 -12.05
C LYS A 72 -12.94 0.85 -12.19
N CYS A 73 -13.00 0.01 -11.16
CA CYS A 73 -12.28 -1.27 -11.16
C CYS A 73 -13.09 -2.34 -11.89
N THR A 74 -12.43 -3.08 -12.77
CA THR A 74 -13.08 -4.14 -13.53
C THR A 74 -13.08 -5.45 -12.76
N GLY A 75 -11.92 -5.81 -12.21
CA GLY A 75 -11.81 -7.05 -11.46
C GLY A 75 -11.12 -8.14 -12.24
N SER A 76 -10.50 -9.08 -11.52
CA SER A 76 -9.79 -10.18 -12.16
C SER A 76 -10.33 -11.52 -11.68
N ALA A 77 -10.45 -12.48 -12.60
CA ALA A 77 -10.96 -13.80 -12.27
C ALA A 77 -9.86 -14.66 -11.65
N GLY A 1 25.99 -20.78 47.38
CA GLY A 1 25.70 -20.80 45.96
C GLY A 1 24.35 -20.18 45.63
N SER A 2 24.24 -19.63 44.42
CA SER A 2 23.00 -19.00 43.98
C SER A 2 22.85 -19.08 42.46
N SER A 3 21.64 -19.39 42.01
CA SER A 3 21.36 -19.51 40.59
C SER A 3 20.13 -18.69 40.20
N GLY A 4 19.99 -18.42 38.90
CA GLY A 4 18.86 -17.64 38.44
C GLY A 4 18.97 -17.29 36.96
N SER A 5 17.93 -16.69 36.42
CA SER A 5 17.91 -16.31 35.01
C SER A 5 17.12 -15.01 34.81
N SER A 6 17.33 -14.38 33.66
CA SER A 6 16.64 -13.13 33.35
C SER A 6 15.52 -13.37 32.34
N GLY A 7 15.88 -13.84 31.15
CA GLY A 7 14.89 -14.10 30.12
C GLY A 7 14.36 -12.83 29.49
N GLN A 8 14.14 -12.86 28.18
CA GLN A 8 13.62 -11.70 27.47
C GLN A 8 12.75 -12.13 26.29
N ARG A 9 11.59 -11.49 26.15
CA ARG A 9 10.68 -11.80 25.06
C ARG A 9 10.06 -10.54 24.48
N ARG A 10 10.04 -10.45 23.15
CA ARG A 10 9.48 -9.29 22.47
C ARG A 10 8.95 -9.66 21.09
N GLY A 11 7.70 -9.29 20.82
CA GLY A 11 7.10 -9.60 19.55
C GLY A 11 6.35 -8.42 18.97
N ALA A 12 6.58 -8.16 17.68
CA ALA A 12 5.92 -7.04 17.00
C ALA A 12 5.38 -7.48 15.65
N ILE A 13 4.51 -6.65 15.06
CA ILE A 13 3.93 -6.95 13.77
C ILE A 13 3.82 -5.70 12.90
N LYS A 14 3.87 -5.89 11.59
CA LYS A 14 3.79 -4.77 10.65
C LYS A 14 2.35 -4.33 10.46
N GLN A 15 2.09 -3.05 10.74
CA GLN A 15 0.73 -2.51 10.61
C GLN A 15 0.31 -2.48 9.15
N ALA A 16 -0.99 -2.58 8.92
CA ALA A 16 -1.54 -2.58 7.56
C ALA A 16 -3.04 -2.35 7.58
N LYS A 17 -3.55 -1.67 6.54
CA LYS A 17 -4.98 -1.39 6.44
C LYS A 17 -5.41 -1.31 4.98
N VAL A 18 -6.71 -1.29 4.75
CA VAL A 18 -7.25 -1.21 3.41
C VAL A 18 -8.01 0.10 3.18
N HIS A 19 -7.68 0.80 2.10
CA HIS A 19 -8.33 2.06 1.79
C HIS A 19 -9.23 1.92 0.57
N HIS A 20 -10.53 2.13 0.79
CA HIS A 20 -11.52 2.02 -0.28
C HIS A 20 -11.56 3.30 -1.11
N VAL A 21 -11.09 3.23 -2.35
CA VAL A 21 -11.09 4.39 -3.23
C VAL A 21 -11.60 4.02 -4.62
N LYS A 22 -12.60 4.76 -5.09
CA LYS A 22 -13.17 4.52 -6.40
C LYS A 22 -13.22 3.02 -6.71
N CYS A 23 -13.69 2.24 -5.74
CA CYS A 23 -13.78 0.79 -5.91
C CYS A 23 -12.40 0.18 -6.09
N HIS A 24 -11.44 0.64 -5.31
CA HIS A 24 -10.07 0.13 -5.39
C HIS A 24 -9.50 -0.08 -3.99
N GLU A 25 -8.90 -1.25 -3.78
CA GLU A 25 -8.31 -1.58 -2.49
C GLU A 25 -6.81 -1.30 -2.48
N PHE A 26 -6.45 -0.03 -2.32
CA PHE A 26 -5.06 0.38 -2.31
C PHE A 26 -4.36 -0.12 -1.05
N THR A 27 -3.17 -0.69 -1.22
CA THR A 27 -2.40 -1.21 -0.09
C THR A 27 -0.93 -0.83 -0.22
N ALA A 28 -0.39 -0.20 0.83
CA ALA A 28 1.00 0.21 0.85
C ALA A 28 1.90 -0.88 0.28
N THR A 29 2.52 -0.60 -0.87
CA THR A 29 3.40 -1.57 -1.50
C THR A 29 4.70 -0.91 -1.94
N PHE A 30 5.74 -1.71 -2.12
CA PHE A 30 7.04 -1.21 -2.54
C PHE A 30 7.42 -1.76 -3.91
N PHE A 31 7.24 -0.94 -4.94
CA PHE A 31 7.57 -1.35 -6.31
C PHE A 31 9.07 -1.34 -6.53
N PRO A 32 9.64 -2.50 -6.86
CA PRO A 32 11.08 -2.66 -7.11
C PRO A 32 11.51 -1.98 -8.40
N GLN A 33 10.54 -1.53 -9.19
CA GLN A 33 10.83 -0.86 -10.46
C GLN A 33 9.82 0.25 -10.72
N PRO A 34 10.21 1.22 -11.57
CA PRO A 34 9.36 2.35 -11.93
C PRO A 34 8.17 1.93 -12.80
N THR A 35 6.97 1.99 -12.22
CA THR A 35 5.77 1.61 -12.94
C THR A 35 5.05 2.85 -13.49
N PHE A 36 4.35 2.67 -14.60
CA PHE A 36 3.61 3.76 -15.22
C PHE A 36 2.32 4.06 -14.47
N CYS A 37 2.30 5.19 -13.76
CA CYS A 37 1.14 5.59 -12.98
C CYS A 37 -0.09 5.69 -13.88
N SER A 38 -1.17 5.02 -13.49
CA SER A 38 -2.41 5.03 -14.26
C SER A 38 -3.24 6.27 -13.93
N VAL A 39 -2.56 7.32 -13.48
CA VAL A 39 -3.23 8.57 -13.12
C VAL A 39 -2.53 9.76 -13.74
N CYS A 40 -1.22 9.87 -13.50
CA CYS A 40 -0.43 10.98 -14.04
C CYS A 40 0.47 10.50 -15.17
N HIS A 41 0.68 9.19 -15.24
CA HIS A 41 1.52 8.60 -16.27
C HIS A 41 2.99 8.89 -16.00
N GLU A 42 3.43 8.64 -14.77
CA GLU A 42 4.82 8.87 -14.40
C GLU A 42 5.36 7.72 -13.56
N PHE A 43 6.62 7.36 -13.81
CA PHE A 43 7.25 6.27 -13.09
C PHE A 43 7.00 6.39 -11.58
N VAL A 44 6.37 5.37 -11.01
CA VAL A 44 6.06 5.36 -9.59
C VAL A 44 7.08 4.52 -8.82
N TRP A 45 8.20 5.13 -8.47
CA TRP A 45 9.25 4.44 -7.73
C TRP A 45 9.76 5.30 -6.58
N GLY A 46 9.79 6.61 -6.78
CA GLY A 46 10.24 7.51 -5.75
C GLY A 46 9.31 7.56 -4.55
N LEU A 47 9.41 8.62 -3.77
CA LEU A 47 8.57 8.78 -2.58
C LEU A 47 8.84 7.67 -1.58
N ASN A 48 10.11 7.36 -1.36
CA ASN A 48 10.50 6.33 -0.41
C ASN A 48 9.94 4.98 -0.83
N LYS A 49 10.02 4.68 -2.12
CA LYS A 49 9.52 3.42 -2.65
C LYS A 49 8.17 3.07 -2.04
N GLN A 50 7.29 4.07 -1.93
CA GLN A 50 5.97 3.86 -1.37
C GLN A 50 4.88 4.37 -2.32
N GLY A 51 3.82 3.59 -2.46
CA GLY A 51 2.73 3.98 -3.33
C GLY A 51 1.41 3.31 -2.96
N TYR A 52 0.65 2.91 -3.96
CA TYR A 52 -0.64 2.26 -3.73
C TYR A 52 -0.94 1.26 -4.85
N GLN A 53 -1.37 0.07 -4.45
CA GLN A 53 -1.70 -0.98 -5.41
C GLN A 53 -3.04 -1.62 -5.08
N CYS A 54 -3.93 -1.67 -6.06
CA CYS A 54 -5.25 -2.26 -5.88
C CYS A 54 -5.15 -3.77 -5.71
N ARG A 55 -6.21 -4.36 -5.16
CA ARG A 55 -6.24 -5.81 -4.94
C ARG A 55 -6.87 -6.52 -6.14
N GLN A 56 -7.60 -5.78 -6.96
CA GLN A 56 -8.25 -6.35 -8.13
C GLN A 56 -7.48 -5.97 -9.40
N CYS A 57 -7.60 -4.72 -9.82
CA CYS A 57 -6.93 -4.24 -11.02
C CYS A 57 -5.43 -4.10 -10.78
N ASN A 58 -5.03 -4.13 -9.52
CA ASN A 58 -3.63 -4.00 -9.15
C ASN A 58 -2.98 -2.83 -9.86
N ALA A 59 -3.59 -1.65 -9.73
CA ALA A 59 -3.07 -0.45 -10.36
C ALA A 59 -2.07 0.26 -9.45
N ALA A 60 -0.88 0.53 -9.98
CA ALA A 60 0.15 1.20 -9.22
C ALA A 60 0.17 2.70 -9.51
N ILE A 61 -0.01 3.50 -8.47
CA ILE A 61 -0.02 4.96 -8.62
C ILE A 61 0.62 5.63 -7.42
N HIS A 62 0.98 6.91 -7.59
CA HIS A 62 1.61 7.67 -6.52
C HIS A 62 0.61 7.92 -5.38
N LYS A 63 1.14 8.07 -4.17
CA LYS A 63 0.31 8.32 -3.00
C LYS A 63 -0.54 9.57 -3.19
N LYS A 64 -0.05 10.50 -4.01
CA LYS A 64 -0.76 11.74 -4.27
C LYS A 64 -1.79 11.55 -5.39
N CYS A 65 -1.53 10.57 -6.25
CA CYS A 65 -2.43 10.28 -7.36
C CYS A 65 -3.56 9.35 -6.93
N ILE A 66 -3.88 9.39 -5.64
CA ILE A 66 -4.95 8.56 -5.10
C ILE A 66 -6.31 9.25 -5.22
N ASP A 67 -6.31 10.56 -5.10
CA ASP A 67 -7.53 11.34 -5.20
C ASP A 67 -7.87 11.62 -6.66
N LYS A 68 -6.86 11.60 -7.52
CA LYS A 68 -7.04 11.86 -8.95
C LYS A 68 -7.36 10.56 -9.69
N VAL A 69 -7.97 9.61 -9.00
CA VAL A 69 -8.33 8.34 -9.60
C VAL A 69 -9.82 8.27 -9.90
N ILE A 70 -10.15 8.08 -11.16
CA ILE A 70 -11.54 7.99 -11.59
C ILE A 70 -11.87 6.60 -12.12
N ALA A 71 -11.09 6.16 -13.11
CA ALA A 71 -11.29 4.85 -13.71
C ALA A 71 -11.78 3.83 -12.67
N LYS A 72 -12.97 3.30 -12.88
CA LYS A 72 -13.54 2.32 -11.97
C LYS A 72 -12.85 0.97 -12.11
N CYS A 73 -12.96 0.15 -11.08
CA CYS A 73 -12.34 -1.18 -11.09
C CYS A 73 -13.27 -2.20 -11.73
N THR A 74 -12.74 -2.99 -12.66
CA THR A 74 -13.52 -4.01 -13.35
C THR A 74 -13.17 -5.40 -12.84
N GLY A 75 -11.99 -5.53 -12.24
CA GLY A 75 -11.56 -6.81 -11.72
C GLY A 75 -10.09 -7.08 -11.97
N SER A 76 -9.79 -8.29 -12.43
CA SER A 76 -8.40 -8.68 -12.70
C SER A 76 -8.05 -8.39 -14.16
N ALA A 77 -6.93 -7.70 -14.37
CA ALA A 77 -6.47 -7.37 -15.71
C ALA A 77 -6.60 -8.56 -16.64
N GLY A 1 18.81 -16.13 53.56
CA GLY A 1 17.65 -15.39 53.09
C GLY A 1 17.71 -15.08 51.60
N SER A 2 17.41 -16.07 50.77
CA SER A 2 17.45 -15.89 49.33
C SER A 2 16.05 -15.68 48.76
N SER A 3 15.93 -14.75 47.82
CA SER A 3 14.65 -14.44 47.20
C SER A 3 14.84 -13.73 45.87
N GLY A 4 13.88 -13.92 44.96
CA GLY A 4 13.96 -13.29 43.66
C GLY A 4 12.59 -13.01 43.07
N SER A 5 12.58 -12.43 41.87
CA SER A 5 11.33 -12.10 41.19
C SER A 5 11.57 -11.87 39.70
N SER A 6 10.84 -12.63 38.87
CA SER A 6 10.97 -12.51 37.43
C SER A 6 9.60 -12.42 36.76
N GLY A 7 9.58 -11.90 35.54
CA GLY A 7 8.32 -11.76 34.82
C GLY A 7 8.47 -10.92 33.56
N GLN A 8 8.46 -11.58 32.41
CA GLN A 8 8.59 -10.88 31.13
C GLN A 8 8.20 -11.79 29.97
N ARG A 9 7.72 -11.19 28.90
CA ARG A 9 7.32 -11.95 27.72
C ARG A 9 7.85 -11.30 26.45
N ARG A 10 7.69 -11.99 25.32
CA ARG A 10 8.16 -11.49 24.04
C ARG A 10 7.24 -11.95 22.90
N GLY A 11 7.11 -11.11 21.88
CA GLY A 11 6.26 -11.44 20.75
C GLY A 11 6.61 -10.66 19.51
N ALA A 12 6.38 -11.27 18.34
CA ALA A 12 6.68 -10.62 17.08
C ALA A 12 5.60 -10.91 16.04
N ILE A 13 4.77 -9.90 15.75
CA ILE A 13 3.69 -10.06 14.78
C ILE A 13 3.39 -8.73 14.09
N LYS A 14 3.17 -8.80 12.79
CA LYS A 14 2.86 -7.60 12.00
C LYS A 14 1.37 -7.54 11.68
N GLN A 15 0.95 -6.42 11.08
CA GLN A 15 -0.45 -6.23 10.71
C GLN A 15 -0.57 -5.60 9.32
N ALA A 16 -1.80 -5.46 8.86
CA ALA A 16 -2.05 -4.87 7.55
C ALA A 16 -3.32 -4.02 7.56
N LYS A 17 -3.42 -3.11 6.59
CA LYS A 17 -4.58 -2.24 6.49
C LYS A 17 -4.81 -1.80 5.05
N VAL A 18 -5.97 -2.16 4.50
CA VAL A 18 -6.31 -1.81 3.13
C VAL A 18 -7.26 -0.61 3.10
N HIS A 19 -7.15 0.20 2.04
CA HIS A 19 -7.99 1.37 1.89
C HIS A 19 -8.99 1.18 0.74
N HIS A 20 -10.22 1.61 0.95
CA HIS A 20 -11.26 1.49 -0.06
C HIS A 20 -11.53 2.84 -0.74
N VAL A 21 -10.98 3.00 -1.94
CA VAL A 21 -11.16 4.25 -2.69
C VAL A 21 -11.68 3.97 -4.10
N LYS A 22 -12.94 4.30 -4.33
CA LYS A 22 -13.57 4.09 -5.64
C LYS A 22 -13.51 2.62 -6.03
N CYS A 23 -13.79 1.73 -5.08
CA CYS A 23 -13.77 0.30 -5.34
C CYS A 23 -12.36 -0.17 -5.63
N HIS A 24 -11.38 0.42 -4.96
CA HIS A 24 -9.97 0.06 -5.16
C HIS A 24 -9.29 -0.21 -3.83
N GLU A 25 -8.83 -1.45 -3.65
CA GLU A 25 -8.16 -1.84 -2.42
C GLU A 25 -6.73 -1.29 -2.38
N PHE A 26 -6.58 0.00 -2.65
CA PHE A 26 -5.27 0.63 -2.64
C PHE A 26 -4.61 0.51 -1.27
N THR A 27 -3.62 -0.36 -1.18
CA THR A 27 -2.90 -0.58 0.07
C THR A 27 -1.41 -0.31 -0.09
N ALA A 28 -0.83 0.39 0.87
CA ALA A 28 0.60 0.70 0.83
C ALA A 28 1.42 -0.50 0.38
N THR A 29 2.21 -0.30 -0.67
CA THR A 29 3.05 -1.38 -1.21
C THR A 29 4.39 -0.84 -1.68
N PHE A 30 5.40 -1.71 -1.67
CA PHE A 30 6.75 -1.32 -2.10
C PHE A 30 7.04 -1.84 -3.50
N PHE A 31 7.48 -0.95 -4.37
CA PHE A 31 7.80 -1.31 -5.75
C PHE A 31 9.30 -1.49 -5.93
N PRO A 32 9.74 -2.74 -6.12
CA PRO A 32 11.16 -3.07 -6.31
C PRO A 32 11.69 -2.59 -7.65
N GLN A 33 10.79 -2.11 -8.50
CA GLN A 33 11.16 -1.62 -9.83
C GLN A 33 10.30 -0.44 -10.23
N PRO A 34 10.81 0.38 -11.15
CA PRO A 34 10.10 1.57 -11.65
C PRO A 34 8.89 1.20 -12.50
N THR A 35 7.74 1.76 -12.15
CA THR A 35 6.51 1.51 -12.89
C THR A 35 5.81 2.80 -13.27
N PHE A 36 5.28 2.85 -14.50
CA PHE A 36 4.59 4.03 -14.99
C PHE A 36 3.20 4.14 -14.36
N CYS A 37 2.89 5.32 -13.83
CA CYS A 37 1.60 5.56 -13.21
C CYS A 37 0.46 5.37 -14.21
N SER A 38 -0.73 5.10 -13.71
CA SER A 38 -1.90 4.90 -14.55
C SER A 38 -2.74 6.16 -14.64
N VAL A 39 -2.69 6.97 -13.58
CA VAL A 39 -3.45 8.21 -13.54
C VAL A 39 -2.67 9.35 -14.20
N CYS A 40 -1.66 9.85 -13.50
CA CYS A 40 -0.84 10.94 -14.02
C CYS A 40 0.04 10.46 -15.17
N HIS A 41 0.31 9.15 -15.19
CA HIS A 41 1.15 8.57 -16.23
C HIS A 41 2.56 9.12 -16.18
N GLU A 42 3.18 9.03 -15.01
CA GLU A 42 4.54 9.53 -14.82
C GLU A 42 5.39 8.52 -14.07
N PHE A 43 6.58 8.23 -14.60
CA PHE A 43 7.48 7.28 -13.97
C PHE A 43 7.39 7.34 -12.46
N VAL A 44 7.10 6.21 -11.84
CA VAL A 44 6.97 6.14 -10.38
C VAL A 44 8.21 5.50 -9.76
N TRP A 45 9.21 6.31 -9.47
CA TRP A 45 10.44 5.82 -8.86
C TRP A 45 11.36 6.99 -8.47
N GLY A 46 11.52 7.19 -7.16
CA GLY A 46 12.36 8.26 -6.68
C GLY A 46 11.91 8.77 -5.32
N LEU A 47 11.83 10.10 -5.19
CA LEU A 47 11.41 10.72 -3.95
C LEU A 47 10.21 10.01 -3.35
N ASN A 48 9.23 9.69 -4.21
CA ASN A 48 8.02 9.00 -3.78
C ASN A 48 8.16 7.49 -3.95
N LYS A 49 8.74 6.84 -2.95
CA LYS A 49 8.94 5.39 -3.00
C LYS A 49 7.63 4.66 -2.70
N GLN A 50 6.90 5.15 -1.70
CA GLN A 50 5.62 4.54 -1.32
C GLN A 50 4.52 4.95 -2.29
N GLY A 51 3.69 3.98 -2.67
CA GLY A 51 2.59 4.26 -3.59
C GLY A 51 1.33 3.52 -3.22
N TYR A 52 0.66 2.97 -4.23
CA TYR A 52 -0.57 2.21 -4.02
C TYR A 52 -0.79 1.19 -5.12
N GLN A 53 -1.28 0.01 -4.75
CA GLN A 53 -1.53 -1.06 -5.70
C GLN A 53 -2.82 -1.79 -5.36
N CYS A 54 -3.85 -1.61 -6.18
CA CYS A 54 -5.13 -2.26 -5.98
C CYS A 54 -4.97 -3.78 -5.96
N ARG A 55 -5.97 -4.47 -5.41
CA ARG A 55 -5.95 -5.91 -5.33
C ARG A 55 -6.70 -6.53 -6.50
N GLN A 56 -7.56 -5.75 -7.12
CA GLN A 56 -8.34 -6.23 -8.26
C GLN A 56 -7.70 -5.79 -9.58
N CYS A 57 -7.85 -4.51 -9.90
CA CYS A 57 -7.29 -3.96 -11.14
C CYS A 57 -5.76 -3.88 -11.05
N ASN A 58 -5.23 -4.05 -9.84
CA ASN A 58 -3.79 -4.00 -9.63
C ASN A 58 -3.19 -2.78 -10.33
N ALA A 59 -3.75 -1.61 -10.06
CA ALA A 59 -3.27 -0.37 -10.66
C ALA A 59 -2.17 0.26 -9.80
N ALA A 60 -1.00 0.47 -10.39
CA ALA A 60 0.12 1.06 -9.69
C ALA A 60 0.19 2.56 -9.93
N ILE A 61 0.00 3.34 -8.89
CA ILE A 61 0.04 4.80 -8.98
C ILE A 61 0.74 5.42 -7.78
N HIS A 62 0.94 6.74 -7.83
CA HIS A 62 1.59 7.45 -6.73
C HIS A 62 0.75 7.37 -5.46
N LYS A 63 1.32 7.85 -4.36
CA LYS A 63 0.62 7.84 -3.08
C LYS A 63 -0.40 8.97 -3.00
N LYS A 64 -0.29 9.93 -3.91
CA LYS A 64 -1.21 11.05 -3.95
C LYS A 64 -2.19 10.92 -5.12
N CYS A 65 -1.72 10.32 -6.21
CA CYS A 65 -2.55 10.12 -7.38
C CYS A 65 -3.84 9.38 -7.04
N ILE A 66 -3.85 8.75 -5.86
CA ILE A 66 -5.02 8.01 -5.41
C ILE A 66 -6.25 8.90 -5.37
N ASP A 67 -6.03 10.20 -5.19
CA ASP A 67 -7.12 11.17 -5.13
C ASP A 67 -7.69 11.41 -6.52
N LYS A 68 -6.83 11.34 -7.54
CA LYS A 68 -7.25 11.55 -8.92
C LYS A 68 -7.64 10.25 -9.58
N VAL A 69 -8.19 9.32 -8.80
CA VAL A 69 -8.60 8.02 -9.32
C VAL A 69 -10.12 7.89 -9.32
N ILE A 70 -10.74 8.30 -10.43
CA ILE A 70 -12.19 8.24 -10.56
C ILE A 70 -12.62 6.91 -11.19
N ALA A 71 -11.92 6.51 -12.24
CA ALA A 71 -12.22 5.27 -12.93
C ALA A 71 -12.59 4.17 -11.95
N LYS A 72 -13.66 3.44 -12.26
CA LYS A 72 -14.12 2.34 -11.40
C LYS A 72 -13.27 1.10 -11.60
N CYS A 73 -13.21 0.26 -10.57
CA CYS A 73 -12.42 -0.97 -10.63
C CYS A 73 -13.18 -2.05 -11.37
N THR A 74 -12.66 -2.44 -12.53
CA THR A 74 -13.29 -3.47 -13.36
C THR A 74 -12.53 -4.79 -13.25
N GLY A 75 -12.05 -5.10 -12.06
CA GLY A 75 -11.31 -6.34 -11.86
C GLY A 75 -11.97 -7.53 -12.53
N SER A 76 -13.29 -7.59 -12.45
CA SER A 76 -14.03 -8.70 -13.05
C SER A 76 -13.69 -8.84 -14.53
N ALA A 77 -13.55 -10.08 -14.98
CA ALA A 77 -13.22 -10.35 -16.37
C ALA A 77 -14.24 -9.70 -17.31
N GLY A 1 8.48 -4.10 58.62
CA GLY A 1 7.88 -3.32 57.56
C GLY A 1 7.51 -4.17 56.35
N SER A 2 6.76 -3.58 55.43
CA SER A 2 6.33 -4.29 54.22
C SER A 2 6.09 -3.32 53.08
N SER A 3 6.78 -3.54 51.96
CA SER A 3 6.64 -2.68 50.79
C SER A 3 6.61 -3.50 49.51
N GLY A 4 5.96 -2.97 48.48
CA GLY A 4 5.89 -3.66 47.21
C GLY A 4 6.17 -2.76 46.03
N SER A 5 6.24 -3.35 44.84
CA SER A 5 6.52 -2.59 43.62
C SER A 5 6.18 -3.41 42.39
N SER A 6 6.05 -2.72 41.26
CA SER A 6 5.73 -3.39 39.99
C SER A 6 5.90 -2.43 38.81
N GLY A 7 6.38 -2.97 37.69
CA GLY A 7 6.59 -2.15 36.51
C GLY A 7 6.40 -2.93 35.23
N GLN A 8 5.19 -2.91 34.69
CA GLN A 8 4.88 -3.63 33.46
C GLN A 8 4.44 -2.66 32.37
N ARG A 9 4.35 -3.16 31.14
CA ARG A 9 3.94 -2.34 30.01
C ARG A 9 2.80 -3.00 29.24
N ARG A 10 2.04 -2.20 28.50
CA ARG A 10 0.92 -2.70 27.72
C ARG A 10 0.94 -2.12 26.30
N GLY A 11 0.20 -2.77 25.40
CA GLY A 11 0.14 -2.30 24.02
C GLY A 11 -0.59 -3.26 23.12
N ALA A 12 -1.03 -2.77 21.97
CA ALA A 12 -1.75 -3.60 21.01
C ALA A 12 -0.87 -3.93 19.80
N ILE A 13 -1.23 -5.00 19.10
CA ILE A 13 -0.48 -5.42 17.92
C ILE A 13 -0.82 -4.56 16.71
N LYS A 14 0.20 -3.93 16.14
CA LYS A 14 0.01 -3.07 14.98
C LYS A 14 -0.37 -3.90 13.76
N GLN A 15 -1.65 -3.85 13.39
CA GLN A 15 -2.15 -4.60 12.24
C GLN A 15 -2.31 -3.68 11.04
N ALA A 16 -1.97 -4.19 9.86
CA ALA A 16 -2.08 -3.42 8.63
C ALA A 16 -3.52 -2.93 8.41
N LYS A 17 -3.71 -2.11 7.39
CA LYS A 17 -5.02 -1.57 7.08
C LYS A 17 -5.22 -1.44 5.57
N VAL A 18 -6.47 -1.54 5.13
CA VAL A 18 -6.79 -1.44 3.72
C VAL A 18 -7.73 -0.27 3.45
N HIS A 19 -7.40 0.53 2.44
CA HIS A 19 -8.22 1.68 2.07
C HIS A 19 -9.01 1.42 0.78
N HIS A 20 -10.28 1.81 0.79
CA HIS A 20 -11.13 1.61 -0.38
C HIS A 20 -11.50 2.95 -1.01
N VAL A 21 -11.19 3.09 -2.29
CA VAL A 21 -11.50 4.33 -3.02
C VAL A 21 -12.00 4.03 -4.43
N LYS A 22 -13.30 4.23 -4.64
CA LYS A 22 -13.90 3.99 -5.95
C LYS A 22 -13.78 2.51 -6.33
N CYS A 23 -14.12 1.63 -5.41
CA CYS A 23 -14.05 0.19 -5.66
C CYS A 23 -12.61 -0.24 -5.92
N HIS A 24 -11.68 0.37 -5.20
CA HIS A 24 -10.26 0.04 -5.35
C HIS A 24 -9.61 -0.22 -4.00
N GLU A 25 -9.20 -1.45 -3.78
CA GLU A 25 -8.56 -1.84 -2.52
C GLU A 25 -7.06 -1.51 -2.55
N PHE A 26 -6.73 -0.23 -2.40
CA PHE A 26 -5.35 0.21 -2.41
C PHE A 26 -4.63 -0.22 -1.13
N THR A 27 -3.39 -0.67 -1.29
CA THR A 27 -2.59 -1.12 -0.15
C THR A 27 -1.14 -0.68 -0.29
N ALA A 28 -0.61 -0.05 0.75
CA ALA A 28 0.77 0.42 0.74
C ALA A 28 1.71 -0.64 0.19
N THR A 29 2.34 -0.34 -0.95
CA THR A 29 3.25 -1.28 -1.58
C THR A 29 4.50 -0.56 -2.11
N PHE A 30 5.65 -1.21 -1.99
CA PHE A 30 6.90 -0.63 -2.44
C PHE A 30 7.38 -1.32 -3.71
N PHE A 31 7.34 -0.60 -4.83
CA PHE A 31 7.77 -1.14 -6.11
C PHE A 31 9.26 -0.92 -6.32
N PRO A 32 10.03 -2.03 -6.30
CA PRO A 32 11.49 -1.98 -6.49
C PRO A 32 11.88 -1.61 -7.91
N GLN A 33 10.91 -1.72 -8.83
CA GLN A 33 11.16 -1.41 -10.23
C GLN A 33 10.35 -0.19 -10.67
N PRO A 34 10.85 0.52 -11.69
CA PRO A 34 10.19 1.71 -12.22
C PRO A 34 8.89 1.38 -12.95
N THR A 35 7.77 1.75 -12.35
CA THR A 35 6.46 1.49 -12.93
C THR A 35 5.76 2.79 -13.33
N PHE A 36 5.19 2.82 -14.52
CA PHE A 36 4.49 4.00 -15.01
C PHE A 36 3.11 4.13 -14.37
N CYS A 37 2.93 5.19 -13.59
CA CYS A 37 1.65 5.43 -12.91
C CYS A 37 0.48 5.20 -13.86
N SER A 38 -0.69 4.97 -13.29
CA SER A 38 -1.90 4.73 -14.07
C SER A 38 -2.74 6.01 -14.20
N VAL A 39 -2.59 6.89 -13.21
CA VAL A 39 -3.34 8.14 -13.21
C VAL A 39 -2.58 9.23 -13.94
N CYS A 40 -1.48 9.71 -13.34
CA CYS A 40 -0.68 10.76 -13.94
C CYS A 40 0.18 10.19 -15.09
N HIS A 41 0.42 8.89 -15.05
CA HIS A 41 1.22 8.22 -16.08
C HIS A 41 2.65 8.75 -16.08
N GLU A 42 3.29 8.74 -14.91
CA GLU A 42 4.66 9.23 -14.78
C GLU A 42 5.50 8.24 -13.98
N PHE A 43 6.67 7.91 -14.51
CA PHE A 43 7.58 6.98 -13.83
C PHE A 43 7.46 7.10 -12.32
N VAL A 44 6.97 6.05 -11.68
CA VAL A 44 6.81 6.03 -10.23
C VAL A 44 8.02 5.41 -9.56
N TRP A 45 8.97 6.25 -9.17
CA TRP A 45 10.18 5.78 -8.50
C TRP A 45 11.04 6.96 -8.04
N GLY A 46 11.08 7.19 -6.74
CA GLY A 46 11.86 8.28 -6.20
C GLY A 46 12.82 7.83 -5.12
N LEU A 47 12.66 8.39 -3.92
CA LEU A 47 13.52 8.03 -2.80
C LEU A 47 12.70 7.45 -1.64
N ASN A 48 12.85 6.14 -1.43
CA ASN A 48 12.12 5.46 -0.36
C ASN A 48 10.65 5.90 -0.33
N LYS A 49 10.06 6.04 -1.52
CA LYS A 49 8.67 6.44 -1.63
C LYS A 49 7.78 5.24 -1.92
N GLN A 50 6.54 5.31 -1.45
CA GLN A 50 5.59 4.22 -1.66
C GLN A 50 4.34 4.73 -2.40
N GLY A 51 3.66 3.82 -3.09
CA GLY A 51 2.47 4.19 -3.83
C GLY A 51 1.24 3.46 -3.33
N TYR A 52 0.40 3.01 -4.26
CA TYR A 52 -0.82 2.30 -3.92
C TYR A 52 -1.19 1.30 -5.01
N GLN A 53 -1.46 0.07 -4.60
CA GLN A 53 -1.84 -0.99 -5.55
C GLN A 53 -3.17 -1.60 -5.17
N CYS A 54 -4.06 -1.73 -6.15
CA CYS A 54 -5.38 -2.30 -5.93
C CYS A 54 -5.30 -3.82 -5.80
N ARG A 55 -6.34 -4.43 -5.23
CA ARG A 55 -6.38 -5.87 -5.06
C ARG A 55 -7.09 -6.54 -6.23
N GLN A 56 -7.89 -5.76 -6.96
CA GLN A 56 -8.62 -6.28 -8.10
C GLN A 56 -7.93 -5.90 -9.41
N CYS A 57 -8.07 -4.64 -9.80
CA CYS A 57 -7.47 -4.15 -11.03
C CYS A 57 -5.94 -4.08 -10.90
N ASN A 58 -5.46 -4.14 -9.66
CA ASN A 58 -4.03 -4.09 -9.39
C ASN A 58 -3.40 -2.88 -10.07
N ALA A 59 -3.97 -1.71 -9.82
CA ALA A 59 -3.46 -0.47 -10.40
C ALA A 59 -2.41 0.17 -9.50
N ALA A 60 -1.22 0.40 -10.04
CA ALA A 60 -0.14 1.01 -9.28
C ALA A 60 -0.04 2.51 -9.58
N ILE A 61 -0.17 3.32 -8.53
CA ILE A 61 -0.10 4.76 -8.68
C ILE A 61 0.64 5.40 -7.51
N HIS A 62 0.92 6.70 -7.62
CA HIS A 62 1.62 7.42 -6.57
C HIS A 62 0.80 7.43 -5.27
N LYS A 63 1.32 8.11 -4.25
CA LYS A 63 0.64 8.19 -2.97
C LYS A 63 -0.47 9.23 -3.01
N LYS A 64 -0.22 10.32 -3.72
CA LYS A 64 -1.21 11.40 -3.84
C LYS A 64 -2.16 11.13 -5.00
N CYS A 65 -1.62 10.58 -6.09
CA CYS A 65 -2.43 10.26 -7.27
C CYS A 65 -3.70 9.50 -6.88
N ILE A 66 -3.69 8.92 -5.68
CA ILE A 66 -4.83 8.17 -5.20
C ILE A 66 -6.11 9.02 -5.23
N ASP A 67 -5.95 10.32 -5.02
CA ASP A 67 -7.07 11.25 -5.04
C ASP A 67 -7.57 11.49 -6.47
N LYS A 68 -6.64 11.51 -7.41
CA LYS A 68 -6.98 11.72 -8.81
C LYS A 68 -7.38 10.41 -9.48
N VAL A 69 -8.03 9.55 -8.73
CA VAL A 69 -8.48 8.25 -9.25
C VAL A 69 -9.98 8.26 -9.53
N ILE A 70 -10.34 8.05 -10.78
CA ILE A 70 -11.74 8.03 -11.18
C ILE A 70 -12.12 6.68 -11.79
N ALA A 71 -11.40 6.29 -12.83
CA ALA A 71 -11.66 5.01 -13.51
C ALA A 71 -12.09 3.94 -12.50
N LYS A 72 -13.35 3.52 -12.60
CA LYS A 72 -13.88 2.50 -11.70
C LYS A 72 -13.16 1.17 -11.91
N CYS A 73 -13.08 0.39 -10.84
CA CYS A 73 -12.43 -0.92 -10.89
C CYS A 73 -13.27 -1.92 -11.66
N THR A 74 -12.62 -2.71 -12.52
CA THR A 74 -13.32 -3.71 -13.32
C THR A 74 -12.90 -5.12 -12.90
N GLY A 75 -11.61 -5.31 -12.69
CA GLY A 75 -11.10 -6.61 -12.30
C GLY A 75 -10.21 -7.23 -13.36
N SER A 76 -10.62 -7.11 -14.62
CA SER A 76 -9.85 -7.67 -15.73
C SER A 76 -9.34 -6.55 -16.64
N ALA A 77 -8.37 -6.89 -17.49
CA ALA A 77 -7.79 -5.93 -18.42
C ALA A 77 -8.85 -5.33 -19.32
N GLY A 1 22.28 -12.93 50.48
CA GLY A 1 22.23 -13.75 49.28
C GLY A 1 20.81 -14.16 48.94
N SER A 2 20.39 -13.85 47.71
CA SER A 2 19.05 -14.19 47.26
C SER A 2 19.00 -14.33 45.74
N SER A 3 18.08 -15.14 45.25
CA SER A 3 17.93 -15.37 43.81
C SER A 3 16.47 -15.26 43.39
N GLY A 4 16.25 -14.91 42.13
CA GLY A 4 14.90 -14.78 41.62
C GLY A 4 14.76 -15.29 40.20
N SER A 5 13.60 -15.04 39.59
CA SER A 5 13.34 -15.50 38.23
C SER A 5 13.18 -14.32 37.29
N SER A 6 13.23 -14.58 35.99
CA SER A 6 13.09 -13.55 34.98
C SER A 6 12.52 -14.11 33.68
N GLY A 7 11.98 -13.24 32.85
CA GLY A 7 11.41 -13.67 31.58
C GLY A 7 11.08 -12.51 30.66
N GLN A 8 11.00 -12.79 29.37
CA GLN A 8 10.69 -11.76 28.39
C GLN A 8 9.47 -12.13 27.56
N ARG A 9 9.01 -11.21 26.72
CA ARG A 9 7.84 -11.45 25.88
C ARG A 9 7.88 -10.57 24.64
N ARG A 10 7.09 -10.94 23.64
CA ARG A 10 7.04 -10.19 22.38
C ARG A 10 5.62 -10.20 21.80
N GLY A 11 5.38 -9.32 20.84
CA GLY A 11 4.08 -9.24 20.22
C GLY A 11 4.09 -9.72 18.77
N ALA A 12 3.42 -10.84 18.52
CA ALA A 12 3.35 -11.40 17.17
C ALA A 12 1.99 -11.15 16.53
N ILE A 13 1.49 -9.93 16.71
CA ILE A 13 0.20 -9.56 16.15
C ILE A 13 0.31 -8.28 15.32
N LYS A 14 -0.16 -8.35 14.07
CA LYS A 14 -0.11 -7.20 13.17
C LYS A 14 -1.32 -7.19 12.25
N GLN A 15 -1.72 -6.00 11.83
CA GLN A 15 -2.87 -5.86 10.92
C GLN A 15 -2.63 -4.73 9.93
N ALA A 16 -2.90 -5.00 8.66
CA ALA A 16 -2.72 -4.01 7.61
C ALA A 16 -3.93 -3.08 7.51
N LYS A 17 -3.84 -2.09 6.64
CA LYS A 17 -4.93 -1.14 6.46
C LYS A 17 -5.25 -0.95 4.98
N VAL A 18 -6.53 -0.94 4.65
CA VAL A 18 -6.97 -0.78 3.27
C VAL A 18 -7.78 0.51 3.10
N HIS A 19 -7.56 1.19 1.98
CA HIS A 19 -8.27 2.43 1.69
C HIS A 19 -9.16 2.28 0.46
N HIS A 20 -10.47 2.24 0.68
CA HIS A 20 -11.42 2.10 -0.41
C HIS A 20 -11.60 3.41 -1.15
N VAL A 21 -11.16 3.44 -2.41
CA VAL A 21 -11.27 4.64 -3.23
C VAL A 21 -11.71 4.30 -4.65
N LYS A 22 -12.96 4.62 -4.96
CA LYS A 22 -13.52 4.35 -6.29
C LYS A 22 -13.50 2.86 -6.58
N CYS A 23 -13.87 2.05 -5.59
CA CYS A 23 -13.89 0.61 -5.76
C CYS A 23 -12.49 0.06 -5.99
N HIS A 24 -11.51 0.64 -5.31
CA HIS A 24 -10.12 0.21 -5.45
C HIS A 24 -9.48 0.01 -4.09
N GLU A 25 -9.04 -1.23 -3.82
CA GLU A 25 -8.40 -1.55 -2.55
C GLU A 25 -6.93 -1.18 -2.57
N PHE A 26 -6.64 0.10 -2.36
CA PHE A 26 -5.26 0.59 -2.36
C PHE A 26 -4.54 0.16 -1.08
N THR A 27 -3.32 -0.30 -1.25
CA THR A 27 -2.51 -0.76 -0.11
C THR A 27 -1.06 -0.31 -0.26
N ALA A 28 -0.55 0.41 0.73
CA ALA A 28 0.82 0.89 0.71
C ALA A 28 1.80 -0.25 0.43
N THR A 29 2.44 -0.20 -0.73
CA THR A 29 3.40 -1.23 -1.12
C THR A 29 4.60 -0.63 -1.83
N PHE A 30 5.75 -1.26 -1.66
CA PHE A 30 6.98 -0.78 -2.29
C PHE A 30 7.22 -1.48 -3.62
N PHE A 31 7.58 -0.70 -4.64
CA PHE A 31 7.83 -1.25 -5.97
C PHE A 31 9.32 -1.21 -6.29
N PRO A 32 9.96 -2.38 -6.24
CA PRO A 32 11.39 -2.52 -6.52
C PRO A 32 11.71 -2.30 -8.00
N GLN A 33 10.68 -2.11 -8.80
CA GLN A 33 10.85 -1.88 -10.23
C GLN A 33 10.11 -0.63 -10.68
N PRO A 34 10.59 -0.02 -11.76
CA PRO A 34 9.99 1.20 -12.33
C PRO A 34 8.63 0.93 -12.97
N THR A 35 7.60 1.61 -12.47
CA THR A 35 6.25 1.44 -13.00
C THR A 35 5.64 2.78 -13.38
N PHE A 36 4.99 2.82 -14.54
CA PHE A 36 4.35 4.05 -15.02
C PHE A 36 2.97 4.22 -14.41
N CYS A 37 2.76 5.34 -13.74
CA CYS A 37 1.48 5.63 -13.11
C CYS A 37 0.33 5.52 -14.12
N SER A 38 -0.87 5.28 -13.61
CA SER A 38 -2.04 5.14 -14.47
C SER A 38 -2.87 6.42 -14.46
N VAL A 39 -2.63 7.27 -13.47
CA VAL A 39 -3.34 8.54 -13.35
C VAL A 39 -2.52 9.69 -13.93
N CYS A 40 -1.43 10.01 -13.27
CA CYS A 40 -0.55 11.10 -13.71
C CYS A 40 0.36 10.63 -14.84
N HIS A 41 0.44 9.32 -15.02
CA HIS A 41 1.28 8.75 -16.06
C HIS A 41 2.73 9.19 -15.91
N GLU A 42 3.26 9.07 -14.70
CA GLU A 42 4.64 9.46 -14.42
C GLU A 42 5.39 8.34 -13.73
N PHE A 43 6.58 8.02 -14.24
CA PHE A 43 7.41 6.97 -13.68
C PHE A 43 7.26 6.91 -12.15
N VAL A 44 7.10 5.70 -11.63
CA VAL A 44 6.95 5.51 -10.19
C VAL A 44 8.16 4.80 -9.60
N TRP A 45 9.23 5.55 -9.38
CA TRP A 45 10.45 5.00 -8.82
C TRP A 45 11.48 6.10 -8.54
N GLY A 46 12.37 5.85 -7.59
CA GLY A 46 13.38 6.83 -7.24
C GLY A 46 12.88 7.89 -6.28
N LEU A 47 12.01 8.77 -6.77
CA LEU A 47 11.46 9.83 -5.95
C LEU A 47 10.30 9.32 -5.11
N ASN A 48 9.44 8.51 -5.72
CA ASN A 48 8.28 7.95 -5.02
C ASN A 48 8.42 6.43 -4.90
N LYS A 49 9.04 5.99 -3.81
CA LYS A 49 9.24 4.56 -3.58
C LYS A 49 7.94 3.90 -3.12
N GLN A 50 7.27 4.52 -2.15
CA GLN A 50 6.01 4.00 -1.64
C GLN A 50 4.85 4.38 -2.56
N GLY A 51 4.07 3.39 -2.95
CA GLY A 51 2.93 3.63 -3.82
C GLY A 51 1.69 2.89 -3.39
N TYR A 52 0.77 2.67 -4.32
CA TYR A 52 -0.47 1.96 -4.03
C TYR A 52 -0.80 0.96 -5.13
N GLN A 53 -1.30 -0.21 -4.73
CA GLN A 53 -1.65 -1.26 -5.68
C GLN A 53 -2.99 -1.88 -5.32
N CYS A 54 -3.97 -1.70 -6.20
CA CYS A 54 -5.31 -2.25 -5.98
C CYS A 54 -5.27 -3.77 -5.93
N ARG A 55 -6.02 -4.35 -5.00
CA ARG A 55 -6.07 -5.80 -4.85
C ARG A 55 -7.11 -6.41 -5.79
N GLN A 56 -7.47 -5.66 -6.83
CA GLN A 56 -8.46 -6.12 -7.79
C GLN A 56 -7.96 -5.92 -9.21
N CYS A 57 -7.79 -4.65 -9.60
CA CYS A 57 -7.32 -4.32 -10.94
C CYS A 57 -5.80 -4.32 -10.99
N ASN A 58 -5.16 -4.30 -9.83
CA ASN A 58 -3.71 -4.28 -9.75
C ASN A 58 -3.12 -3.08 -10.47
N ALA A 59 -3.60 -1.89 -10.09
CA ALA A 59 -3.12 -0.65 -10.70
C ALA A 59 -2.17 0.09 -9.76
N ALA A 60 -1.00 0.44 -10.28
CA ALA A 60 0.00 1.15 -9.49
C ALA A 60 -0.13 2.66 -9.66
N ILE A 61 -0.18 3.39 -8.54
CA ILE A 61 -0.31 4.83 -8.57
C ILE A 61 0.35 5.47 -7.35
N HIS A 62 0.78 6.72 -7.51
CA HIS A 62 1.42 7.44 -6.41
C HIS A 62 0.45 7.66 -5.26
N LYS A 63 0.99 7.96 -4.09
CA LYS A 63 0.17 8.19 -2.90
C LYS A 63 -0.71 9.43 -3.09
N LYS A 64 -0.24 10.36 -3.92
CA LYS A 64 -0.99 11.58 -4.18
C LYS A 64 -1.98 11.38 -5.33
N CYS A 65 -1.70 10.40 -6.17
CA CYS A 65 -2.57 10.09 -7.30
C CYS A 65 -3.74 9.21 -6.88
N ILE A 66 -3.96 9.11 -5.57
CA ILE A 66 -5.04 8.30 -5.04
C ILE A 66 -6.38 9.03 -5.13
N ASP A 67 -6.36 10.32 -4.82
CA ASP A 67 -7.57 11.14 -4.88
C ASP A 67 -7.96 11.44 -6.32
N LYS A 68 -6.97 11.45 -7.21
CA LYS A 68 -7.21 11.72 -8.62
C LYS A 68 -7.54 10.43 -9.37
N VAL A 69 -8.31 9.55 -8.73
CA VAL A 69 -8.70 8.29 -9.33
C VAL A 69 -10.19 8.27 -9.63
N ILE A 70 -10.53 8.28 -10.92
CA ILE A 70 -11.93 8.26 -11.34
C ILE A 70 -12.32 6.89 -11.89
N ALA A 71 -11.51 6.39 -12.83
CA ALA A 71 -11.77 5.09 -13.45
C ALA A 71 -12.34 4.11 -12.43
N LYS A 72 -13.26 3.26 -12.89
CA LYS A 72 -13.88 2.27 -12.01
C LYS A 72 -13.19 0.91 -12.15
N CYS A 73 -12.98 0.25 -11.01
CA CYS A 73 -12.33 -1.05 -11.00
C CYS A 73 -13.19 -2.10 -11.71
N THR A 74 -12.55 -2.97 -12.47
CA THR A 74 -13.25 -4.03 -13.20
C THR A 74 -12.63 -5.39 -12.92
N GLY A 75 -12.19 -5.60 -11.69
CA GLY A 75 -11.58 -6.87 -11.32
C GLY A 75 -10.44 -7.26 -12.25
N SER A 76 -10.75 -8.08 -13.24
CA SER A 76 -9.73 -8.53 -14.20
C SER A 76 -9.06 -7.33 -14.87
N ALA A 77 -7.77 -7.15 -14.60
CA ALA A 77 -7.01 -6.05 -15.18
C ALA A 77 -6.95 -6.18 -16.70
N GLY A 1 23.10 -25.43 42.74
CA GLY A 1 22.34 -25.43 41.50
C GLY A 1 21.12 -24.52 41.56
N SER A 2 20.92 -23.74 40.51
CA SER A 2 19.80 -22.81 40.44
C SER A 2 19.31 -22.65 39.00
N SER A 3 18.16 -21.99 38.86
CA SER A 3 17.58 -21.77 37.53
C SER A 3 16.54 -20.65 37.57
N GLY A 4 16.48 -19.88 36.49
CA GLY A 4 15.53 -18.78 36.43
C GLY A 4 14.71 -18.80 35.15
N SER A 5 13.51 -18.23 35.21
CA SER A 5 12.63 -18.19 34.06
C SER A 5 11.46 -17.24 34.30
N SER A 6 11.13 -16.43 33.29
CA SER A 6 10.04 -15.47 33.40
C SER A 6 9.31 -15.34 32.07
N GLY A 7 8.02 -15.66 32.07
CA GLY A 7 7.23 -15.57 30.85
C GLY A 7 6.29 -14.38 30.87
N GLN A 8 6.19 -13.69 29.73
CA GLN A 8 5.32 -12.53 29.62
C GLN A 8 5.14 -12.13 28.16
N ARG A 9 3.90 -11.86 27.78
CA ARG A 9 3.58 -11.46 26.41
C ARG A 9 3.34 -9.96 26.32
N ARG A 10 3.30 -9.44 25.10
CA ARG A 10 3.07 -8.02 24.87
C ARG A 10 1.88 -7.80 23.93
N GLY A 11 1.97 -8.35 22.74
CA GLY A 11 0.90 -8.21 21.77
C GLY A 11 1.33 -8.55 20.36
N ALA A 12 0.89 -9.70 19.87
CA ALA A 12 1.22 -10.15 18.53
C ALA A 12 0.27 -9.56 17.49
N ILE A 13 -0.79 -8.92 17.97
CA ILE A 13 -1.78 -8.32 17.08
C ILE A 13 -1.14 -7.31 16.14
N LYS A 14 -1.46 -7.43 14.85
CA LYS A 14 -0.91 -6.54 13.84
C LYS A 14 -1.94 -5.49 13.42
N GLN A 15 -1.54 -4.23 13.43
CA GLN A 15 -2.43 -3.15 13.06
C GLN A 15 -2.41 -2.92 11.55
N ALA A 16 -3.58 -2.96 10.93
CA ALA A 16 -3.71 -2.76 9.49
C ALA A 16 -4.98 -2.00 9.14
N LYS A 17 -5.06 -1.51 7.92
CA LYS A 17 -6.22 -0.76 7.46
C LYS A 17 -6.21 -0.61 5.94
N VAL A 18 -7.23 -1.15 5.29
CA VAL A 18 -7.34 -1.07 3.83
C VAL A 18 -8.08 0.19 3.40
N HIS A 19 -7.56 0.86 2.39
CA HIS A 19 -8.18 2.08 1.88
C HIS A 19 -9.02 1.79 0.64
N HIS A 20 -10.33 1.77 0.81
CA HIS A 20 -11.24 1.51 -0.30
C HIS A 20 -11.61 2.81 -1.02
N VAL A 21 -11.10 2.97 -2.24
CA VAL A 21 -11.39 4.16 -3.03
C VAL A 21 -11.78 3.79 -4.45
N LYS A 22 -12.81 4.46 -4.96
CA LYS A 22 -13.29 4.21 -6.32
C LYS A 22 -13.25 2.71 -6.63
N CYS A 23 -13.69 1.90 -5.67
CA CYS A 23 -13.71 0.45 -5.86
C CYS A 23 -12.29 -0.09 -6.01
N HIS A 24 -11.37 0.42 -5.21
CA HIS A 24 -9.98 -0.01 -5.25
C HIS A 24 -9.42 -0.21 -3.85
N GLU A 25 -8.60 -1.24 -3.68
CA GLU A 25 -8.00 -1.55 -2.39
C GLU A 25 -6.53 -1.15 -2.36
N PHE A 26 -6.27 0.15 -2.27
CA PHE A 26 -4.90 0.66 -2.24
C PHE A 26 -4.18 0.22 -0.97
N THR A 27 -3.28 -0.75 -1.11
CA THR A 27 -2.53 -1.26 0.03
C THR A 27 -1.07 -0.86 -0.05
N ALA A 28 -0.60 -0.14 0.98
CA ALA A 28 0.79 0.31 1.02
C ALA A 28 1.74 -0.80 0.58
N THR A 29 2.26 -0.67 -0.64
CA THR A 29 3.18 -1.66 -1.18
C THR A 29 4.47 -1.00 -1.69
N PHE A 30 5.57 -1.73 -1.62
CA PHE A 30 6.85 -1.23 -2.07
C PHE A 30 7.27 -1.88 -3.38
N PHE A 31 7.15 -1.13 -4.48
CA PHE A 31 7.52 -1.63 -5.79
C PHE A 31 9.04 -1.72 -5.95
N PRO A 32 9.54 -2.96 -6.08
CA PRO A 32 10.99 -3.20 -6.24
C PRO A 32 11.51 -2.72 -7.59
N GLN A 33 10.60 -2.30 -8.46
CA GLN A 33 10.97 -1.82 -9.78
C GLN A 33 10.14 -0.60 -10.18
N PRO A 34 10.66 0.18 -11.14
CA PRO A 34 9.97 1.38 -11.63
C PRO A 34 8.72 1.05 -12.43
N THR A 35 7.57 1.47 -11.92
CA THR A 35 6.29 1.23 -12.58
C THR A 35 5.66 2.53 -13.05
N PHE A 36 4.78 2.42 -14.05
CA PHE A 36 4.10 3.59 -14.59
C PHE A 36 2.78 3.85 -13.86
N CYS A 37 2.42 5.12 -13.74
CA CYS A 37 1.18 5.50 -13.06
C CYS A 37 -0.02 5.30 -13.99
N SER A 38 -1.20 5.22 -13.39
CA SER A 38 -2.44 5.03 -14.16
C SER A 38 -3.19 6.35 -14.28
N VAL A 39 -3.05 7.20 -13.28
CA VAL A 39 -3.73 8.50 -13.27
C VAL A 39 -2.92 9.54 -14.05
N CYS A 40 -1.83 9.99 -13.45
CA CYS A 40 -0.97 10.99 -14.08
C CYS A 40 -0.14 10.36 -15.20
N HIS A 41 0.09 9.06 -15.10
CA HIS A 41 0.87 8.34 -16.10
C HIS A 41 2.31 8.86 -16.15
N GLU A 42 2.93 8.94 -14.97
CA GLU A 42 4.31 9.42 -14.89
C GLU A 42 5.21 8.39 -14.22
N PHE A 43 6.39 8.18 -14.79
CA PHE A 43 7.34 7.21 -14.24
C PHE A 43 7.36 7.27 -12.72
N VAL A 44 7.08 6.13 -12.09
CA VAL A 44 7.05 6.04 -10.63
C VAL A 44 8.36 5.46 -10.11
N TRP A 45 9.38 6.31 -9.96
CA TRP A 45 10.67 5.88 -9.47
C TRP A 45 11.60 7.07 -9.26
N GLY A 46 12.48 6.97 -8.27
CA GLY A 46 13.42 8.05 -7.99
C GLY A 46 12.95 8.93 -6.85
N LEU A 47 12.38 10.08 -7.19
CA LEU A 47 11.90 11.03 -6.20
C LEU A 47 10.95 10.34 -5.22
N ASN A 48 9.90 9.72 -5.75
CA ASN A 48 8.93 9.02 -4.93
C ASN A 48 9.21 7.52 -4.90
N LYS A 49 9.51 7.01 -3.71
CA LYS A 49 9.79 5.59 -3.54
C LYS A 49 8.65 4.88 -2.82
N GLN A 50 7.42 5.19 -3.23
CA GLN A 50 6.25 4.58 -2.61
C GLN A 50 5.01 4.79 -3.49
N GLY A 51 4.13 3.79 -3.51
CA GLY A 51 2.92 3.89 -4.31
C GLY A 51 1.81 3.00 -3.78
N TYR A 52 0.69 2.97 -4.50
CA TYR A 52 -0.46 2.16 -4.10
C TYR A 52 -0.84 1.17 -5.19
N GLN A 53 -1.10 -0.07 -4.79
CA GLN A 53 -1.47 -1.12 -5.74
C GLN A 53 -2.80 -1.75 -5.35
N CYS A 54 -3.77 -1.69 -6.26
CA CYS A 54 -5.09 -2.26 -6.01
C CYS A 54 -5.00 -3.78 -5.84
N ARG A 55 -6.05 -4.37 -5.27
CA ARG A 55 -6.08 -5.81 -5.06
C ARG A 55 -6.71 -6.52 -6.26
N GLN A 56 -7.49 -5.78 -7.04
CA GLN A 56 -8.14 -6.35 -8.22
C GLN A 56 -7.41 -5.93 -9.50
N CYS A 57 -7.59 -4.66 -9.87
CA CYS A 57 -6.95 -4.14 -11.07
C CYS A 57 -5.44 -3.98 -10.88
N ASN A 58 -5.00 -4.10 -9.63
CA ASN A 58 -3.59 -3.98 -9.30
C ASN A 58 -2.96 -2.81 -10.06
N ALA A 59 -3.56 -1.63 -9.93
CA ALA A 59 -3.05 -0.45 -10.60
C ALA A 59 -2.10 0.32 -9.70
N ALA A 60 -0.93 0.66 -10.24
CA ALA A 60 0.09 1.39 -9.50
C ALA A 60 -0.06 2.89 -9.72
N ILE A 61 -0.23 3.63 -8.63
CA ILE A 61 -0.37 5.08 -8.70
C ILE A 61 0.31 5.76 -7.52
N HIS A 62 0.83 6.96 -7.76
CA HIS A 62 1.51 7.72 -6.71
C HIS A 62 0.58 7.95 -5.52
N LYS A 63 1.17 8.08 -4.34
CA LYS A 63 0.40 8.30 -3.12
C LYS A 63 -0.46 9.56 -3.24
N LYS A 64 -0.09 10.44 -4.17
CA LYS A 64 -0.82 11.67 -4.40
C LYS A 64 -1.92 11.47 -5.45
N CYS A 65 -1.70 10.52 -6.34
CA CYS A 65 -2.67 10.24 -7.39
C CYS A 65 -3.77 9.32 -6.89
N ILE A 66 -3.93 9.28 -5.56
CA ILE A 66 -4.95 8.44 -4.95
C ILE A 66 -6.32 9.13 -4.98
N ASP A 67 -6.31 10.44 -4.81
CA ASP A 67 -7.56 11.21 -4.82
C ASP A 67 -7.97 11.54 -6.25
N LYS A 68 -7.00 11.56 -7.15
CA LYS A 68 -7.27 11.86 -8.56
C LYS A 68 -7.69 10.61 -9.31
N VAL A 69 -8.36 9.71 -8.61
CA VAL A 69 -8.83 8.47 -9.22
C VAL A 69 -10.32 8.54 -9.54
N ILE A 70 -10.67 8.24 -10.78
CA ILE A 70 -12.06 8.27 -11.22
C ILE A 70 -12.45 6.96 -11.90
N ALA A 71 -11.58 6.46 -12.76
CA ALA A 71 -11.84 5.22 -13.47
C ALA A 71 -12.16 4.09 -12.49
N LYS A 72 -13.31 3.45 -12.69
CA LYS A 72 -13.74 2.35 -11.84
C LYS A 72 -12.82 1.15 -11.98
N CYS A 73 -12.95 0.19 -11.07
CA CYS A 73 -12.13 -1.02 -11.10
C CYS A 73 -12.78 -2.09 -11.96
N THR A 74 -12.13 -2.41 -13.08
CA THR A 74 -12.65 -3.42 -13.99
C THR A 74 -12.23 -4.83 -13.55
N GLY A 75 -12.14 -5.02 -12.24
CA GLY A 75 -11.75 -6.32 -11.71
C GLY A 75 -12.90 -7.30 -11.66
N SER A 76 -14.07 -6.81 -11.24
CA SER A 76 -15.26 -7.65 -11.14
C SER A 76 -15.58 -8.29 -12.48
N ALA A 77 -16.43 -9.32 -12.45
CA ALA A 77 -16.82 -10.03 -13.66
C ALA A 77 -17.75 -9.18 -14.51
N GLY A 1 21.11 16.40 47.49
CA GLY A 1 19.72 16.35 47.04
C GLY A 1 19.24 14.92 46.85
N SER A 2 17.98 14.78 46.47
CA SER A 2 17.38 13.47 46.26
C SER A 2 16.69 13.40 44.91
N SER A 3 17.45 13.05 43.87
CA SER A 3 16.91 12.96 42.52
C SER A 3 16.10 11.68 42.36
N GLY A 4 16.74 10.53 42.58
CA GLY A 4 16.05 9.26 42.45
C GLY A 4 16.22 8.64 41.08
N SER A 5 15.92 7.36 40.97
CA SER A 5 16.05 6.65 39.70
C SER A 5 14.78 5.88 39.37
N SER A 6 14.02 6.40 38.41
CA SER A 6 12.76 5.77 38.01
C SER A 6 12.43 6.11 36.56
N GLY A 7 11.39 5.47 36.03
CA GLY A 7 10.98 5.71 34.66
C GLY A 7 10.42 4.48 33.99
N GLN A 8 10.19 4.56 32.68
CA GLN A 8 9.64 3.44 31.92
C GLN A 8 10.13 3.47 30.48
N ARG A 9 9.93 2.37 29.77
CA ARG A 9 10.36 2.26 28.38
C ARG A 9 9.17 2.44 27.44
N ARG A 10 9.46 2.64 26.16
CA ARG A 10 8.42 2.82 25.15
C ARG A 10 8.58 1.82 24.01
N GLY A 11 7.51 1.63 23.23
CA GLY A 11 7.55 0.71 22.12
C GLY A 11 6.23 0.60 21.40
N ALA A 12 6.27 0.23 20.12
CA ALA A 12 5.07 0.10 19.32
C ALA A 12 5.38 -0.49 17.95
N ILE A 13 4.33 -0.78 17.18
CA ILE A 13 4.50 -1.35 15.85
C ILE A 13 3.48 -0.77 14.88
N LYS A 14 3.96 -0.41 13.69
CA LYS A 14 3.09 0.16 12.65
C LYS A 14 2.92 -0.81 11.49
N GLN A 15 1.77 -0.73 10.83
CA GLN A 15 1.49 -1.60 9.69
C GLN A 15 0.53 -0.92 8.72
N ALA A 16 0.65 -1.26 7.44
CA ALA A 16 -0.21 -0.69 6.41
C ALA A 16 -1.57 -1.37 6.40
N LYS A 17 -2.53 -0.74 5.71
CA LYS A 17 -3.88 -1.29 5.63
C LYS A 17 -4.49 -1.01 4.26
N VAL A 18 -5.56 -1.73 3.94
CA VAL A 18 -6.24 -1.55 2.65
C VAL A 18 -7.26 -0.42 2.72
N HIS A 19 -7.18 0.49 1.76
CA HIS A 19 -8.11 1.62 1.71
C HIS A 19 -9.11 1.46 0.58
N HIS A 20 -10.34 1.90 0.81
CA HIS A 20 -11.40 1.79 -0.20
C HIS A 20 -11.53 3.10 -0.98
N VAL A 21 -11.17 3.06 -2.26
CA VAL A 21 -11.25 4.24 -3.12
C VAL A 21 -11.73 3.87 -4.52
N LYS A 22 -12.65 4.67 -5.04
CA LYS A 22 -13.20 4.43 -6.37
C LYS A 22 -13.35 2.93 -6.64
N CYS A 23 -13.87 2.21 -5.66
CA CYS A 23 -14.07 0.77 -5.80
C CYS A 23 -12.73 0.05 -5.96
N HIS A 24 -11.76 0.42 -5.11
CA HIS A 24 -10.44 -0.18 -5.16
C HIS A 24 -9.94 -0.50 -3.75
N GLU A 25 -8.75 -1.09 -3.67
CA GLU A 25 -8.16 -1.45 -2.38
C GLU A 25 -6.72 -0.95 -2.29
N PHE A 26 -6.52 0.33 -2.59
CA PHE A 26 -5.19 0.92 -2.54
C PHE A 26 -4.52 0.65 -1.20
N THR A 27 -3.58 -0.28 -1.19
CA THR A 27 -2.87 -0.64 0.03
C THR A 27 -1.38 -0.36 -0.11
N ALA A 28 -0.79 0.21 0.95
CA ALA A 28 0.63 0.54 0.95
C ALA A 28 1.45 -0.61 0.37
N THR A 29 2.24 -0.31 -0.66
CA THR A 29 3.08 -1.31 -1.31
C THR A 29 4.39 -0.71 -1.79
N PHE A 30 5.39 -1.56 -2.00
CA PHE A 30 6.69 -1.12 -2.47
C PHE A 30 7.09 -1.84 -3.75
N PHE A 31 7.11 -1.11 -4.85
CA PHE A 31 7.48 -1.68 -6.14
C PHE A 31 8.99 -1.66 -6.33
N PRO A 32 9.58 -2.86 -6.50
CA PRO A 32 11.02 -3.01 -6.69
C PRO A 32 11.48 -2.49 -8.06
N GLN A 33 10.53 -1.99 -8.84
CA GLN A 33 10.84 -1.46 -10.17
C GLN A 33 9.91 -0.32 -10.52
N PRO A 34 10.34 0.54 -11.47
CA PRO A 34 9.56 1.69 -11.92
C PRO A 34 8.33 1.28 -12.72
N THR A 35 7.16 1.73 -12.28
CA THR A 35 5.92 1.40 -12.96
C THR A 35 5.23 2.67 -13.49
N PHE A 36 4.37 2.48 -14.49
CA PHE A 36 3.66 3.61 -15.09
C PHE A 36 2.40 3.94 -14.29
N CYS A 37 2.37 5.13 -13.72
CA CYS A 37 1.23 5.57 -12.93
C CYS A 37 -0.02 5.72 -13.80
N SER A 38 -1.10 5.05 -13.39
CA SER A 38 -2.35 5.10 -14.15
C SER A 38 -3.19 6.30 -13.72
N VAL A 39 -2.52 7.34 -13.24
CA VAL A 39 -3.21 8.55 -12.79
C VAL A 39 -2.59 9.79 -13.42
N CYS A 40 -1.28 9.96 -13.23
CA CYS A 40 -0.57 11.10 -13.78
C CYS A 40 0.28 10.69 -14.97
N HIS A 41 0.51 9.40 -15.12
CA HIS A 41 1.31 8.87 -16.22
C HIS A 41 2.75 9.37 -16.13
N GLU A 42 3.37 9.19 -14.96
CA GLU A 42 4.74 9.62 -14.75
C GLU A 42 5.55 8.54 -14.02
N PHE A 43 6.74 8.26 -14.55
CA PHE A 43 7.60 7.24 -13.96
C PHE A 43 7.56 7.31 -12.44
N VAL A 44 6.96 6.30 -11.83
CA VAL A 44 6.85 6.24 -10.37
C VAL A 44 8.12 5.68 -9.75
N TRP A 45 9.14 6.52 -9.63
CA TRP A 45 10.41 6.10 -9.06
C TRP A 45 11.37 7.28 -8.94
N GLY A 46 11.72 7.62 -7.70
CA GLY A 46 12.62 8.74 -7.47
C GLY A 46 12.80 9.05 -5.99
N LEU A 47 12.24 10.18 -5.56
CA LEU A 47 12.34 10.60 -4.17
C LEU A 47 11.20 9.98 -3.34
N ASN A 48 10.00 10.03 -3.88
CA ASN A 48 8.83 9.47 -3.20
C ASN A 48 8.76 7.96 -3.38
N LYS A 49 8.15 7.28 -2.40
CA LYS A 49 8.02 5.83 -2.46
C LYS A 49 6.78 5.38 -1.69
N GLN A 50 6.56 4.06 -1.67
CA GLN A 50 5.41 3.50 -0.96
C GLN A 50 4.11 3.93 -1.62
N GLY A 51 4.00 3.68 -2.93
CA GLY A 51 2.79 4.04 -3.66
C GLY A 51 1.59 3.21 -3.27
N TYR A 52 0.62 3.11 -4.17
CA TYR A 52 -0.59 2.33 -3.90
C TYR A 52 -0.86 1.34 -5.02
N GLN A 53 -1.36 0.16 -4.66
CA GLN A 53 -1.66 -0.87 -5.64
C GLN A 53 -2.93 -1.63 -5.26
N CYS A 54 -3.92 -1.59 -6.14
CA CYS A 54 -5.19 -2.27 -5.88
C CYS A 54 -4.98 -3.78 -5.80
N ARG A 55 -5.97 -4.48 -5.25
CA ARG A 55 -5.90 -5.92 -5.11
C ARG A 55 -6.65 -6.62 -6.24
N GLN A 56 -7.60 -5.90 -6.83
CA GLN A 56 -8.41 -6.44 -7.93
C GLN A 56 -7.78 -6.12 -9.27
N CYS A 57 -7.78 -4.84 -9.64
CA CYS A 57 -7.22 -4.41 -10.91
C CYS A 57 -5.69 -4.35 -10.84
N ASN A 58 -5.17 -4.19 -9.62
CA ASN A 58 -3.73 -4.13 -9.42
C ASN A 58 -3.13 -2.92 -10.12
N ALA A 59 -3.73 -1.75 -9.89
CA ALA A 59 -3.25 -0.51 -10.50
C ALA A 59 -2.19 0.16 -9.63
N ALA A 60 -0.99 0.33 -10.18
CA ALA A 60 0.10 0.96 -9.45
C ALA A 60 0.15 2.45 -9.73
N ILE A 61 0.03 3.25 -8.68
CA ILE A 61 0.06 4.71 -8.81
C ILE A 61 0.76 5.35 -7.62
N HIS A 62 0.93 6.67 -7.69
CA HIS A 62 1.59 7.41 -6.61
C HIS A 62 0.72 7.43 -5.36
N LYS A 63 1.22 8.06 -4.31
CA LYS A 63 0.49 8.16 -3.05
C LYS A 63 -0.66 9.15 -3.16
N LYS A 64 -0.35 10.37 -3.59
CA LYS A 64 -1.35 11.41 -3.73
C LYS A 64 -2.26 11.12 -4.93
N CYS A 65 -1.67 10.70 -6.04
CA CYS A 65 -2.42 10.38 -7.24
C CYS A 65 -3.68 9.59 -6.90
N ILE A 66 -3.66 8.92 -5.75
CA ILE A 66 -4.80 8.13 -5.31
C ILE A 66 -6.08 8.93 -5.38
N ASP A 67 -6.00 10.21 -5.04
CA ASP A 67 -7.17 11.08 -5.06
C ASP A 67 -7.58 11.39 -6.50
N LYS A 68 -6.60 11.50 -7.38
CA LYS A 68 -6.86 11.79 -8.79
C LYS A 68 -7.23 10.51 -9.55
N VAL A 69 -7.96 9.62 -8.88
CA VAL A 69 -8.38 8.36 -9.49
C VAL A 69 -9.87 8.37 -9.82
N ILE A 70 -10.20 8.09 -11.07
CA ILE A 70 -11.59 8.07 -11.50
C ILE A 70 -11.98 6.68 -12.00
N ALA A 71 -11.24 6.17 -12.97
CA ALA A 71 -11.50 4.85 -13.53
C ALA A 71 -11.95 3.87 -12.45
N LYS A 72 -12.94 3.04 -12.78
CA LYS A 72 -13.46 2.06 -11.84
C LYS A 72 -12.70 0.75 -11.94
N CYS A 73 -12.77 -0.06 -10.89
CA CYS A 73 -12.09 -1.35 -10.86
C CYS A 73 -12.88 -2.40 -11.64
N THR A 74 -12.34 -2.81 -12.79
CA THR A 74 -12.99 -3.81 -13.63
C THR A 74 -12.99 -5.17 -12.96
N GLY A 75 -12.00 -5.42 -12.11
CA GLY A 75 -11.90 -6.69 -11.42
C GLY A 75 -11.56 -7.83 -12.35
N SER A 76 -12.58 -8.39 -13.00
CA SER A 76 -12.37 -9.50 -13.92
C SER A 76 -11.62 -9.05 -15.16
N ALA A 77 -10.70 -9.89 -15.64
CA ALA A 77 -9.91 -9.57 -16.82
C ALA A 77 -10.11 -10.62 -17.91
N GLY A 1 7.98 -31.58 46.29
CA GLY A 1 8.64 -31.95 45.06
C GLY A 1 8.56 -30.87 44.01
N SER A 2 8.29 -31.27 42.76
CA SER A 2 8.21 -30.31 41.67
C SER A 2 7.26 -30.82 40.59
N SER A 3 6.43 -29.92 40.07
CA SER A 3 5.46 -30.27 39.02
C SER A 3 4.80 -29.03 38.45
N GLY A 4 4.93 -28.85 37.14
CA GLY A 4 4.34 -27.69 36.49
C GLY A 4 4.97 -27.40 35.14
N SER A 5 6.12 -26.73 35.16
CA SER A 5 6.82 -26.39 33.93
C SER A 5 6.03 -25.35 33.13
N SER A 6 5.49 -24.36 33.82
CA SER A 6 4.71 -23.31 33.18
C SER A 6 5.52 -22.61 32.10
N GLY A 7 4.83 -22.03 31.12
CA GLY A 7 5.50 -21.35 30.04
C GLY A 7 4.81 -20.05 29.65
N GLN A 8 5.55 -19.14 29.02
CA GLN A 8 5.00 -17.87 28.59
C GLN A 8 5.61 -17.42 27.28
N ARG A 9 4.82 -17.46 26.21
CA ARG A 9 5.29 -17.06 24.89
C ARG A 9 4.13 -16.62 24.01
N ARG A 10 4.35 -15.55 23.24
CA ARG A 10 3.33 -15.01 22.36
C ARG A 10 3.91 -13.96 21.43
N GLY A 11 3.72 -14.15 20.12
CA GLY A 11 4.24 -13.22 19.14
C GLY A 11 3.57 -11.86 19.25
N ALA A 12 2.80 -11.51 18.23
CA ALA A 12 2.10 -10.22 18.20
C ALA A 12 1.01 -10.22 17.13
N ILE A 13 0.06 -9.30 17.27
CA ILE A 13 -1.03 -9.18 16.32
C ILE A 13 -0.56 -8.54 15.01
N LYS A 14 -1.02 -9.08 13.89
CA LYS A 14 -0.65 -8.56 12.59
C LYS A 14 -1.88 -8.03 11.84
N GLN A 15 -1.78 -6.79 11.37
CA GLN A 15 -2.88 -6.18 10.64
C GLN A 15 -2.36 -5.25 9.54
N ALA A 16 -2.71 -5.56 8.30
CA ALA A 16 -2.28 -4.75 7.16
C ALA A 16 -3.08 -3.47 7.06
N LYS A 17 -2.71 -2.62 6.11
CA LYS A 17 -3.40 -1.35 5.90
C LYS A 17 -3.92 -1.24 4.47
N VAL A 18 -5.18 -1.59 4.28
CA VAL A 18 -5.80 -1.53 2.96
C VAL A 18 -6.80 -0.38 2.88
N HIS A 19 -6.65 0.45 1.85
CA HIS A 19 -7.54 1.60 1.67
C HIS A 19 -8.63 1.26 0.65
N HIS A 20 -9.74 2.01 0.71
CA HIS A 20 -10.86 1.79 -0.20
C HIS A 20 -11.22 3.08 -0.92
N VAL A 21 -10.85 3.17 -2.20
CA VAL A 21 -11.14 4.36 -3.00
C VAL A 21 -11.60 3.96 -4.40
N LYS A 22 -12.82 4.39 -4.76
CA LYS A 22 -13.39 4.10 -6.06
C LYS A 22 -13.35 2.60 -6.34
N CYS A 23 -13.62 1.80 -5.31
CA CYS A 23 -13.61 0.35 -5.45
C CYS A 23 -12.20 -0.17 -5.75
N HIS A 24 -11.22 0.42 -5.08
CA HIS A 24 -9.83 0.02 -5.27
C HIS A 24 -9.13 -0.19 -3.93
N GLU A 25 -8.64 -1.41 -3.71
CA GLU A 25 -7.97 -1.73 -2.46
C GLU A 25 -6.53 -1.21 -2.47
N PHE A 26 -6.40 0.12 -2.39
CA PHE A 26 -5.07 0.74 -2.39
C PHE A 26 -4.35 0.49 -1.08
N THR A 27 -3.48 -0.52 -1.08
CA THR A 27 -2.71 -0.87 0.12
C THR A 27 -1.23 -0.57 -0.08
N ALA A 28 -0.62 0.04 0.94
CA ALA A 28 0.79 0.38 0.88
C ALA A 28 1.62 -0.78 0.34
N THR A 29 2.31 -0.54 -0.78
CA THR A 29 3.13 -1.56 -1.40
C THR A 29 4.46 -0.99 -1.88
N PHE A 30 5.50 -1.81 -1.89
CA PHE A 30 6.81 -1.38 -2.33
C PHE A 30 7.14 -1.95 -3.71
N PHE A 31 7.32 -1.07 -4.69
CA PHE A 31 7.64 -1.49 -6.04
C PHE A 31 9.14 -1.57 -6.27
N PRO A 32 9.66 -2.80 -6.40
CA PRO A 32 11.09 -3.03 -6.60
C PRO A 32 11.56 -2.58 -7.98
N GLN A 33 10.60 -2.20 -8.83
CA GLN A 33 10.93 -1.74 -10.17
C GLN A 33 10.12 -0.50 -10.54
N PRO A 34 10.60 0.24 -11.55
CA PRO A 34 9.94 1.47 -12.01
C PRO A 34 8.62 1.19 -12.70
N THR A 35 7.54 1.78 -12.17
CA THR A 35 6.22 1.60 -12.73
C THR A 35 5.65 2.91 -13.28
N PHE A 36 4.82 2.81 -14.31
CA PHE A 36 4.22 3.99 -14.92
C PHE A 36 2.82 4.24 -14.35
N CYS A 37 2.68 5.33 -13.59
CA CYS A 37 1.40 5.68 -13.00
C CYS A 37 0.28 5.61 -14.03
N SER A 38 -0.95 5.46 -13.54
CA SER A 38 -2.11 5.37 -14.42
C SER A 38 -2.81 6.72 -14.54
N VAL A 39 -2.59 7.58 -13.55
CA VAL A 39 -3.20 8.90 -13.53
C VAL A 39 -2.27 9.94 -14.17
N CYS A 40 -1.24 10.31 -13.43
CA CYS A 40 -0.27 11.30 -13.91
C CYS A 40 0.63 10.70 -14.98
N HIS A 41 0.76 9.37 -14.96
CA HIS A 41 1.60 8.67 -15.93
C HIS A 41 3.06 9.07 -15.77
N GLU A 42 3.54 9.09 -14.53
CA GLU A 42 4.92 9.46 -14.25
C GLU A 42 5.66 8.33 -13.56
N PHE A 43 6.96 8.23 -13.81
CA PHE A 43 7.78 7.19 -13.22
C PHE A 43 7.48 7.05 -11.73
N VAL A 44 7.26 5.81 -11.29
CA VAL A 44 6.95 5.53 -9.90
C VAL A 44 8.11 4.83 -9.22
N TRP A 45 9.16 5.59 -8.90
CA TRP A 45 10.34 5.03 -8.24
C TRP A 45 11.32 6.14 -7.86
N GLY A 46 12.09 5.91 -6.80
CA GLY A 46 13.05 6.89 -6.35
C GLY A 46 12.65 7.55 -5.06
N LEU A 47 11.54 8.29 -5.08
CA LEU A 47 11.05 8.98 -3.89
C LEU A 47 10.88 8.01 -2.74
N ASN A 48 11.19 8.47 -1.54
CA ASN A 48 11.06 7.64 -0.34
C ASN A 48 9.63 7.13 -0.18
N LYS A 49 8.67 7.92 -0.65
CA LYS A 49 7.27 7.54 -0.56
C LYS A 49 6.98 6.34 -1.45
N GLN A 50 6.08 5.47 -0.98
CA GLN A 50 5.71 4.27 -1.72
C GLN A 50 4.51 4.53 -2.61
N GLY A 51 4.12 3.54 -3.39
CA GLY A 51 2.98 3.69 -4.29
C GLY A 51 1.81 2.81 -3.88
N TYR A 52 0.64 3.07 -4.45
CA TYR A 52 -0.55 2.30 -4.14
C TYR A 52 -0.88 1.32 -5.26
N GLN A 53 -1.15 0.08 -4.88
CA GLN A 53 -1.48 -0.96 -5.86
C GLN A 53 -2.75 -1.70 -5.45
N CYS A 54 -3.77 -1.62 -6.30
CA CYS A 54 -5.04 -2.28 -6.05
C CYS A 54 -4.86 -3.80 -5.97
N ARG A 55 -5.83 -4.47 -5.38
CA ARG A 55 -5.79 -5.92 -5.23
C ARG A 55 -6.58 -6.60 -6.35
N GLN A 56 -7.49 -5.86 -6.97
CA GLN A 56 -8.31 -6.38 -8.05
C GLN A 56 -7.71 -6.01 -9.41
N CYS A 57 -7.82 -4.74 -9.77
CA CYS A 57 -7.30 -4.25 -11.04
C CYS A 57 -5.78 -4.16 -11.01
N ASN A 58 -5.22 -4.10 -9.80
CA ASN A 58 -3.78 -4.02 -9.63
C ASN A 58 -3.22 -2.79 -10.35
N ALA A 59 -3.79 -1.63 -10.04
CA ALA A 59 -3.35 -0.37 -10.64
C ALA A 59 -2.32 0.33 -9.78
N ALA A 60 -1.18 0.70 -10.37
CA ALA A 60 -0.13 1.38 -9.65
C ALA A 60 -0.24 2.89 -9.80
N ILE A 61 -0.28 3.60 -8.67
CA ILE A 61 -0.39 5.05 -8.69
C ILE A 61 0.25 5.65 -7.43
N HIS A 62 0.82 6.85 -7.59
CA HIS A 62 1.46 7.54 -6.48
C HIS A 62 0.46 7.80 -5.35
N LYS A 63 0.98 7.92 -4.13
CA LYS A 63 0.14 8.17 -2.97
C LYS A 63 -0.66 9.46 -3.14
N LYS A 64 -0.16 10.35 -3.99
CA LYS A 64 -0.82 11.62 -4.26
C LYS A 64 -1.82 11.49 -5.39
N CYS A 65 -1.63 10.48 -6.25
CA CYS A 65 -2.52 10.26 -7.37
C CYS A 65 -3.69 9.38 -6.96
N ILE A 66 -4.07 9.45 -5.68
CA ILE A 66 -5.18 8.67 -5.16
C ILE A 66 -6.50 9.42 -5.33
N ASP A 67 -6.43 10.75 -5.28
CA ASP A 67 -7.61 11.59 -5.42
C ASP A 67 -7.99 11.75 -6.89
N LYS A 68 -7.01 11.60 -7.76
CA LYS A 68 -7.23 11.74 -9.20
C LYS A 68 -7.62 10.39 -9.82
N VAL A 69 -8.29 9.55 -9.03
CA VAL A 69 -8.72 8.25 -9.49
C VAL A 69 -10.24 8.18 -9.65
N ILE A 70 -10.70 8.10 -10.90
CA ILE A 70 -12.12 8.04 -11.18
C ILE A 70 -12.52 6.66 -11.67
N ALA A 71 -11.85 6.19 -12.72
CA ALA A 71 -12.13 4.87 -13.29
C ALA A 71 -12.57 3.89 -12.21
N LYS A 72 -13.46 2.98 -12.57
CA LYS A 72 -13.96 1.98 -11.63
C LYS A 72 -13.12 0.71 -11.70
N CYS A 73 -13.31 -0.17 -10.72
CA CYS A 73 -12.57 -1.43 -10.67
C CYS A 73 -13.42 -2.57 -11.21
N THR A 74 -12.88 -3.28 -12.20
CA THR A 74 -13.58 -4.40 -12.82
C THR A 74 -13.50 -5.64 -11.94
N GLY A 75 -12.31 -5.93 -11.44
CA GLY A 75 -12.11 -7.10 -10.60
C GLY A 75 -12.84 -8.32 -11.12
N SER A 76 -14.02 -8.58 -10.57
CA SER A 76 -14.82 -9.73 -10.98
C SER A 76 -15.53 -9.45 -12.31
N ALA A 77 -15.25 -10.27 -13.31
CA ALA A 77 -15.86 -10.12 -14.63
C ALA A 77 -17.37 -9.87 -14.50
N GLY A 1 39.37 -18.56 32.91
CA GLY A 1 38.31 -17.57 32.90
C GLY A 1 37.62 -17.47 31.55
N SER A 2 36.48 -16.80 31.53
CA SER A 2 35.72 -16.63 30.29
C SER A 2 34.51 -15.71 30.52
N SER A 3 33.78 -15.43 29.44
CA SER A 3 32.62 -14.56 29.53
C SER A 3 31.64 -14.88 28.40
N GLY A 4 30.48 -14.22 28.43
CA GLY A 4 29.47 -14.44 27.41
C GLY A 4 28.10 -13.95 27.84
N SER A 5 27.19 -13.81 26.88
CA SER A 5 25.84 -13.34 27.16
C SER A 5 24.85 -13.92 26.17
N SER A 6 23.57 -13.68 26.40
CA SER A 6 22.51 -14.18 25.53
C SER A 6 21.48 -13.09 25.23
N GLY A 7 20.54 -13.40 24.35
CA GLY A 7 19.51 -12.45 23.99
C GLY A 7 19.35 -12.30 22.49
N GLN A 8 18.15 -12.56 21.99
CA GLN A 8 17.88 -12.47 20.56
C GLN A 8 16.48 -11.92 20.32
N ARG A 9 16.14 -11.72 19.04
CA ARG A 9 14.82 -11.21 18.68
C ARG A 9 14.38 -11.77 17.33
N ARG A 10 13.09 -11.71 17.07
CA ARG A 10 12.54 -12.20 15.80
C ARG A 10 11.57 -11.19 15.20
N GLY A 11 11.82 -10.80 13.96
CA GLY A 11 10.95 -9.85 13.29
C GLY A 11 10.80 -8.55 14.07
N ALA A 12 9.69 -7.86 13.86
CA ALA A 12 9.43 -6.61 14.54
C ALA A 12 8.02 -6.12 14.27
N ILE A 13 7.52 -5.24 15.14
CA ILE A 13 6.18 -4.68 14.98
C ILE A 13 6.05 -3.89 13.69
N LYS A 14 4.91 -4.02 13.02
CA LYS A 14 4.66 -3.30 11.78
C LYS A 14 3.17 -3.05 11.59
N GLN A 15 2.84 -1.90 11.02
CA GLN A 15 1.45 -1.53 10.78
C GLN A 15 1.10 -1.66 9.30
N ALA A 16 -0.17 -1.96 9.03
CA ALA A 16 -0.63 -2.11 7.65
C ALA A 16 -2.15 -1.97 7.57
N LYS A 17 -2.63 -1.40 6.46
CA LYS A 17 -4.05 -1.21 6.25
C LYS A 17 -4.37 -1.03 4.77
N VAL A 18 -5.53 -1.54 4.36
CA VAL A 18 -5.96 -1.43 2.96
C VAL A 18 -7.04 -0.37 2.79
N HIS A 19 -6.67 0.74 2.17
CA HIS A 19 -7.61 1.83 1.94
C HIS A 19 -8.60 1.49 0.83
N HIS A 20 -9.83 1.94 0.98
CA HIS A 20 -10.87 1.68 -0.01
C HIS A 20 -11.25 2.96 -0.76
N VAL A 21 -10.83 3.04 -2.02
CA VAL A 21 -11.12 4.21 -2.84
C VAL A 21 -11.71 3.80 -4.19
N LYS A 22 -12.81 4.43 -4.57
CA LYS A 22 -13.46 4.14 -5.83
C LYS A 22 -13.41 2.65 -6.14
N CYS A 23 -13.70 1.83 -5.14
CA CYS A 23 -13.69 0.38 -5.30
C CYS A 23 -12.28 -0.12 -5.62
N HIS A 24 -11.29 0.45 -4.95
CA HIS A 24 -9.90 0.07 -5.16
C HIS A 24 -9.19 -0.14 -3.83
N GLU A 25 -8.67 -1.35 -3.64
CA GLU A 25 -7.96 -1.69 -2.41
C GLU A 25 -6.53 -1.16 -2.43
N PHE A 26 -6.40 0.15 -2.34
CA PHE A 26 -5.09 0.79 -2.36
C PHE A 26 -4.38 0.61 -1.02
N THR A 27 -3.41 -0.29 -0.99
CA THR A 27 -2.66 -0.57 0.23
C THR A 27 -1.16 -0.30 0.03
N ALA A 28 -0.54 0.31 1.04
CA ALA A 28 0.88 0.62 0.97
C ALA A 28 1.68 -0.57 0.45
N THR A 29 2.37 -0.38 -0.67
CA THR A 29 3.18 -1.44 -1.25
C THR A 29 4.48 -0.89 -1.82
N PHE A 30 5.56 -1.65 -1.65
CA PHE A 30 6.87 -1.23 -2.15
C PHE A 30 7.17 -1.88 -3.50
N PHE A 31 7.36 -1.05 -4.52
CA PHE A 31 7.64 -1.53 -5.86
C PHE A 31 9.14 -1.65 -6.08
N PRO A 32 9.63 -2.90 -6.15
CA PRO A 32 11.05 -3.18 -6.36
C PRO A 32 11.52 -2.83 -7.77
N GLN A 33 10.57 -2.43 -8.61
CA GLN A 33 10.88 -2.06 -9.99
C GLN A 33 10.19 -0.75 -10.37
N PRO A 34 10.78 -0.03 -11.34
CA PRO A 34 10.22 1.24 -11.82
C PRO A 34 8.94 1.06 -12.60
N THR A 35 7.82 1.48 -12.01
CA THR A 35 6.52 1.37 -12.65
C THR A 35 6.00 2.73 -13.09
N PHE A 36 5.12 2.73 -14.08
CA PHE A 36 4.54 3.97 -14.60
C PHE A 36 3.11 4.16 -14.08
N CYS A 37 2.82 5.35 -13.59
CA CYS A 37 1.50 5.67 -13.07
C CYS A 37 0.45 5.56 -14.16
N SER A 38 -0.80 5.32 -13.76
CA SER A 38 -1.90 5.18 -14.70
C SER A 38 -2.71 6.47 -14.77
N VAL A 39 -2.66 7.26 -13.70
CA VAL A 39 -3.39 8.51 -13.64
C VAL A 39 -2.58 9.65 -14.25
N CYS A 40 -1.54 10.08 -13.54
CA CYS A 40 -0.69 11.15 -14.02
C CYS A 40 0.22 10.68 -15.15
N HIS A 41 0.42 9.36 -15.22
CA HIS A 41 1.27 8.78 -16.26
C HIS A 41 2.71 9.26 -16.12
N GLU A 42 3.23 9.21 -14.90
CA GLU A 42 4.60 9.64 -14.64
C GLU A 42 5.41 8.54 -13.97
N PHE A 43 6.68 8.44 -14.32
CA PHE A 43 7.56 7.43 -13.75
C PHE A 43 7.43 7.37 -12.23
N VAL A 44 7.19 6.18 -11.72
CA VAL A 44 7.05 5.99 -10.27
C VAL A 44 8.34 5.45 -9.65
N TRP A 45 9.30 6.35 -9.43
CA TRP A 45 10.57 5.97 -8.84
C TRP A 45 11.41 7.21 -8.51
N GLY A 46 11.56 7.49 -7.21
CA GLY A 46 12.34 8.63 -6.79
C GLY A 46 11.83 9.23 -5.50
N LEU A 47 10.98 10.24 -5.60
CA LEU A 47 10.42 10.90 -4.43
C LEU A 47 9.61 9.93 -3.59
N ASN A 48 8.54 9.39 -4.17
CA ASN A 48 7.69 8.44 -3.48
C ASN A 48 8.07 7.00 -3.83
N LYS A 49 9.12 6.51 -3.18
CA LYS A 49 9.59 5.15 -3.42
C LYS A 49 8.43 4.16 -3.40
N GLN A 50 7.50 4.35 -2.46
CA GLN A 50 6.34 3.49 -2.34
C GLN A 50 5.14 4.07 -3.07
N GLY A 51 4.04 3.31 -3.12
CA GLY A 51 2.85 3.77 -3.79
C GLY A 51 1.63 2.95 -3.42
N TYR A 52 0.63 2.95 -4.31
CA TYR A 52 -0.59 2.20 -4.07
C TYR A 52 -0.88 1.24 -5.22
N GLN A 53 -1.26 0.01 -4.87
CA GLN A 53 -1.56 -1.01 -5.88
C GLN A 53 -2.83 -1.78 -5.50
N CYS A 54 -3.88 -1.60 -6.30
CA CYS A 54 -5.14 -2.27 -6.07
C CYS A 54 -4.95 -3.78 -6.04
N ARG A 55 -5.91 -4.49 -5.43
CA ARG A 55 -5.84 -5.94 -5.33
C ARG A 55 -6.69 -6.59 -6.42
N GLN A 56 -7.58 -5.80 -7.03
CA GLN A 56 -8.44 -6.30 -8.09
C GLN A 56 -7.88 -5.95 -9.47
N CYS A 57 -7.88 -4.66 -9.79
CA CYS A 57 -7.38 -4.20 -11.07
C CYS A 57 -5.85 -4.19 -11.07
N ASN A 58 -5.25 -4.10 -9.89
CA ASN A 58 -3.81 -4.07 -9.75
C ASN A 58 -3.22 -2.87 -10.47
N ALA A 59 -3.72 -1.68 -10.14
CA ALA A 59 -3.24 -0.45 -10.74
C ALA A 59 -2.22 0.24 -9.85
N ALA A 60 -1.06 0.54 -10.41
CA ALA A 60 0.00 1.21 -9.65
C ALA A 60 -0.05 2.71 -9.85
N ILE A 61 -0.26 3.44 -8.76
CA ILE A 61 -0.33 4.89 -8.81
C ILE A 61 0.38 5.53 -7.62
N HIS A 62 0.77 6.78 -7.76
CA HIS A 62 1.46 7.50 -6.70
C HIS A 62 0.56 7.65 -5.47
N LYS A 63 1.16 7.93 -4.33
CA LYS A 63 0.43 8.09 -3.08
C LYS A 63 -0.43 9.35 -3.12
N LYS A 64 -0.19 10.20 -4.12
CA LYS A 64 -0.94 11.43 -4.27
C LYS A 64 -1.95 11.32 -5.41
N CYS A 65 -1.73 10.37 -6.30
CA CYS A 65 -2.63 10.16 -7.42
C CYS A 65 -3.81 9.27 -7.03
N ILE A 66 -4.01 9.12 -5.72
CA ILE A 66 -5.10 8.30 -5.21
C ILE A 66 -6.43 9.05 -5.26
N ASP A 67 -6.38 10.34 -4.93
CA ASP A 67 -7.58 11.16 -4.94
C ASP A 67 -8.04 11.45 -6.37
N LYS A 68 -7.09 11.40 -7.31
CA LYS A 68 -7.40 11.65 -8.71
C LYS A 68 -7.76 10.35 -9.43
N VAL A 69 -8.47 9.47 -8.73
CA VAL A 69 -8.88 8.19 -9.29
C VAL A 69 -10.40 8.13 -9.46
N ILE A 70 -10.88 8.44 -10.66
CA ILE A 70 -12.30 8.41 -10.94
C ILE A 70 -12.73 7.08 -11.54
N ALA A 71 -11.93 6.59 -12.50
CA ALA A 71 -12.23 5.33 -13.15
C ALA A 71 -12.68 4.27 -12.15
N LYS A 72 -13.45 3.30 -12.62
CA LYS A 72 -13.95 2.23 -11.76
C LYS A 72 -13.09 0.98 -11.89
N CYS A 73 -13.18 0.11 -10.90
CA CYS A 73 -12.42 -1.14 -10.90
C CYS A 73 -13.15 -2.23 -11.67
N THR A 74 -12.39 -3.08 -12.35
CA THR A 74 -12.97 -4.17 -13.12
C THR A 74 -12.75 -5.51 -12.45
N GLY A 75 -11.56 -5.70 -11.89
CA GLY A 75 -11.24 -6.94 -11.21
C GLY A 75 -11.04 -8.10 -12.17
N SER A 76 -10.29 -7.86 -13.23
CA SER A 76 -10.03 -8.89 -14.24
C SER A 76 -8.70 -9.57 -14.00
N ALA A 77 -8.72 -10.90 -13.94
CA ALA A 77 -7.51 -11.68 -13.72
C ALA A 77 -6.94 -12.22 -15.03
N GLY A 1 26.90 -36.33 32.27
CA GLY A 1 25.91 -35.84 31.33
C GLY A 1 26.05 -34.36 31.05
N SER A 2 25.10 -33.81 30.29
CA SER A 2 25.13 -32.40 29.95
C SER A 2 23.83 -31.99 29.24
N SER A 3 23.69 -30.69 29.01
CA SER A 3 22.49 -30.16 28.35
C SER A 3 22.82 -28.91 27.54
N GLY A 4 21.84 -28.43 26.79
CA GLY A 4 22.05 -27.24 25.98
C GLY A 4 20.78 -26.44 25.78
N SER A 5 20.89 -25.32 25.08
CA SER A 5 19.74 -24.46 24.83
C SER A 5 19.90 -23.72 23.50
N SER A 6 18.80 -23.12 23.04
CA SER A 6 18.82 -22.38 21.78
C SER A 6 18.14 -21.02 21.94
N GLY A 7 18.29 -20.16 20.94
CA GLY A 7 17.70 -18.84 20.98
C GLY A 7 16.43 -18.74 20.17
N GLN A 8 15.88 -17.54 20.08
CA GLN A 8 14.65 -17.33 19.31
C GLN A 8 14.60 -15.90 18.76
N ARG A 9 13.67 -15.66 17.84
CA ARG A 9 13.52 -14.34 17.24
C ARG A 9 12.05 -13.95 17.16
N ARG A 10 11.80 -12.67 16.90
CA ARG A 10 10.44 -12.16 16.80
C ARG A 10 10.41 -10.79 16.14
N GLY A 11 9.30 -10.47 15.49
CA GLY A 11 9.17 -9.17 14.83
C GLY A 11 7.75 -8.68 14.80
N ALA A 12 7.46 -7.62 15.56
CA ALA A 12 6.13 -7.05 15.61
C ALA A 12 5.58 -6.78 14.21
N ILE A 13 4.30 -6.45 14.13
CA ILE A 13 3.66 -6.17 12.86
C ILE A 13 3.33 -4.69 12.72
N LYS A 14 3.87 -4.06 11.68
CA LYS A 14 3.61 -2.64 11.45
C LYS A 14 2.18 -2.41 10.99
N GLN A 15 1.46 -1.54 11.70
CA GLN A 15 0.08 -1.23 11.37
C GLN A 15 -0.12 -1.22 9.86
N ALA A 16 -1.16 -1.93 9.40
CA ALA A 16 -1.47 -1.99 7.99
C ALA A 16 -2.97 -2.00 7.74
N LYS A 17 -3.44 -1.11 6.88
CA LYS A 17 -4.86 -1.00 6.57
C LYS A 17 -5.07 -0.82 5.07
N VAL A 18 -6.24 -1.24 4.59
CA VAL A 18 -6.56 -1.12 3.17
C VAL A 18 -7.46 0.07 2.91
N HIS A 19 -7.10 0.88 1.92
CA HIS A 19 -7.88 2.06 1.57
C HIS A 19 -8.88 1.75 0.46
N HIS A 20 -10.14 2.10 0.69
CA HIS A 20 -11.20 1.86 -0.28
C HIS A 20 -11.54 3.14 -1.04
N VAL A 21 -11.01 3.27 -2.24
CA VAL A 21 -11.26 4.44 -3.07
C VAL A 21 -11.96 4.05 -4.37
N LYS A 22 -12.98 4.81 -4.72
CA LYS A 22 -13.74 4.56 -5.95
C LYS A 22 -13.82 3.06 -6.23
N CYS A 23 -14.15 2.29 -5.21
CA CYS A 23 -14.26 0.84 -5.36
C CYS A 23 -12.90 0.22 -5.69
N HIS A 24 -11.87 0.66 -4.98
CA HIS A 24 -10.53 0.14 -5.20
C HIS A 24 -9.84 -0.17 -3.87
N GLU A 25 -9.47 -1.44 -3.69
CA GLU A 25 -8.81 -1.86 -2.46
C GLU A 25 -7.30 -1.68 -2.57
N PHE A 26 -6.85 -0.43 -2.46
CA PHE A 26 -5.43 -0.12 -2.55
C PHE A 26 -4.70 -0.59 -1.29
N THR A 27 -3.46 -1.05 -1.47
CA THR A 27 -2.65 -1.52 -0.36
C THR A 27 -1.24 -0.96 -0.43
N ALA A 28 -0.79 -0.34 0.66
CA ALA A 28 0.54 0.23 0.73
C ALA A 28 1.60 -0.76 0.26
N THR A 29 2.32 -0.40 -0.80
CA THR A 29 3.35 -1.26 -1.35
C THR A 29 4.54 -0.44 -1.86
N PHE A 30 5.71 -1.06 -1.88
CA PHE A 30 6.92 -0.38 -2.34
C PHE A 30 7.48 -1.07 -3.58
N PHE A 31 7.43 -0.38 -4.71
CA PHE A 31 7.94 -0.92 -5.96
C PHE A 31 9.42 -0.62 -6.13
N PRO A 32 10.25 -1.67 -6.06
CA PRO A 32 11.71 -1.55 -6.19
C PRO A 32 12.13 -1.20 -7.62
N GLN A 33 11.16 -1.18 -8.53
CA GLN A 33 11.43 -0.86 -9.92
C GLN A 33 10.48 0.23 -10.43
N PRO A 34 10.94 1.01 -11.42
CA PRO A 34 10.15 2.09 -12.00
C PRO A 34 8.97 1.58 -12.83
N THR A 35 7.76 1.80 -12.32
CA THR A 35 6.56 1.36 -13.01
C THR A 35 5.73 2.54 -13.48
N PHE A 36 5.19 2.43 -14.68
CA PHE A 36 4.37 3.50 -15.25
C PHE A 36 3.06 3.66 -14.48
N CYS A 37 2.76 4.89 -14.09
CA CYS A 37 1.54 5.18 -13.34
C CYS A 37 0.31 5.05 -14.25
N SER A 38 -0.85 4.87 -13.63
CA SER A 38 -2.09 4.74 -14.37
C SER A 38 -2.85 6.06 -14.41
N VAL A 39 -2.66 6.87 -13.37
CA VAL A 39 -3.33 8.17 -13.27
C VAL A 39 -2.51 9.25 -13.97
N CYS A 40 -1.42 9.67 -13.32
CA CYS A 40 -0.56 10.71 -13.87
C CYS A 40 0.25 10.17 -15.05
N HIS A 41 0.40 8.85 -15.10
CA HIS A 41 1.16 8.20 -16.17
C HIS A 41 2.61 8.69 -16.18
N GLU A 42 3.22 8.73 -14.99
CA GLU A 42 4.60 9.17 -14.88
C GLU A 42 5.46 8.09 -14.24
N PHE A 43 6.78 8.29 -14.28
CA PHE A 43 7.72 7.33 -13.71
C PHE A 43 7.51 7.19 -12.21
N VAL A 44 7.25 5.96 -11.76
CA VAL A 44 7.02 5.68 -10.35
C VAL A 44 8.17 4.88 -9.76
N TRP A 45 9.19 5.59 -9.28
CA TRP A 45 10.35 4.95 -8.69
C TRP A 45 10.95 5.82 -7.58
N GLY A 46 11.70 5.18 -6.68
CA GLY A 46 12.31 5.91 -5.58
C GLY A 46 12.43 5.08 -4.32
N LEU A 47 13.51 5.27 -3.58
CA LEU A 47 13.73 4.53 -2.34
C LEU A 47 12.67 4.85 -1.31
N ASN A 48 12.36 6.14 -1.17
CA ASN A 48 11.36 6.58 -0.21
C ASN A 48 10.12 7.12 -0.93
N LYS A 49 9.59 6.34 -1.86
CA LYS A 49 8.41 6.74 -2.62
C LYS A 49 7.34 5.66 -2.55
N GLN A 50 6.49 5.72 -1.52
CA GLN A 50 5.43 4.75 -1.34
C GLN A 50 4.33 4.97 -2.38
N GLY A 51 3.70 3.87 -2.81
CA GLY A 51 2.64 3.96 -3.79
C GLY A 51 1.36 3.28 -3.34
N TYR A 52 0.58 2.79 -4.28
CA TYR A 52 -0.68 2.12 -3.97
C TYR A 52 -1.06 1.13 -5.08
N GLN A 53 -1.47 -0.07 -4.68
CA GLN A 53 -1.86 -1.09 -5.64
C GLN A 53 -3.19 -1.73 -5.23
N CYS A 54 -4.13 -1.78 -6.17
CA CYS A 54 -5.44 -2.35 -5.91
C CYS A 54 -5.35 -3.87 -5.81
N ARG A 55 -6.38 -4.48 -5.22
CA ARG A 55 -6.41 -5.93 -5.07
C ARG A 55 -7.05 -6.60 -6.28
N GLN A 56 -7.81 -5.82 -7.05
CA GLN A 56 -8.46 -6.34 -8.24
C GLN A 56 -7.77 -5.85 -9.51
N CYS A 57 -7.98 -4.59 -9.85
CA CYS A 57 -7.38 -4.00 -11.04
C CYS A 57 -5.86 -3.91 -10.88
N ASN A 58 -5.38 -4.14 -9.67
CA ASN A 58 -3.96 -4.09 -9.38
C ASN A 58 -3.31 -2.89 -10.06
N ALA A 59 -3.91 -1.71 -9.87
CA ALA A 59 -3.40 -0.49 -10.48
C ALA A 59 -2.33 0.15 -9.59
N ALA A 60 -1.14 0.32 -10.14
CA ALA A 60 -0.03 0.92 -9.41
C ALA A 60 0.06 2.43 -9.67
N ILE A 61 -0.03 3.21 -8.61
CA ILE A 61 0.05 4.66 -8.73
C ILE A 61 0.76 5.28 -7.52
N HIS A 62 0.99 6.58 -7.58
CA HIS A 62 1.65 7.29 -6.49
C HIS A 62 0.78 7.32 -5.24
N LYS A 63 1.31 7.89 -4.17
CA LYS A 63 0.58 7.97 -2.91
C LYS A 63 -0.46 9.09 -2.96
N LYS A 64 -0.23 10.07 -3.83
CA LYS A 64 -1.14 11.19 -3.97
C LYS A 64 -2.10 10.96 -5.14
N CYS A 65 -1.59 10.38 -6.21
CA CYS A 65 -2.40 10.09 -7.40
C CYS A 65 -3.72 9.44 -7.01
N ILE A 66 -3.73 8.77 -5.86
CA ILE A 66 -4.93 8.10 -5.37
C ILE A 66 -6.13 9.03 -5.42
N ASP A 67 -5.91 10.30 -5.07
CA ASP A 67 -6.98 11.29 -5.08
C ASP A 67 -7.41 11.62 -6.50
N LYS A 68 -6.45 11.58 -7.43
CA LYS A 68 -6.72 11.87 -8.83
C LYS A 68 -7.21 10.62 -9.56
N VAL A 69 -8.03 9.83 -8.89
CA VAL A 69 -8.57 8.61 -9.48
C VAL A 69 -10.09 8.70 -9.64
N ILE A 70 -10.57 8.47 -10.86
CA ILE A 70 -12.00 8.53 -11.13
C ILE A 70 -12.50 7.20 -11.68
N ALA A 71 -11.71 6.58 -12.55
CA ALA A 71 -12.07 5.30 -13.14
C ALA A 71 -12.38 4.27 -12.07
N LYS A 72 -13.46 3.51 -12.27
CA LYS A 72 -13.87 2.49 -11.31
C LYS A 72 -13.09 1.19 -11.54
N CYS A 73 -13.18 0.28 -10.58
CA CYS A 73 -12.50 -0.99 -10.67
C CYS A 73 -13.32 -2.01 -11.46
N THR A 74 -12.73 -2.53 -12.54
CA THR A 74 -13.42 -3.50 -13.38
C THR A 74 -13.21 -4.91 -12.86
N GLY A 75 -11.98 -5.25 -12.51
CA GLY A 75 -11.68 -6.58 -12.00
C GLY A 75 -11.55 -7.60 -13.10
N SER A 76 -10.33 -7.99 -13.42
CA SER A 76 -10.06 -8.97 -14.47
C SER A 76 -10.77 -10.29 -14.16
N ALA A 77 -11.11 -11.03 -15.21
CA ALA A 77 -11.78 -12.31 -15.04
C ALA A 77 -11.22 -13.08 -13.84
N GLY A 1 24.81 -12.88 44.53
CA GLY A 1 23.84 -13.77 43.93
C GLY A 1 22.96 -13.07 42.91
N SER A 2 23.27 -13.28 41.63
CA SER A 2 22.50 -12.66 40.56
C SER A 2 21.83 -13.72 39.68
N SER A 3 20.56 -13.50 39.36
CA SER A 3 19.81 -14.42 38.53
C SER A 3 19.24 -13.72 37.31
N GLY A 4 19.23 -14.43 36.18
CA GLY A 4 18.72 -13.86 34.96
C GLY A 4 18.19 -14.93 33.99
N SER A 5 16.90 -14.86 33.70
CA SER A 5 16.29 -15.83 32.80
C SER A 5 14.93 -15.32 32.31
N SER A 6 14.78 -15.22 30.98
CA SER A 6 13.54 -14.76 30.39
C SER A 6 13.41 -15.24 28.95
N GLY A 7 12.48 -16.17 28.73
CA GLY A 7 12.27 -16.70 27.39
C GLY A 7 10.85 -17.16 27.17
N GLN A 8 10.21 -16.61 26.15
CA GLN A 8 8.82 -16.97 25.83
C GLN A 8 8.55 -16.81 24.34
N ARG A 9 7.44 -17.39 23.88
CA ARG A 9 7.07 -17.31 22.48
C ARG A 9 5.80 -16.47 22.30
N ARG A 10 5.97 -15.17 22.10
CA ARG A 10 4.85 -14.27 21.91
C ARG A 10 5.09 -13.33 20.73
N GLY A 11 4.74 -13.81 19.54
CA GLY A 11 4.92 -13.01 18.33
C GLY A 11 4.06 -13.49 17.18
N ALA A 12 2.75 -13.55 17.42
CA ALA A 12 1.81 -13.99 16.39
C ALA A 12 0.83 -12.88 16.04
N ILE A 13 1.34 -11.67 15.91
CA ILE A 13 0.51 -10.52 15.57
C ILE A 13 1.02 -9.82 14.31
N LYS A 14 0.10 -9.47 13.42
CA LYS A 14 0.45 -8.80 12.18
C LYS A 14 -0.37 -7.52 11.99
N GLN A 15 0.19 -6.57 11.26
CA GLN A 15 -0.49 -5.30 11.01
C GLN A 15 -1.06 -5.26 9.59
N ALA A 16 -2.37 -5.07 9.50
CA ALA A 16 -3.04 -5.00 8.21
C ALA A 16 -3.81 -3.69 8.05
N LYS A 17 -3.75 -3.12 6.86
CA LYS A 17 -4.45 -1.86 6.58
C LYS A 17 -4.86 -1.79 5.11
N VAL A 18 -6.11 -1.38 4.88
CA VAL A 18 -6.63 -1.27 3.52
C VAL A 18 -7.41 0.04 3.35
N HIS A 19 -7.01 0.83 2.35
CA HIS A 19 -7.67 2.10 2.08
C HIS A 19 -8.59 1.98 0.87
N HIS A 20 -9.89 1.93 1.11
CA HIS A 20 -10.87 1.82 0.03
C HIS A 20 -11.07 3.16 -0.65
N VAL A 21 -10.64 3.27 -1.89
CA VAL A 21 -10.78 4.51 -2.65
C VAL A 21 -11.36 4.24 -4.03
N LYS A 22 -12.55 4.76 -4.29
CA LYS A 22 -13.22 4.57 -5.57
C LYS A 22 -13.30 3.09 -5.94
N CYS A 23 -13.60 2.26 -4.94
CA CYS A 23 -13.69 0.82 -5.17
C CYS A 23 -12.34 0.22 -5.51
N HIS A 24 -11.30 0.69 -4.84
CA HIS A 24 -9.95 0.21 -5.08
C HIS A 24 -9.22 -0.06 -3.77
N GLU A 25 -8.85 -1.32 -3.55
CA GLU A 25 -8.15 -1.71 -2.33
C GLU A 25 -6.67 -1.34 -2.41
N PHE A 26 -6.37 -0.08 -2.14
CA PHE A 26 -4.99 0.40 -2.18
C PHE A 26 -4.26 0.05 -0.90
N THR A 27 -3.35 -0.91 -0.98
CA THR A 27 -2.58 -1.34 0.18
C THR A 27 -1.11 -0.96 0.03
N ALA A 28 -0.58 -0.27 1.04
CA ALA A 28 0.81 0.16 1.03
C ALA A 28 1.73 -0.96 0.54
N THR A 29 2.26 -0.80 -0.67
CA THR A 29 3.15 -1.80 -1.24
C THR A 29 4.39 -1.15 -1.83
N PHE A 30 5.51 -1.86 -1.75
CA PHE A 30 6.78 -1.34 -2.28
C PHE A 30 7.11 -1.99 -3.62
N PHE A 31 7.70 -1.21 -4.52
CA PHE A 31 8.06 -1.70 -5.84
C PHE A 31 9.57 -1.63 -6.04
N PRO A 32 10.17 -2.78 -6.39
CA PRO A 32 11.62 -2.88 -6.63
C PRO A 32 12.05 -2.16 -7.89
N GLN A 33 11.12 -1.99 -8.82
CA GLN A 33 11.41 -1.31 -10.08
C GLN A 33 10.41 -0.18 -10.33
N PRO A 34 10.85 0.84 -11.08
CA PRO A 34 10.01 1.99 -11.42
C PRO A 34 8.89 1.63 -12.39
N THR A 35 7.66 1.99 -12.03
CA THR A 35 6.51 1.71 -12.87
C THR A 35 5.78 2.99 -13.27
N PHE A 36 5.16 2.97 -14.45
CA PHE A 36 4.44 4.13 -14.94
C PHE A 36 3.08 4.24 -14.28
N CYS A 37 2.77 5.43 -13.75
CA CYS A 37 1.50 5.66 -13.08
C CYS A 37 0.34 5.47 -14.06
N SER A 38 -0.85 5.23 -13.51
CA SER A 38 -2.04 5.03 -14.33
C SER A 38 -2.83 6.32 -14.50
N VAL A 39 -2.57 7.28 -13.61
CA VAL A 39 -3.24 8.57 -13.66
C VAL A 39 -2.36 9.63 -14.31
N CYS A 40 -1.34 10.06 -13.58
CA CYS A 40 -0.41 11.07 -14.08
C CYS A 40 0.47 10.50 -15.18
N HIS A 41 0.63 9.18 -15.18
CA HIS A 41 1.46 8.50 -16.18
C HIS A 41 2.91 8.94 -16.06
N GLU A 42 3.41 9.01 -14.83
CA GLU A 42 4.78 9.41 -14.58
C GLU A 42 5.58 8.28 -13.93
N PHE A 43 6.88 8.26 -14.18
CA PHE A 43 7.75 7.23 -13.61
C PHE A 43 7.58 7.14 -12.10
N VAL A 44 7.38 5.92 -11.60
CA VAL A 44 7.19 5.70 -10.17
C VAL A 44 8.46 5.13 -9.54
N TRP A 45 9.51 5.94 -9.49
CA TRP A 45 10.78 5.52 -8.92
C TRP A 45 11.01 6.20 -7.57
N GLY A 46 9.99 6.19 -6.71
CA GLY A 46 10.10 6.79 -5.41
C GLY A 46 10.95 5.98 -4.45
N LEU A 47 12.26 6.21 -4.48
CA LEU A 47 13.18 5.49 -3.60
C LEU A 47 12.61 5.35 -2.20
N ASN A 48 12.21 6.48 -1.62
CA ASN A 48 11.65 6.50 -0.27
C ASN A 48 10.12 6.55 -0.32
N LYS A 49 9.60 7.35 -1.25
CA LYS A 49 8.16 7.49 -1.39
C LYS A 49 7.51 6.15 -1.75
N GLN A 50 6.34 5.90 -1.18
CA GLN A 50 5.62 4.65 -1.44
C GLN A 50 4.42 4.91 -2.35
N GLY A 51 3.92 3.83 -2.96
CA GLY A 51 2.78 3.95 -3.86
C GLY A 51 1.62 3.07 -3.44
N TYR A 52 0.64 2.94 -4.32
CA TYR A 52 -0.53 2.12 -4.03
C TYR A 52 -0.79 1.12 -5.18
N GLN A 53 -1.32 -0.04 -4.82
CA GLN A 53 -1.62 -1.08 -5.80
C GLN A 53 -2.89 -1.83 -5.44
N CYS A 54 -3.94 -1.62 -6.23
CA CYS A 54 -5.22 -2.27 -5.99
C CYS A 54 -5.06 -3.80 -5.99
N ARG A 55 -6.00 -4.48 -5.36
CA ARG A 55 -5.97 -5.94 -5.28
C ARG A 55 -6.84 -6.56 -6.36
N GLN A 56 -7.69 -5.74 -6.97
CA GLN A 56 -8.59 -6.22 -8.02
C GLN A 56 -8.04 -5.86 -9.40
N CYS A 57 -8.00 -4.57 -9.71
CA CYS A 57 -7.48 -4.11 -11.00
C CYS A 57 -5.96 -4.16 -11.03
N ASN A 58 -5.35 -4.15 -9.85
CA ASN A 58 -3.90 -4.20 -9.74
C ASN A 58 -3.26 -3.00 -10.45
N ALA A 59 -3.78 -1.82 -10.18
CA ALA A 59 -3.27 -0.59 -10.79
C ALA A 59 -2.24 0.08 -9.89
N ALA A 60 -1.11 0.47 -10.47
CA ALA A 60 -0.05 1.13 -9.72
C ALA A 60 -0.11 2.65 -9.91
N ILE A 61 -0.19 3.37 -8.79
CA ILE A 61 -0.25 4.82 -8.83
C ILE A 61 0.48 5.44 -7.64
N HIS A 62 0.58 6.77 -7.63
CA HIS A 62 1.24 7.48 -6.55
C HIS A 62 0.27 7.75 -5.41
N LYS A 63 0.82 8.08 -4.25
CA LYS A 63 0.01 8.36 -3.06
C LYS A 63 -0.80 9.64 -3.25
N LYS A 64 -0.36 10.47 -4.19
CA LYS A 64 -1.06 11.73 -4.48
C LYS A 64 -2.08 11.54 -5.59
N CYS A 65 -1.82 10.58 -6.46
CA CYS A 65 -2.72 10.30 -7.58
C CYS A 65 -3.88 9.42 -7.14
N ILE A 66 -4.02 9.24 -5.83
CA ILE A 66 -5.09 8.42 -5.28
C ILE A 66 -6.44 9.13 -5.38
N ASP A 67 -6.42 10.45 -5.25
CA ASP A 67 -7.65 11.24 -5.34
C ASP A 67 -8.06 11.44 -6.78
N LYS A 68 -7.08 11.40 -7.69
CA LYS A 68 -7.35 11.56 -9.11
C LYS A 68 -7.65 10.23 -9.77
N VAL A 69 -8.29 9.33 -9.02
CA VAL A 69 -8.64 8.02 -9.53
C VAL A 69 -10.15 7.87 -9.67
N ILE A 70 -10.66 8.26 -10.83
CA ILE A 70 -12.09 8.17 -11.11
C ILE A 70 -12.47 6.79 -11.61
N ALA A 71 -11.82 6.35 -12.69
CA ALA A 71 -12.09 5.05 -13.28
C ALA A 71 -12.43 4.02 -12.19
N LYS A 72 -13.65 3.51 -12.23
CA LYS A 72 -14.10 2.52 -11.26
C LYS A 72 -13.45 1.16 -11.53
N CYS A 73 -13.15 0.43 -10.46
CA CYS A 73 -12.54 -0.88 -10.58
C CYS A 73 -13.48 -1.87 -11.27
N THR A 74 -12.95 -2.62 -12.23
CA THR A 74 -13.75 -3.60 -12.96
C THR A 74 -13.39 -5.02 -12.54
N GLY A 75 -12.12 -5.26 -12.30
CA GLY A 75 -11.67 -6.58 -11.90
C GLY A 75 -10.39 -7.00 -12.60
N SER A 76 -9.67 -7.94 -12.00
CA SER A 76 -8.42 -8.43 -12.56
C SER A 76 -8.63 -8.96 -13.97
N ALA A 77 -7.60 -8.84 -14.81
CA ALA A 77 -7.67 -9.30 -16.18
C ALA A 77 -7.31 -10.78 -16.29
N GLY A 1 -10.67 -14.51 50.94
CA GLY A 1 -9.51 -15.19 50.40
C GLY A 1 -9.17 -14.74 49.00
N SER A 2 -8.21 -15.42 48.38
CA SER A 2 -7.78 -15.08 47.03
C SER A 2 -8.13 -16.20 46.04
N SER A 3 -8.93 -15.87 45.04
CA SER A 3 -9.33 -16.84 44.03
C SER A 3 -8.40 -16.82 42.83
N GLY A 4 -8.17 -15.63 42.29
CA GLY A 4 -7.29 -15.50 41.15
C GLY A 4 -7.87 -16.12 39.89
N SER A 5 -7.73 -15.42 38.77
CA SER A 5 -8.25 -15.92 37.50
C SER A 5 -7.37 -15.45 36.34
N SER A 6 -6.96 -16.39 35.50
CA SER A 6 -6.12 -16.08 34.35
C SER A 6 -6.96 -15.74 33.13
N GLY A 7 -6.92 -14.48 32.71
CA GLY A 7 -7.68 -14.05 31.56
C GLY A 7 -6.95 -13.03 30.72
N GLN A 8 -5.76 -13.39 30.25
CA GLN A 8 -4.95 -12.50 29.43
C GLN A 8 -5.61 -12.26 28.08
N ARG A 9 -5.59 -11.00 27.64
CA ARG A 9 -6.19 -10.63 26.37
C ARG A 9 -5.21 -10.85 25.22
N ARG A 10 -5.74 -10.99 24.01
CA ARG A 10 -4.91 -11.22 22.83
C ARG A 10 -5.55 -10.59 21.60
N GLY A 11 -4.76 -10.47 20.53
CA GLY A 11 -5.27 -9.88 19.30
C GLY A 11 -6.47 -10.63 18.75
N ALA A 12 -7.20 -9.98 17.85
CA ALA A 12 -8.38 -10.60 17.25
C ALA A 12 -8.54 -10.16 15.80
N ILE A 13 -9.55 -10.71 15.13
CA ILE A 13 -9.81 -10.38 13.73
C ILE A 13 -10.00 -8.88 13.55
N LYS A 14 -10.25 -8.47 12.31
CA LYS A 14 -10.47 -7.06 12.00
C LYS A 14 -9.17 -6.27 12.14
N GLN A 15 -8.07 -6.86 11.66
CA GLN A 15 -6.77 -6.21 11.73
C GLN A 15 -6.21 -5.97 10.33
N ALA A 16 -6.47 -4.78 9.80
CA ALA A 16 -6.00 -4.42 8.47
C ALA A 16 -6.29 -2.95 8.16
N LYS A 17 -5.47 -2.36 7.31
CA LYS A 17 -5.64 -0.96 6.93
C LYS A 17 -5.69 -0.82 5.41
N VAL A 18 -6.90 -0.56 4.89
CA VAL A 18 -7.08 -0.39 3.45
C VAL A 18 -8.05 0.75 3.16
N HIS A 19 -7.70 1.57 2.18
CA HIS A 19 -8.54 2.70 1.80
C HIS A 19 -9.40 2.35 0.58
N HIS A 20 -10.68 2.71 0.66
CA HIS A 20 -11.61 2.43 -0.43
C HIS A 20 -11.85 3.68 -1.28
N VAL A 21 -11.29 3.69 -2.48
CA VAL A 21 -11.44 4.82 -3.39
C VAL A 21 -11.85 4.36 -4.78
N LYS A 22 -12.95 4.93 -5.28
CA LYS A 22 -13.45 4.58 -6.61
C LYS A 22 -13.45 3.06 -6.81
N CYS A 23 -13.76 2.33 -5.74
CA CYS A 23 -13.79 0.87 -5.81
C CYS A 23 -12.38 0.30 -6.01
N HIS A 24 -11.43 0.84 -5.27
CA HIS A 24 -10.04 0.38 -5.36
C HIS A 24 -9.43 0.19 -3.97
N GLU A 25 -9.04 -1.05 -3.68
CA GLU A 25 -8.45 -1.35 -2.38
C GLU A 25 -6.92 -1.23 -2.43
N PHE A 26 -6.43 0.00 -2.38
CA PHE A 26 -5.00 0.25 -2.43
C PHE A 26 -4.32 -0.26 -1.17
N THR A 27 -3.05 -0.66 -1.31
CA THR A 27 -2.28 -1.18 -0.18
C THR A 27 -0.83 -0.71 -0.24
N ALA A 28 -0.41 0.05 0.76
CA ALA A 28 0.95 0.56 0.82
C ALA A 28 1.95 -0.53 0.44
N THR A 29 2.53 -0.41 -0.75
CA THR A 29 3.50 -1.38 -1.24
C THR A 29 4.71 -0.68 -1.83
N PHE A 30 5.83 -1.39 -1.88
CA PHE A 30 7.07 -0.85 -2.44
C PHE A 30 7.45 -1.57 -3.73
N PHE A 31 7.29 -0.87 -4.85
CA PHE A 31 7.62 -1.44 -6.15
C PHE A 31 9.11 -1.34 -6.43
N PRO A 32 9.79 -2.49 -6.47
CA PRO A 32 11.23 -2.56 -6.73
C PRO A 32 11.58 -2.20 -8.17
N GLN A 33 10.55 -2.03 -8.99
CA GLN A 33 10.76 -1.68 -10.39
C GLN A 33 9.99 -0.41 -10.75
N PRO A 34 10.48 0.32 -11.76
CA PRO A 34 9.85 1.56 -12.23
C PRO A 34 8.53 1.30 -12.95
N THR A 35 7.43 1.70 -12.31
CA THR A 35 6.10 1.51 -12.89
C THR A 35 5.50 2.84 -13.32
N PHE A 36 4.55 2.77 -14.25
CA PHE A 36 3.90 3.98 -14.76
C PHE A 36 2.58 4.23 -14.04
N CYS A 37 2.40 5.45 -13.55
CA CYS A 37 1.18 5.81 -12.83
C CYS A 37 -0.01 5.86 -13.78
N SER A 38 -1.08 5.18 -13.40
CA SER A 38 -2.29 5.13 -14.22
C SER A 38 -3.20 6.32 -13.91
N VAL A 39 -2.61 7.36 -13.32
CA VAL A 39 -3.36 8.56 -12.99
C VAL A 39 -2.71 9.80 -13.59
N CYS A 40 -1.45 10.02 -13.27
CA CYS A 40 -0.71 11.17 -13.78
C CYS A 40 0.22 10.76 -14.91
N HIS A 41 0.43 9.46 -15.05
CA HIS A 41 1.30 8.93 -16.11
C HIS A 41 2.73 9.40 -15.90
N GLU A 42 3.26 9.18 -14.71
CA GLU A 42 4.62 9.58 -14.39
C GLU A 42 5.38 8.44 -13.69
N PHE A 43 6.62 8.23 -14.10
CA PHE A 43 7.44 7.17 -13.53
C PHE A 43 7.12 6.97 -12.05
N VAL A 44 7.04 5.71 -11.63
CA VAL A 44 6.73 5.39 -10.24
C VAL A 44 7.83 4.52 -9.63
N TRP A 45 8.69 5.14 -8.83
CA TRP A 45 9.78 4.42 -8.18
C TRP A 45 10.51 5.32 -7.18
N GLY A 46 11.46 4.74 -6.45
CA GLY A 46 12.21 5.51 -5.47
C GLY A 46 12.37 4.77 -4.16
N LEU A 47 13.60 4.77 -3.63
CA LEU A 47 13.89 4.09 -2.38
C LEU A 47 13.04 4.64 -1.24
N ASN A 48 13.20 5.93 -0.97
CA ASN A 48 12.44 6.59 0.10
C ASN A 48 11.09 7.07 -0.42
N LYS A 49 10.43 6.23 -1.22
CA LYS A 49 9.13 6.57 -1.77
C LYS A 49 8.14 5.42 -1.58
N GLN A 50 6.87 5.70 -1.83
CA GLN A 50 5.82 4.70 -1.67
C GLN A 50 4.69 4.92 -2.68
N GLY A 51 3.94 3.87 -2.97
CA GLY A 51 2.85 3.97 -3.91
C GLY A 51 1.60 3.27 -3.43
N TYR A 52 0.80 2.77 -4.36
CA TYR A 52 -0.44 2.08 -4.02
C TYR A 52 -0.77 1.00 -5.05
N GLN A 53 -1.19 -0.16 -4.57
CA GLN A 53 -1.54 -1.28 -5.45
C GLN A 53 -2.90 -1.85 -5.09
N CYS A 54 -3.82 -1.81 -6.05
CA CYS A 54 -5.17 -2.33 -5.84
C CYS A 54 -5.15 -3.84 -5.65
N ARG A 55 -6.23 -4.37 -5.09
CA ARG A 55 -6.34 -5.81 -4.85
C ARG A 55 -7.02 -6.50 -6.02
N GLN A 56 -7.83 -5.75 -6.76
CA GLN A 56 -8.56 -6.29 -7.90
C GLN A 56 -7.86 -5.93 -9.21
N CYS A 57 -7.97 -4.68 -9.62
CA CYS A 57 -7.35 -4.20 -10.85
C CYS A 57 -5.84 -4.09 -10.68
N ASN A 58 -5.37 -4.23 -9.44
CA ASN A 58 -3.95 -4.15 -9.15
C ASN A 58 -3.30 -2.99 -9.91
N ALA A 59 -3.86 -1.79 -9.74
CA ALA A 59 -3.34 -0.61 -10.41
C ALA A 59 -2.26 0.07 -9.57
N ALA A 60 -1.14 0.39 -10.21
CA ALA A 60 -0.04 1.04 -9.52
C ALA A 60 -0.07 2.56 -9.74
N ILE A 61 -0.26 3.30 -8.66
CA ILE A 61 -0.31 4.76 -8.74
C ILE A 61 0.34 5.39 -7.51
N HIS A 62 0.73 6.66 -7.64
CA HIS A 62 1.36 7.38 -6.54
C HIS A 62 0.38 7.57 -5.39
N LYS A 63 0.93 7.82 -4.20
CA LYS A 63 0.11 8.03 -3.02
C LYS A 63 -0.75 9.29 -3.15
N LYS A 64 -0.19 10.31 -3.80
CA LYS A 64 -0.89 11.56 -4.00
C LYS A 64 -1.92 11.44 -5.14
N CYS A 65 -1.66 10.53 -6.07
CA CYS A 65 -2.54 10.30 -7.20
C CYS A 65 -3.68 9.36 -6.82
N ILE A 66 -3.96 9.27 -5.52
CA ILE A 66 -5.02 8.40 -5.03
C ILE A 66 -6.39 9.04 -5.21
N ASP A 67 -6.44 10.36 -5.04
CA ASP A 67 -7.69 11.11 -5.19
C ASP A 67 -7.97 11.43 -6.66
N LYS A 68 -6.90 11.49 -7.44
CA LYS A 68 -7.01 11.79 -8.87
C LYS A 68 -7.29 10.52 -9.67
N VAL A 69 -7.98 9.57 -9.05
CA VAL A 69 -8.30 8.31 -9.71
C VAL A 69 -9.77 8.27 -10.14
N ILE A 70 -10.00 8.19 -11.44
CA ILE A 70 -11.36 8.14 -11.97
C ILE A 70 -11.72 6.75 -12.47
N ALA A 71 -10.81 6.15 -13.23
CA ALA A 71 -11.02 4.81 -13.77
C ALA A 71 -11.70 3.92 -12.74
N LYS A 72 -12.67 3.14 -13.19
CA LYS A 72 -13.41 2.23 -12.32
C LYS A 72 -12.70 0.88 -12.22
N CYS A 73 -12.95 0.16 -11.13
CA CYS A 73 -12.34 -1.15 -10.91
C CYS A 73 -13.24 -2.26 -11.45
N THR A 74 -12.78 -2.93 -12.49
CA THR A 74 -13.54 -4.02 -13.10
C THR A 74 -13.11 -5.37 -12.54
N GLY A 75 -11.80 -5.59 -12.45
CA GLY A 75 -11.29 -6.84 -11.94
C GLY A 75 -11.15 -7.91 -13.01
N SER A 76 -9.93 -8.07 -13.52
CA SER A 76 -9.67 -9.06 -14.57
C SER A 76 -8.40 -9.86 -14.26
N ALA A 77 -8.21 -10.96 -14.97
CA ALA A 77 -7.05 -11.80 -14.77
C ALA A 77 -5.80 -10.97 -14.49
N GLY A 1 20.59 -12.48 54.82
CA GLY A 1 20.88 -12.30 53.41
C GLY A 1 19.87 -11.39 52.72
N SER A 2 20.04 -11.20 51.42
CA SER A 2 19.13 -10.35 50.65
C SER A 2 19.41 -10.48 49.16
N SER A 3 18.34 -10.57 48.37
CA SER A 3 18.47 -10.70 46.93
C SER A 3 17.12 -10.48 46.24
N GLY A 4 17.17 -10.16 44.95
CA GLY A 4 15.95 -9.92 44.21
C GLY A 4 16.19 -9.75 42.72
N SER A 5 15.12 -9.60 41.95
CA SER A 5 15.23 -9.43 40.50
C SER A 5 13.91 -8.97 39.91
N SER A 6 13.96 -8.39 38.72
CA SER A 6 12.77 -7.90 38.04
C SER A 6 13.04 -7.67 36.56
N GLY A 7 11.97 -7.69 35.76
CA GLY A 7 12.12 -7.48 34.33
C GLY A 7 10.82 -7.05 33.67
N GLN A 8 10.94 -6.28 32.60
CA GLN A 8 9.76 -5.79 31.88
C GLN A 8 10.04 -5.71 30.39
N ARG A 9 9.25 -6.43 29.60
CA ARG A 9 9.41 -6.44 28.16
C ARG A 9 8.07 -6.20 27.46
N ARG A 10 8.09 -5.36 26.43
CA ARG A 10 6.89 -5.04 25.67
C ARG A 10 7.23 -4.58 24.26
N GLY A 11 6.29 -4.79 23.33
CA GLY A 11 6.51 -4.39 21.96
C GLY A 11 5.78 -3.12 21.60
N ALA A 12 5.49 -2.94 20.31
CA ALA A 12 4.79 -1.75 19.84
C ALA A 12 3.60 -2.14 18.96
N ILE A 13 2.75 -1.16 18.68
CA ILE A 13 1.58 -1.39 17.84
C ILE A 13 1.98 -1.79 16.42
N LYS A 14 1.21 -2.70 15.83
CA LYS A 14 1.48 -3.17 14.48
C LYS A 14 0.25 -3.82 13.87
N GLN A 15 -0.37 -3.13 12.91
CA GLN A 15 -1.56 -3.63 12.25
C GLN A 15 -1.65 -3.12 10.81
N ALA A 16 -2.48 -3.76 10.01
CA ALA A 16 -2.66 -3.36 8.62
C ALA A 16 -4.10 -2.94 8.34
N LYS A 17 -4.34 -2.42 7.16
CA LYS A 17 -5.68 -1.97 6.77
C LYS A 17 -5.75 -1.71 5.27
N VAL A 18 -6.96 -1.44 4.78
CA VAL A 18 -7.16 -1.16 3.36
C VAL A 18 -8.14 -0.01 3.16
N HIS A 19 -7.90 0.80 2.14
CA HIS A 19 -8.76 1.93 1.84
C HIS A 19 -9.64 1.65 0.62
N HIS A 20 -10.90 2.04 0.71
CA HIS A 20 -11.84 1.82 -0.39
C HIS A 20 -11.98 3.08 -1.24
N VAL A 21 -11.27 3.12 -2.36
CA VAL A 21 -11.32 4.27 -3.26
C VAL A 21 -11.80 3.86 -4.65
N LYS A 22 -12.94 4.40 -5.05
CA LYS A 22 -13.52 4.09 -6.35
C LYS A 22 -13.42 2.60 -6.66
N CYS A 23 -13.78 1.79 -5.68
CA CYS A 23 -13.73 0.34 -5.84
C CYS A 23 -12.31 -0.15 -6.07
N HIS A 24 -11.36 0.45 -5.35
CA HIS A 24 -9.95 0.09 -5.48
C HIS A 24 -9.30 -0.05 -4.11
N GLU A 25 -8.72 -1.21 -3.84
CA GLU A 25 -8.06 -1.46 -2.57
C GLU A 25 -6.60 -1.02 -2.62
N PHE A 26 -6.35 0.25 -2.29
CA PHE A 26 -4.99 0.79 -2.30
C PHE A 26 -4.27 0.43 -1.01
N THR A 27 -3.12 -0.23 -1.15
CA THR A 27 -2.33 -0.63 0.01
C THR A 27 -0.86 -0.20 -0.17
N ALA A 28 -0.36 0.57 0.79
CA ALA A 28 1.02 1.04 0.75
C ALA A 28 1.98 -0.11 0.44
N THR A 29 2.43 -0.18 -0.81
CA THR A 29 3.35 -1.23 -1.22
C THR A 29 4.59 -0.65 -1.88
N PHE A 30 5.69 -1.40 -1.84
CA PHE A 30 6.94 -0.95 -2.43
C PHE A 30 7.30 -1.79 -3.66
N PHE A 31 7.27 -1.17 -4.83
CA PHE A 31 7.59 -1.87 -6.07
C PHE A 31 9.10 -1.87 -6.32
N PRO A 32 9.65 -3.08 -6.53
CA PRO A 32 11.08 -3.25 -6.78
C PRO A 32 11.50 -2.70 -8.14
N GLN A 33 10.53 -2.37 -8.98
CA GLN A 33 10.80 -1.82 -10.30
C GLN A 33 9.93 -0.61 -10.58
N PRO A 34 10.42 0.29 -11.45
CA PRO A 34 9.70 1.51 -11.82
C PRO A 34 8.47 1.22 -12.68
N THR A 35 7.30 1.57 -12.16
CA THR A 35 6.05 1.34 -12.87
C THR A 35 5.38 2.67 -13.24
N PHE A 36 4.88 2.75 -14.47
CA PHE A 36 4.23 3.95 -14.95
C PHE A 36 2.86 4.13 -14.27
N CYS A 37 2.63 5.32 -13.72
CA CYS A 37 1.37 5.62 -13.04
C CYS A 37 0.20 5.48 -14.00
N SER A 38 -0.99 5.31 -13.44
CA SER A 38 -2.20 5.15 -14.24
C SER A 38 -2.95 6.49 -14.36
N VAL A 39 -2.75 7.35 -13.38
CA VAL A 39 -3.40 8.66 -13.37
C VAL A 39 -2.52 9.71 -14.03
N CYS A 40 -1.49 10.14 -13.31
CA CYS A 40 -0.56 11.15 -13.83
C CYS A 40 0.31 10.57 -14.94
N HIS A 41 0.41 9.24 -14.98
CA HIS A 41 1.20 8.57 -16.00
C HIS A 41 2.68 8.99 -15.91
N GLU A 42 3.23 8.94 -14.71
CA GLU A 42 4.62 9.31 -14.48
C GLU A 42 5.38 8.20 -13.76
N PHE A 43 6.57 7.89 -14.27
CA PHE A 43 7.39 6.84 -13.68
C PHE A 43 7.25 6.84 -12.16
N VAL A 44 6.62 5.79 -11.63
CA VAL A 44 6.42 5.67 -10.19
C VAL A 44 7.61 4.98 -9.53
N TRP A 45 8.63 5.76 -9.19
CA TRP A 45 9.83 5.22 -8.55
C TRP A 45 10.79 6.34 -8.16
N GLY A 46 11.15 6.40 -6.88
CA GLY A 46 12.07 7.43 -6.41
C GLY A 46 12.87 6.98 -5.21
N LEU A 47 12.62 7.60 -4.06
CA LEU A 47 13.34 7.26 -2.84
C LEU A 47 12.43 7.44 -1.62
N ASN A 48 12.18 6.35 -0.91
CA ASN A 48 11.34 6.39 0.28
C ASN A 48 9.96 6.94 -0.05
N LYS A 49 9.41 6.50 -1.19
CA LYS A 49 8.09 6.95 -1.61
C LYS A 49 7.20 5.75 -1.96
N GLN A 50 6.43 5.30 -0.97
CA GLN A 50 5.53 4.17 -1.17
C GLN A 50 4.32 4.57 -1.98
N GLY A 51 3.89 3.70 -2.88
CA GLY A 51 2.74 3.99 -3.72
C GLY A 51 1.50 3.21 -3.29
N TYR A 52 0.63 2.91 -4.25
CA TYR A 52 -0.58 2.17 -3.97
C TYR A 52 -0.88 1.17 -5.09
N GLN A 53 -1.29 -0.04 -4.69
CA GLN A 53 -1.60 -1.09 -5.65
C GLN A 53 -2.94 -1.75 -5.32
N CYS A 54 -3.89 -1.64 -6.23
CA CYS A 54 -5.21 -2.23 -6.04
C CYS A 54 -5.10 -3.74 -5.81
N ARG A 55 -6.17 -4.33 -5.27
CA ARG A 55 -6.20 -5.76 -5.01
C ARG A 55 -6.83 -6.52 -6.17
N GLN A 56 -7.49 -5.78 -7.06
CA GLN A 56 -8.14 -6.38 -8.22
C GLN A 56 -7.45 -5.97 -9.51
N CYS A 57 -7.46 -4.67 -9.79
CA CYS A 57 -6.82 -4.15 -11.01
C CYS A 57 -5.35 -3.84 -10.75
N ASN A 58 -4.87 -4.18 -9.56
CA ASN A 58 -3.48 -3.94 -9.20
C ASN A 58 -2.97 -2.66 -9.84
N ALA A 59 -3.76 -1.59 -9.76
CA ALA A 59 -3.39 -0.31 -10.33
C ALA A 59 -2.30 0.36 -9.51
N ALA A 60 -1.15 0.61 -10.14
CA ALA A 60 -0.02 1.24 -9.46
C ALA A 60 -0.05 2.75 -9.68
N ILE A 61 -0.22 3.49 -8.59
CA ILE A 61 -0.27 4.94 -8.64
C ILE A 61 0.42 5.56 -7.43
N HIS A 62 0.84 6.82 -7.58
CA HIS A 62 1.51 7.52 -6.50
C HIS A 62 0.58 7.70 -5.30
N LYS A 63 1.17 7.97 -4.13
CA LYS A 63 0.39 8.15 -2.91
C LYS A 63 -0.50 9.40 -3.02
N LYS A 64 -0.16 10.28 -3.95
CA LYS A 64 -0.92 11.51 -4.16
C LYS A 64 -1.94 11.32 -5.27
N CYS A 65 -1.68 10.38 -6.16
CA CYS A 65 -2.58 10.11 -7.28
C CYS A 65 -3.72 9.18 -6.84
N ILE A 66 -3.99 9.16 -5.55
CA ILE A 66 -5.06 8.32 -5.01
C ILE A 66 -6.41 9.02 -5.10
N ASP A 67 -6.42 10.33 -4.85
CA ASP A 67 -7.64 11.11 -4.91
C ASP A 67 -8.05 11.38 -6.36
N LYS A 68 -7.05 11.47 -7.24
CA LYS A 68 -7.30 11.72 -8.64
C LYS A 68 -7.61 10.42 -9.39
N VAL A 69 -8.32 9.51 -8.72
CA VAL A 69 -8.68 8.23 -9.30
C VAL A 69 -10.17 8.17 -9.61
N ILE A 70 -10.50 8.22 -10.89
CA ILE A 70 -11.90 8.17 -11.32
C ILE A 70 -12.24 6.81 -11.92
N ALA A 71 -11.41 6.36 -12.86
CA ALA A 71 -11.63 5.07 -13.50
C ALA A 71 -12.18 4.04 -12.52
N LYS A 72 -13.02 3.15 -13.02
CA LYS A 72 -13.61 2.11 -12.18
C LYS A 72 -12.78 0.84 -12.22
N CYS A 73 -13.04 -0.06 -11.28
CA CYS A 73 -12.32 -1.33 -11.20
C CYS A 73 -13.08 -2.44 -11.91
N THR A 74 -12.47 -3.00 -12.95
CA THR A 74 -13.10 -4.07 -13.71
C THR A 74 -13.60 -5.18 -12.80
N GLY A 75 -12.83 -5.48 -11.76
CA GLY A 75 -13.22 -6.52 -10.82
C GLY A 75 -13.57 -7.82 -11.51
N SER A 76 -12.55 -8.61 -11.82
CA SER A 76 -12.76 -9.90 -12.49
C SER A 76 -13.41 -10.90 -11.55
N ALA A 77 -14.32 -11.70 -12.09
CA ALA A 77 -15.01 -12.71 -11.30
C ALA A 77 -14.91 -14.09 -11.95
N GLY A 1 6.16 -12.80 51.84
CA GLY A 1 5.19 -11.82 52.31
C GLY A 1 5.66 -10.40 52.13
N SER A 2 5.35 -9.82 50.97
CA SER A 2 5.75 -8.45 50.68
C SER A 2 4.60 -7.67 50.07
N SER A 3 4.69 -6.33 50.13
CA SER A 3 3.65 -5.47 49.59
C SER A 3 4.08 -4.85 48.26
N GLY A 4 3.16 -4.15 47.62
CA GLY A 4 3.47 -3.52 46.35
C GLY A 4 2.25 -3.42 45.44
N SER A 5 2.30 -2.48 44.51
CA SER A 5 1.19 -2.29 43.58
C SER A 5 1.42 -3.04 42.27
N SER A 6 0.35 -3.27 41.52
CA SER A 6 0.44 -3.98 40.26
C SER A 6 -0.90 -3.99 39.53
N GLY A 7 -0.86 -3.94 38.21
CA GLY A 7 -2.07 -3.93 37.42
C GLY A 7 -2.02 -4.90 36.26
N GLN A 8 -1.09 -4.67 35.33
CA GLN A 8 -0.94 -5.54 34.17
C GLN A 8 -2.20 -5.52 33.31
N ARG A 9 -2.75 -4.32 33.12
CA ARG A 9 -3.96 -4.17 32.32
C ARG A 9 -3.65 -3.51 30.98
N ARG A 10 -2.54 -3.93 30.36
CA ARG A 10 -2.12 -3.38 29.08
C ARG A 10 -2.64 -4.24 27.93
N GLY A 11 -2.99 -3.59 26.82
CA GLY A 11 -3.49 -4.32 25.67
C GLY A 11 -3.69 -3.41 24.47
N ALA A 12 -3.24 -3.86 23.30
CA ALA A 12 -3.38 -3.09 22.08
C ALA A 12 -3.06 -3.94 20.85
N ILE A 13 -3.36 -3.40 19.67
CA ILE A 13 -3.10 -4.11 18.42
C ILE A 13 -2.85 -3.13 17.28
N LYS A 14 -1.95 -3.49 16.38
CA LYS A 14 -1.62 -2.66 15.23
C LYS A 14 -2.36 -3.13 13.99
N GLN A 15 -3.63 -3.51 14.16
CA GLN A 15 -4.44 -3.99 13.05
C GLN A 15 -4.22 -3.13 11.81
N ALA A 16 -4.39 -3.73 10.64
CA ALA A 16 -4.21 -3.02 9.37
C ALA A 16 -5.55 -2.74 8.71
N LYS A 17 -5.57 -1.76 7.82
CA LYS A 17 -6.78 -1.40 7.11
C LYS A 17 -6.52 -1.21 5.62
N VAL A 18 -7.52 -1.47 4.79
CA VAL A 18 -7.40 -1.32 3.35
C VAL A 18 -8.11 -0.06 2.86
N HIS A 19 -7.41 0.73 2.05
CA HIS A 19 -7.97 1.96 1.50
C HIS A 19 -8.91 1.65 0.34
N HIS A 20 -10.19 1.93 0.54
CA HIS A 20 -11.19 1.69 -0.49
C HIS A 20 -11.44 2.95 -1.32
N VAL A 21 -10.94 2.95 -2.55
CA VAL A 21 -11.10 4.10 -3.44
C VAL A 21 -11.74 3.68 -4.76
N LYS A 22 -12.81 4.36 -5.13
CA LYS A 22 -13.52 4.06 -6.37
C LYS A 22 -13.47 2.57 -6.67
N CYS A 23 -13.62 1.75 -5.64
CA CYS A 23 -13.60 0.30 -5.80
C CYS A 23 -12.18 -0.19 -6.02
N HIS A 24 -11.25 0.33 -5.24
CA HIS A 24 -9.84 -0.07 -5.35
C HIS A 24 -9.22 -0.25 -3.97
N GLU A 25 -8.82 -1.47 -3.66
CA GLU A 25 -8.21 -1.78 -2.36
C GLU A 25 -6.73 -1.40 -2.37
N PHE A 26 -6.46 -0.10 -2.30
CA PHE A 26 -5.09 0.39 -2.29
C PHE A 26 -4.39 0.05 -0.97
N THR A 27 -3.21 -0.55 -1.07
CA THR A 27 -2.44 -0.93 0.11
C THR A 27 -0.98 -0.57 -0.05
N ALA A 28 -0.44 0.17 0.91
CA ALA A 28 0.96 0.57 0.88
C ALA A 28 1.85 -0.58 0.45
N THR A 29 2.50 -0.43 -0.70
CA THR A 29 3.39 -1.46 -1.23
C THR A 29 4.69 -0.86 -1.73
N PHE A 30 5.74 -1.66 -1.73
CA PHE A 30 7.06 -1.20 -2.18
C PHE A 30 7.38 -1.78 -3.56
N PHE A 31 7.26 -0.94 -4.59
CA PHE A 31 7.54 -1.36 -5.96
C PHE A 31 9.05 -1.41 -6.21
N PRO A 32 9.57 -2.64 -6.40
CA PRO A 32 11.01 -2.85 -6.65
C PRO A 32 11.42 -2.34 -8.03
N GLN A 33 10.45 -1.93 -8.83
CA GLN A 33 10.72 -1.43 -10.17
C GLN A 33 9.83 -0.23 -10.49
N PRO A 34 10.29 0.61 -11.44
CA PRO A 34 9.55 1.80 -11.86
C PRO A 34 8.28 1.46 -12.64
N THR A 35 7.13 1.68 -12.00
CA THR A 35 5.85 1.39 -12.63
C THR A 35 5.22 2.65 -13.21
N PHE A 36 4.33 2.48 -14.17
CA PHE A 36 3.64 3.61 -14.81
C PHE A 36 2.39 4.00 -14.04
N CYS A 37 2.29 5.29 -13.72
CA CYS A 37 1.14 5.80 -12.98
C CYS A 37 -0.07 5.98 -13.90
N SER A 38 -1.14 5.26 -13.61
CA SER A 38 -2.37 5.34 -14.41
C SER A 38 -3.20 6.55 -14.01
N VAL A 39 -2.54 7.57 -13.46
CA VAL A 39 -3.23 8.78 -13.03
C VAL A 39 -2.56 10.02 -13.62
N CYS A 40 -1.28 10.21 -13.32
CA CYS A 40 -0.54 11.35 -13.82
C CYS A 40 0.35 10.95 -14.99
N HIS A 41 0.52 9.66 -15.18
CA HIS A 41 1.34 9.13 -16.27
C HIS A 41 2.80 9.58 -16.12
N GLU A 42 3.37 9.32 -14.94
CA GLU A 42 4.75 9.70 -14.67
C GLU A 42 5.52 8.55 -14.04
N PHE A 43 6.70 8.26 -14.58
CA PHE A 43 7.52 7.18 -14.08
C PHE A 43 7.51 7.14 -12.55
N VAL A 44 6.96 6.06 -12.00
CA VAL A 44 6.88 5.89 -10.56
C VAL A 44 8.17 5.31 -9.99
N TRP A 45 9.08 6.18 -9.59
CA TRP A 45 10.35 5.75 -9.02
C TRP A 45 11.15 6.94 -8.49
N GLY A 46 12.00 6.69 -7.51
CA GLY A 46 12.81 7.74 -6.93
C GLY A 46 12.12 8.43 -5.77
N LEU A 47 10.97 9.02 -6.04
CA LEU A 47 10.20 9.72 -5.01
C LEU A 47 8.90 8.98 -4.70
N ASN A 48 8.34 9.26 -3.53
CA ASN A 48 7.09 8.62 -3.12
C ASN A 48 7.24 7.10 -3.08
N LYS A 49 8.40 6.65 -2.65
CA LYS A 49 8.68 5.21 -2.57
C LYS A 49 7.42 4.45 -2.19
N GLN A 50 6.57 5.07 -1.38
CA GLN A 50 5.32 4.44 -0.95
C GLN A 50 4.17 4.83 -1.87
N GLY A 51 3.65 3.84 -2.60
CA GLY A 51 2.56 4.10 -3.52
C GLY A 51 1.29 3.37 -3.12
N TYR A 52 0.55 2.89 -4.11
CA TYR A 52 -0.70 2.16 -3.85
C TYR A 52 -0.96 1.15 -4.96
N GLN A 53 -1.36 -0.05 -4.56
CA GLN A 53 -1.64 -1.13 -5.51
C GLN A 53 -2.97 -1.80 -5.19
N CYS A 54 -3.92 -1.71 -6.11
CA CYS A 54 -5.23 -2.32 -5.91
C CYS A 54 -5.12 -3.83 -5.80
N ARG A 55 -6.18 -4.46 -5.29
CA ARG A 55 -6.20 -5.91 -5.13
C ARG A 55 -6.96 -6.57 -6.28
N GLN A 56 -7.90 -5.85 -6.86
CA GLN A 56 -8.71 -6.36 -7.96
C GLN A 56 -8.02 -6.11 -9.29
N CYS A 57 -7.94 -4.84 -9.69
CA CYS A 57 -7.32 -4.47 -10.94
C CYS A 57 -5.80 -4.40 -10.80
N ASN A 58 -5.33 -4.18 -9.57
CA ASN A 58 -3.90 -4.10 -9.30
C ASN A 58 -3.28 -2.92 -10.03
N ALA A 59 -3.87 -1.75 -9.88
CA ALA A 59 -3.37 -0.55 -10.54
C ALA A 59 -2.33 0.15 -9.67
N ALA A 60 -1.15 0.40 -10.24
CA ALA A 60 -0.07 1.05 -9.52
C ALA A 60 -0.08 2.56 -9.78
N ILE A 61 -0.02 3.34 -8.71
CA ILE A 61 -0.02 4.79 -8.82
C ILE A 61 0.66 5.44 -7.62
N HIS A 62 0.89 6.75 -7.70
CA HIS A 62 1.53 7.48 -6.63
C HIS A 62 0.60 7.62 -5.43
N LYS A 63 1.17 7.89 -4.26
CA LYS A 63 0.39 8.04 -3.03
C LYS A 63 -0.49 9.28 -3.11
N LYS A 64 -0.04 10.28 -3.86
CA LYS A 64 -0.80 11.51 -4.01
C LYS A 64 -1.81 11.39 -5.15
N CYS A 65 -1.51 10.54 -6.12
CA CYS A 65 -2.39 10.33 -7.26
C CYS A 65 -3.52 9.37 -6.91
N ILE A 66 -3.79 9.23 -5.61
CA ILE A 66 -4.85 8.34 -5.14
C ILE A 66 -6.22 8.98 -5.29
N ASP A 67 -6.30 10.28 -5.03
CA ASP A 67 -7.55 11.01 -5.13
C ASP A 67 -7.87 11.32 -6.59
N LYS A 68 -6.82 11.46 -7.41
CA LYS A 68 -6.99 11.76 -8.82
C LYS A 68 -7.23 10.49 -9.63
N VAL A 69 -7.90 9.52 -9.01
CA VAL A 69 -8.20 8.26 -9.67
C VAL A 69 -9.67 8.16 -10.01
N ILE A 70 -9.97 8.13 -11.31
CA ILE A 70 -11.35 8.03 -11.79
C ILE A 70 -11.67 6.62 -12.26
N ALA A 71 -10.86 6.11 -13.18
CA ALA A 71 -11.06 4.77 -13.71
C ALA A 71 -11.61 3.83 -12.64
N LYS A 72 -12.76 3.23 -12.93
CA LYS A 72 -13.39 2.30 -11.99
C LYS A 72 -12.78 0.91 -12.11
N CYS A 73 -12.93 0.12 -11.05
CA CYS A 73 -12.40 -1.24 -11.03
C CYS A 73 -13.41 -2.23 -11.61
N THR A 74 -12.92 -3.16 -12.43
CA THR A 74 -13.77 -4.15 -13.06
C THR A 74 -13.36 -5.56 -12.65
N GLY A 75 -12.06 -5.75 -12.41
CA GLY A 75 -11.56 -7.05 -12.02
C GLY A 75 -10.77 -7.72 -13.12
N SER A 76 -9.44 -7.64 -13.03
CA SER A 76 -8.56 -8.24 -14.02
C SER A 76 -7.13 -8.29 -13.52
N ALA A 77 -6.31 -9.14 -14.15
CA ALA A 77 -4.91 -9.29 -13.76
C ALA A 77 -3.98 -8.81 -14.88
N GLY A 1 28.36 -25.39 39.67
CA GLY A 1 27.14 -25.26 38.90
C GLY A 1 27.01 -23.92 38.23
N SER A 2 26.00 -23.78 37.37
CA SER A 2 25.78 -22.53 36.65
C SER A 2 24.44 -22.56 35.91
N SER A 3 24.04 -21.41 35.38
CA SER A 3 22.78 -21.30 34.66
C SER A 3 22.66 -19.93 33.98
N GLY A 4 21.63 -19.78 33.16
CA GLY A 4 21.41 -18.52 32.47
C GLY A 4 20.06 -18.46 31.78
N SER A 5 19.83 -17.39 31.04
CA SER A 5 18.57 -17.21 30.33
C SER A 5 18.63 -16.01 29.39
N SER A 6 17.84 -16.06 28.33
CA SER A 6 17.81 -14.98 27.34
C SER A 6 16.58 -15.09 26.44
N GLY A 7 16.35 -14.07 25.63
CA GLY A 7 15.21 -14.06 24.74
C GLY A 7 14.65 -12.67 24.51
N GLN A 8 14.20 -12.40 23.29
CA GLN A 8 13.64 -11.11 22.95
C GLN A 8 12.64 -11.22 21.80
N ARG A 9 11.63 -10.37 21.82
CA ARG A 9 10.61 -10.37 20.78
C ARG A 9 10.05 -8.98 20.56
N ARG A 10 9.81 -8.62 19.30
CA ARG A 10 9.27 -7.31 18.95
C ARG A 10 7.77 -7.26 19.19
N GLY A 11 7.37 -6.94 20.41
CA GLY A 11 5.95 -6.87 20.74
C GLY A 11 5.46 -5.44 20.83
N ALA A 12 5.36 -4.77 19.69
CA ALA A 12 4.89 -3.39 19.64
C ALA A 12 3.60 -3.28 18.85
N ILE A 13 3.07 -2.06 18.77
CA ILE A 13 1.83 -1.82 18.04
C ILE A 13 2.04 -1.98 16.54
N LYS A 14 1.01 -2.45 15.84
CA LYS A 14 1.08 -2.64 14.40
C LYS A 14 -0.27 -3.09 13.85
N GLN A 15 -0.70 -2.46 12.77
CA GLN A 15 -1.98 -2.80 12.14
C GLN A 15 -2.14 -2.07 10.80
N ALA A 16 -2.71 -2.77 9.83
CA ALA A 16 -2.91 -2.18 8.50
C ALA A 16 -4.27 -2.60 7.93
N LYS A 17 -4.75 -1.84 6.96
CA LYS A 17 -6.04 -2.13 6.33
C LYS A 17 -6.05 -1.63 4.89
N VAL A 18 -7.14 -1.94 4.18
CA VAL A 18 -7.28 -1.51 2.78
C VAL A 18 -8.27 -0.36 2.67
N HIS A 19 -7.87 0.68 1.92
CA HIS A 19 -8.74 1.84 1.73
C HIS A 19 -9.65 1.65 0.52
N HIS A 20 -10.88 2.12 0.64
CA HIS A 20 -11.85 2.00 -0.44
C HIS A 20 -11.90 3.27 -1.28
N VAL A 21 -11.43 3.19 -2.52
CA VAL A 21 -11.41 4.34 -3.41
C VAL A 21 -11.91 3.95 -4.79
N LYS A 22 -12.91 4.68 -5.29
CA LYS A 22 -13.47 4.42 -6.61
C LYS A 22 -13.53 2.92 -6.89
N CYS A 23 -13.85 2.14 -5.86
CA CYS A 23 -13.94 0.70 -6.00
C CYS A 23 -12.55 0.08 -6.19
N HIS A 24 -11.60 0.56 -5.40
CA HIS A 24 -10.23 0.06 -5.48
C HIS A 24 -9.67 -0.23 -4.09
N GLU A 25 -9.14 -1.43 -3.90
CA GLU A 25 -8.58 -1.83 -2.62
C GLU A 25 -7.08 -1.54 -2.55
N PHE A 26 -6.75 -0.26 -2.40
CA PHE A 26 -5.35 0.16 -2.33
C PHE A 26 -4.68 -0.41 -1.09
N THR A 27 -3.43 -0.83 -1.24
CA THR A 27 -2.67 -1.39 -0.13
C THR A 27 -1.23 -0.92 -0.15
N ALA A 28 -0.80 -0.28 0.94
CA ALA A 28 0.56 0.23 1.04
C ALA A 28 1.57 -0.81 0.54
N THR A 29 2.26 -0.47 -0.55
CA THR A 29 3.24 -1.37 -1.13
C THR A 29 4.44 -0.59 -1.67
N PHE A 30 5.62 -1.22 -1.63
CA PHE A 30 6.84 -0.58 -2.12
C PHE A 30 7.32 -1.25 -3.39
N PHE A 31 7.51 -0.45 -4.44
CA PHE A 31 7.98 -0.96 -5.71
C PHE A 31 9.47 -0.69 -5.90
N PRO A 32 10.28 -1.76 -5.79
CA PRO A 32 11.74 -1.66 -5.94
C PRO A 32 12.16 -1.38 -7.38
N GLN A 33 11.18 -1.36 -8.29
CA GLN A 33 11.45 -1.09 -9.69
C GLN A 33 10.56 0.03 -10.22
N PRO A 34 10.99 0.66 -11.32
CA PRO A 34 10.25 1.76 -11.94
C PRO A 34 8.96 1.31 -12.59
N THR A 35 7.83 1.79 -12.07
CA THR A 35 6.52 1.43 -12.59
C THR A 35 5.75 2.66 -13.06
N PHE A 36 5.17 2.57 -14.25
CA PHE A 36 4.42 3.68 -14.81
C PHE A 36 3.07 3.84 -14.10
N CYS A 37 2.70 5.09 -13.83
CA CYS A 37 1.44 5.38 -13.15
C CYS A 37 0.26 5.24 -14.10
N SER A 38 -0.93 5.05 -13.53
CA SER A 38 -2.14 4.90 -14.33
C SER A 38 -3.00 6.17 -14.27
N VAL A 39 -2.86 6.91 -13.17
CA VAL A 39 -3.62 8.14 -12.99
C VAL A 39 -2.98 9.30 -13.76
N CYS A 40 -1.75 9.64 -13.39
CA CYS A 40 -1.03 10.73 -14.03
C CYS A 40 -0.28 10.23 -15.27
N HIS A 41 0.07 8.95 -15.26
CA HIS A 41 0.79 8.34 -16.38
C HIS A 41 2.24 8.82 -16.42
N GLU A 42 2.85 8.91 -15.25
CA GLU A 42 4.24 9.36 -15.15
C GLU A 42 5.08 8.34 -14.38
N PHE A 43 6.20 7.95 -14.97
CA PHE A 43 7.10 6.99 -14.35
C PHE A 43 7.15 7.19 -12.84
N VAL A 44 6.76 6.15 -12.10
CA VAL A 44 6.75 6.21 -10.65
C VAL A 44 8.03 5.60 -10.08
N TRP A 45 9.16 6.27 -10.29
CA TRP A 45 10.43 5.80 -9.80
C TRP A 45 11.23 6.93 -9.15
N GLY A 46 10.52 7.83 -8.48
CA GLY A 46 11.16 8.96 -7.83
C GLY A 46 11.38 8.72 -6.35
N LEU A 47 12.01 9.67 -5.68
CA LEU A 47 12.28 9.56 -4.25
C LEU A 47 11.13 8.86 -3.53
N ASN A 48 9.92 9.36 -3.73
CA ASN A 48 8.74 8.77 -3.10
C ASN A 48 8.13 7.70 -4.00
N LYS A 49 8.76 6.52 -4.03
CA LYS A 49 8.28 5.41 -4.84
C LYS A 49 7.03 4.78 -4.21
N GLN A 50 7.03 4.71 -2.89
CA GLN A 50 5.90 4.12 -2.17
C GLN A 50 4.57 4.56 -2.79
N GLY A 51 3.89 3.61 -3.42
CA GLY A 51 2.61 3.91 -4.05
C GLY A 51 1.48 3.05 -3.51
N TYR A 52 0.46 2.84 -4.34
CA TYR A 52 -0.69 2.04 -3.93
C TYR A 52 -1.08 1.06 -5.04
N GLN A 53 -1.40 -0.17 -4.64
CA GLN A 53 -1.79 -1.20 -5.59
C GLN A 53 -3.15 -1.78 -5.23
N CYS A 54 -4.08 -1.74 -6.20
CA CYS A 54 -5.42 -2.25 -5.99
C CYS A 54 -5.42 -3.78 -5.96
N ARG A 55 -6.27 -4.34 -5.11
CA ARG A 55 -6.37 -5.80 -4.98
C ARG A 55 -7.41 -6.35 -5.94
N GLN A 56 -7.76 -5.57 -6.95
CA GLN A 56 -8.75 -5.98 -7.94
C GLN A 56 -8.21 -5.81 -9.35
N CYS A 57 -7.91 -4.56 -9.72
CA CYS A 57 -7.39 -4.26 -11.05
C CYS A 57 -5.86 -4.28 -11.05
N ASN A 58 -5.28 -4.23 -9.86
CA ASN A 58 -3.82 -4.24 -9.73
C ASN A 58 -3.20 -3.05 -10.44
N ALA A 59 -3.75 -1.86 -10.19
CA ALA A 59 -3.25 -0.64 -10.80
C ALA A 59 -2.24 0.06 -9.89
N ALA A 60 -1.04 0.30 -10.42
CA ALA A 60 0.00 0.96 -9.65
C ALA A 60 -0.01 2.46 -9.88
N ILE A 61 -0.02 3.23 -8.80
CA ILE A 61 -0.03 4.68 -8.88
C ILE A 61 0.76 5.31 -7.75
N HIS A 62 0.93 6.63 -7.81
CA HIS A 62 1.67 7.35 -6.78
C HIS A 62 0.92 7.33 -5.45
N LYS A 63 1.55 7.89 -4.42
CA LYS A 63 0.94 7.92 -3.10
C LYS A 63 -0.15 8.99 -3.03
N LYS A 64 0.04 10.07 -3.79
CA LYS A 64 -0.93 11.16 -3.83
C LYS A 64 -1.96 10.94 -4.93
N CYS A 65 -1.50 10.48 -6.08
CA CYS A 65 -2.38 10.22 -7.21
C CYS A 65 -3.65 9.51 -6.75
N ILE A 66 -3.56 8.79 -5.65
CA ILE A 66 -4.70 8.06 -5.10
C ILE A 66 -5.95 8.93 -5.10
N ASP A 67 -5.77 10.22 -4.82
CA ASP A 67 -6.88 11.15 -4.78
C ASP A 67 -7.38 11.47 -6.19
N LYS A 68 -6.45 11.56 -7.13
CA LYS A 68 -6.79 11.86 -8.52
C LYS A 68 -7.22 10.59 -9.26
N VAL A 69 -7.99 9.74 -8.57
CA VAL A 69 -8.47 8.50 -9.16
C VAL A 69 -9.95 8.59 -9.50
N ILE A 70 -10.26 8.49 -10.78
CA ILE A 70 -11.65 8.57 -11.23
C ILE A 70 -12.09 7.24 -11.86
N ALA A 71 -11.21 6.64 -12.65
CA ALA A 71 -11.50 5.38 -13.30
C ALA A 71 -12.20 4.42 -12.36
N LYS A 72 -12.98 3.50 -12.92
CA LYS A 72 -13.72 2.52 -12.12
C LYS A 72 -13.09 1.13 -12.25
N CYS A 73 -13.02 0.43 -11.13
CA CYS A 73 -12.45 -0.92 -11.12
C CYS A 73 -13.39 -1.92 -11.78
N THR A 74 -12.81 -2.84 -12.54
CA THR A 74 -13.59 -3.85 -13.24
C THR A 74 -13.53 -5.19 -12.51
N GLY A 75 -12.41 -5.45 -11.85
CA GLY A 75 -12.24 -6.69 -11.12
C GLY A 75 -12.44 -7.91 -12.00
N SER A 76 -11.36 -8.64 -12.25
CA SER A 76 -11.42 -9.83 -13.09
C SER A 76 -10.68 -10.99 -12.44
N ALA A 77 -11.21 -12.19 -12.62
CA ALA A 77 -10.59 -13.39 -12.05
C ALA A 77 -9.89 -14.21 -13.12
N GLY A 1 25.06 -22.17 48.76
CA GLY A 1 25.14 -21.19 47.69
C GLY A 1 23.86 -20.41 47.53
N SER A 2 23.75 -19.69 46.41
CA SER A 2 22.55 -18.89 46.13
C SER A 2 22.38 -18.68 44.63
N SER A 3 21.13 -18.56 44.20
CA SER A 3 20.81 -18.36 42.80
C SER A 3 19.42 -17.75 42.62
N GLY A 4 19.08 -17.43 41.38
CA GLY A 4 17.78 -16.85 41.11
C GLY A 4 17.30 -17.14 39.70
N SER A 5 16.18 -16.53 39.31
CA SER A 5 15.62 -16.73 37.98
C SER A 5 14.73 -15.55 37.58
N SER A 6 14.29 -15.54 36.33
CA SER A 6 13.45 -14.47 35.83
C SER A 6 12.84 -14.86 34.47
N GLY A 7 11.77 -14.16 34.09
CA GLY A 7 11.12 -14.44 32.83
C GLY A 7 10.41 -13.21 32.26
N GLN A 8 9.79 -13.38 31.10
CA GLN A 8 9.08 -12.29 30.45
C GLN A 8 8.07 -12.82 29.44
N ARG A 9 7.13 -11.98 29.05
CA ARG A 9 6.11 -12.35 28.08
C ARG A 9 6.33 -11.65 26.74
N ARG A 10 5.93 -12.32 25.66
CA ARG A 10 6.09 -11.76 24.32
C ARG A 10 4.77 -11.82 23.55
N GLY A 11 4.74 -11.13 22.41
CA GLY A 11 3.53 -11.12 21.60
C GLY A 11 3.36 -9.82 20.84
N ALA A 12 4.29 -9.55 19.93
CA ALA A 12 4.23 -8.33 19.14
C ALA A 12 2.84 -8.10 18.57
N ILE A 13 2.63 -6.95 17.92
CA ILE A 13 1.34 -6.62 17.33
C ILE A 13 1.47 -6.38 15.83
N LYS A 14 0.40 -6.67 15.11
CA LYS A 14 0.38 -6.47 13.66
C LYS A 14 -0.83 -5.65 13.23
N GLN A 15 -0.59 -4.40 12.86
CA GLN A 15 -1.66 -3.52 12.43
C GLN A 15 -1.60 -3.27 10.93
N ALA A 16 -2.77 -3.14 10.31
CA ALA A 16 -2.85 -2.91 8.87
C ALA A 16 -4.08 -2.10 8.51
N LYS A 17 -4.16 -1.68 7.25
CA LYS A 17 -5.30 -0.90 6.77
C LYS A 17 -5.35 -0.88 5.26
N VAL A 18 -6.56 -0.78 4.71
CA VAL A 18 -6.75 -0.75 3.27
C VAL A 18 -7.58 0.46 2.84
N HIS A 19 -7.04 1.26 1.93
CA HIS A 19 -7.73 2.45 1.44
C HIS A 19 -8.68 2.08 0.30
N HIS A 20 -9.98 2.29 0.53
CA HIS A 20 -11.00 1.99 -0.46
C HIS A 20 -11.42 3.26 -1.21
N VAL A 21 -11.08 3.32 -2.49
CA VAL A 21 -11.44 4.48 -3.31
C VAL A 21 -11.92 4.05 -4.69
N LYS A 22 -13.12 4.51 -5.05
CA LYS A 22 -13.70 4.17 -6.35
C LYS A 22 -13.60 2.68 -6.61
N CYS A 23 -13.76 1.88 -5.56
CA CYS A 23 -13.70 0.42 -5.68
C CYS A 23 -12.27 -0.03 -5.92
N HIS A 24 -11.33 0.60 -5.21
CA HIS A 24 -9.92 0.25 -5.35
C HIS A 24 -9.26 0.09 -3.97
N GLU A 25 -8.70 -1.08 -3.73
CA GLU A 25 -8.04 -1.36 -2.45
C GLU A 25 -6.56 -1.00 -2.51
N PHE A 26 -6.28 0.29 -2.43
CA PHE A 26 -4.90 0.78 -2.48
C PHE A 26 -4.19 0.52 -1.15
N THR A 27 -3.27 -0.45 -1.16
CA THR A 27 -2.52 -0.80 0.03
C THR A 27 -1.05 -0.45 -0.12
N ALA A 28 -0.50 0.23 0.89
CA ALA A 28 0.90 0.63 0.87
C ALA A 28 1.80 -0.54 0.44
N THR A 29 2.23 -0.52 -0.82
CA THR A 29 3.08 -1.57 -1.35
C THR A 29 4.39 -1.01 -1.87
N PHE A 30 5.44 -1.82 -1.84
CA PHE A 30 6.75 -1.39 -2.31
C PHE A 30 7.15 -2.15 -3.58
N PHE A 31 7.27 -1.43 -4.69
CA PHE A 31 7.64 -2.04 -5.96
C PHE A 31 9.16 -2.07 -6.13
N PRO A 32 9.69 -3.25 -6.44
CA PRO A 32 11.14 -3.45 -6.63
C PRO A 32 11.64 -2.76 -7.90
N GLN A 33 10.74 -2.53 -8.85
CA GLN A 33 11.10 -1.88 -10.11
C GLN A 33 10.25 -0.64 -10.34
N PRO A 34 10.79 0.31 -11.12
CA PRO A 34 10.10 1.57 -11.44
C PRO A 34 8.91 1.34 -12.36
N THR A 35 7.72 1.65 -11.85
CA THR A 35 6.49 1.48 -12.63
C THR A 35 5.95 2.83 -13.09
N PHE A 36 5.22 2.83 -14.20
CA PHE A 36 4.64 4.05 -14.74
C PHE A 36 3.21 4.25 -14.25
N CYS A 37 2.99 5.32 -13.49
CA CYS A 37 1.67 5.61 -12.96
C CYS A 37 0.60 5.44 -14.02
N SER A 38 -0.64 5.28 -13.59
CA SER A 38 -1.76 5.10 -14.51
C SER A 38 -2.59 6.37 -14.62
N VAL A 39 -2.69 7.11 -13.52
CA VAL A 39 -3.44 8.35 -13.49
C VAL A 39 -2.67 9.48 -14.16
N CYS A 40 -1.58 9.90 -13.53
CA CYS A 40 -0.75 10.98 -14.05
C CYS A 40 0.18 10.46 -15.15
N HIS A 41 0.48 9.16 -15.08
CA HIS A 41 1.36 8.53 -16.06
C HIS A 41 2.77 9.11 -15.97
N GLU A 42 3.29 9.19 -14.75
CA GLU A 42 4.63 9.73 -14.52
C GLU A 42 5.53 8.69 -13.85
N PHE A 43 6.83 8.79 -14.10
CA PHE A 43 7.79 7.86 -13.51
C PHE A 43 7.60 7.74 -12.00
N VAL A 44 7.23 6.55 -11.56
CA VAL A 44 7.01 6.30 -10.13
C VAL A 44 8.18 5.54 -9.52
N TRP A 45 9.30 6.22 -9.34
CA TRP A 45 10.49 5.62 -8.76
C TRP A 45 11.60 6.65 -8.59
N GLY A 46 12.60 6.32 -7.77
CA GLY A 46 13.70 7.22 -7.53
C GLY A 46 13.88 7.53 -6.05
N LEU A 47 14.02 6.50 -5.24
CA LEU A 47 14.20 6.68 -3.80
C LEU A 47 13.40 7.87 -3.30
N ASN A 48 12.18 8.01 -3.80
CA ASN A 48 11.31 9.11 -3.40
C ASN A 48 10.25 8.64 -2.40
N LYS A 49 9.42 7.70 -2.84
CA LYS A 49 8.36 7.16 -1.99
C LYS A 49 7.63 6.03 -2.70
N GLN A 50 6.99 5.17 -1.91
CA GLN A 50 6.24 4.04 -2.46
C GLN A 50 4.90 4.49 -3.01
N GLY A 51 4.29 3.66 -3.85
CA GLY A 51 3.01 3.99 -4.44
C GLY A 51 1.88 3.14 -3.89
N TYR A 52 0.83 2.97 -4.68
CA TYR A 52 -0.32 2.16 -4.26
C TYR A 52 -0.64 1.10 -5.30
N GLN A 53 -1.19 -0.02 -4.83
CA GLN A 53 -1.55 -1.12 -5.72
C GLN A 53 -2.90 -1.72 -5.33
N CYS A 54 -3.86 -1.66 -6.25
CA CYS A 54 -5.19 -2.20 -6.00
C CYS A 54 -5.17 -3.72 -6.04
N ARG A 55 -5.79 -4.34 -5.03
CA ARG A 55 -5.86 -5.79 -4.95
C ARG A 55 -7.00 -6.33 -5.80
N GLN A 56 -7.41 -5.56 -6.80
CA GLN A 56 -8.50 -5.97 -7.68
C GLN A 56 -8.11 -5.80 -9.15
N CYS A 57 -7.71 -4.58 -9.51
CA CYS A 57 -7.31 -4.29 -10.88
C CYS A 57 -5.78 -4.32 -11.02
N ASN A 58 -5.09 -4.10 -9.91
CA ASN A 58 -3.63 -4.10 -9.92
C ASN A 58 -3.08 -2.85 -10.58
N ALA A 59 -3.65 -1.69 -10.23
CA ALA A 59 -3.21 -0.42 -10.80
C ALA A 59 -2.19 0.25 -9.90
N ALA A 60 -1.00 0.50 -10.44
CA ALA A 60 0.07 1.16 -9.69
C ALA A 60 0.04 2.66 -9.89
N ILE A 61 -0.11 3.40 -8.80
CA ILE A 61 -0.14 4.86 -8.86
C ILE A 61 0.54 5.48 -7.65
N HIS A 62 0.72 6.79 -7.68
CA HIS A 62 1.35 7.51 -6.58
C HIS A 62 0.51 7.43 -5.31
N LYS A 63 1.02 7.97 -4.22
CA LYS A 63 0.31 7.97 -2.95
C LYS A 63 -0.79 9.04 -2.94
N LYS A 64 -0.57 10.12 -3.70
CA LYS A 64 -1.53 11.20 -3.78
C LYS A 64 -2.48 11.01 -4.95
N CYS A 65 -1.94 10.52 -6.07
CA CYS A 65 -2.74 10.28 -7.27
C CYS A 65 -4.03 9.53 -6.92
N ILE A 66 -4.03 8.88 -5.77
CA ILE A 66 -5.20 8.12 -5.33
C ILE A 66 -6.46 8.99 -5.38
N ASP A 67 -6.27 10.30 -5.27
CA ASP A 67 -7.41 11.23 -5.31
C ASP A 67 -7.84 11.49 -6.74
N LYS A 68 -6.88 11.47 -7.67
CA LYS A 68 -7.17 11.71 -9.08
C LYS A 68 -7.65 10.43 -9.76
N VAL A 69 -8.35 9.59 -9.00
CA VAL A 69 -8.86 8.33 -9.54
C VAL A 69 -10.38 8.35 -9.61
N ILE A 70 -10.92 8.19 -10.82
CA ILE A 70 -12.36 8.19 -11.03
C ILE A 70 -12.82 6.87 -11.65
N ALA A 71 -12.01 6.34 -12.57
CA ALA A 71 -12.34 5.08 -13.23
C ALA A 71 -12.76 4.03 -12.22
N LYS A 72 -13.80 3.27 -12.57
CA LYS A 72 -14.30 2.21 -11.70
C LYS A 72 -13.51 0.92 -11.88
N CYS A 73 -13.25 0.23 -10.78
CA CYS A 73 -12.51 -1.03 -10.82
C CYS A 73 -13.35 -2.14 -11.45
N THR A 74 -12.70 -2.98 -12.25
CA THR A 74 -13.39 -4.08 -12.91
C THR A 74 -12.96 -5.42 -12.32
N GLY A 75 -11.65 -5.57 -12.10
CA GLY A 75 -11.14 -6.81 -11.54
C GLY A 75 -10.63 -7.76 -12.61
N SER A 76 -9.73 -7.27 -13.46
CA SER A 76 -9.18 -8.08 -14.53
C SER A 76 -7.89 -8.76 -14.08
N ALA A 77 -7.62 -9.94 -14.65
CA ALA A 77 -6.42 -10.70 -14.31
C ALA A 77 -5.17 -9.97 -14.77
N GLY A 1 26.68 -5.27 50.18
CA GLY A 1 25.83 -4.32 49.47
C GLY A 1 24.84 -5.02 48.55
N SER A 2 25.17 -5.07 47.26
CA SER A 2 24.29 -5.70 46.28
C SER A 2 22.95 -4.98 46.21
N SER A 3 23.00 -3.65 46.21
CA SER A 3 21.78 -2.84 46.14
C SER A 3 21.61 -2.24 44.76
N GLY A 4 20.45 -2.53 44.14
CA GLY A 4 20.18 -2.01 42.81
C GLY A 4 18.72 -1.65 42.62
N SER A 5 18.34 -1.32 41.39
CA SER A 5 16.97 -0.95 41.08
C SER A 5 16.63 -1.29 39.63
N SER A 6 15.36 -1.51 39.36
CA SER A 6 14.90 -1.83 38.02
C SER A 6 14.71 -0.57 37.18
N GLY A 7 14.38 -0.75 35.91
CA GLY A 7 14.18 0.38 35.03
C GLY A 7 12.82 0.35 34.35
N GLN A 8 12.50 1.42 33.61
CA GLN A 8 11.23 1.51 32.91
C GLN A 8 11.44 1.72 31.42
N ARG A 9 10.70 0.94 30.62
CA ARG A 9 10.81 1.04 29.17
C ARG A 9 9.43 1.02 28.52
N ARG A 10 9.28 1.78 27.44
CA ARG A 10 8.01 1.85 26.73
C ARG A 10 8.12 1.20 25.36
N GLY A 11 6.99 1.17 24.63
CA GLY A 11 6.99 0.57 23.31
C GLY A 11 6.08 1.31 22.34
N ALA A 12 5.80 0.69 21.21
CA ALA A 12 4.95 1.30 20.19
C ALA A 12 4.56 0.28 19.12
N ILE A 13 3.67 0.68 18.23
CA ILE A 13 3.22 -0.19 17.14
C ILE A 13 2.55 0.62 16.03
N LYS A 14 2.76 0.17 14.80
CA LYS A 14 2.17 0.85 13.63
C LYS A 14 0.85 0.20 13.23
N GLN A 15 -0.05 1.00 12.69
CA GLN A 15 -1.35 0.50 12.26
C GLN A 15 -1.40 0.34 10.74
N ALA A 16 -2.29 -0.53 10.28
CA ALA A 16 -2.44 -0.78 8.85
C ALA A 16 -3.89 -1.06 8.49
N LYS A 17 -4.33 -0.49 7.37
CA LYS A 17 -5.70 -0.67 6.91
C LYS A 17 -5.82 -0.35 5.42
N VAL A 18 -6.74 -1.04 4.74
CA VAL A 18 -6.96 -0.81 3.32
C VAL A 18 -7.87 0.38 3.08
N HIS A 19 -7.48 1.24 2.15
CA HIS A 19 -8.26 2.43 1.82
C HIS A 19 -9.18 2.17 0.62
N HIS A 20 -10.46 2.42 0.81
CA HIS A 20 -11.45 2.22 -0.24
C HIS A 20 -11.61 3.48 -1.08
N VAL A 21 -11.24 3.40 -2.35
CA VAL A 21 -11.34 4.53 -3.27
C VAL A 21 -11.80 4.08 -4.65
N LYS A 22 -12.85 4.73 -5.15
CA LYS A 22 -13.40 4.40 -6.46
C LYS A 22 -13.39 2.89 -6.69
N CYS A 23 -13.80 2.15 -5.67
CA CYS A 23 -13.85 0.69 -5.77
C CYS A 23 -12.45 0.11 -5.96
N HIS A 24 -11.49 0.61 -5.18
CA HIS A 24 -10.12 0.14 -5.27
C HIS A 24 -9.51 -0.04 -3.88
N GLU A 25 -8.88 -1.19 -3.66
CA GLU A 25 -8.26 -1.48 -2.37
C GLU A 25 -6.77 -1.19 -2.40
N PHE A 26 -6.42 0.10 -2.31
CA PHE A 26 -5.03 0.51 -2.33
C PHE A 26 -4.31 0.06 -1.07
N THR A 27 -3.05 -0.35 -1.24
CA THR A 27 -2.25 -0.81 -0.10
C THR A 27 -0.81 -0.33 -0.23
N ALA A 28 -0.34 0.37 0.80
CA ALA A 28 1.02 0.89 0.82
C ALA A 28 2.03 -0.20 0.44
N THR A 29 2.60 -0.06 -0.76
CA THR A 29 3.58 -1.04 -1.24
C THR A 29 4.80 -0.34 -1.83
N PHE A 30 5.94 -0.99 -1.75
CA PHE A 30 7.19 -0.44 -2.29
C PHE A 30 7.55 -1.10 -3.62
N PHE A 31 7.54 -0.30 -4.68
CA PHE A 31 7.87 -0.81 -6.01
C PHE A 31 9.35 -0.66 -6.30
N PRO A 32 10.07 -1.79 -6.30
CA PRO A 32 11.52 -1.81 -6.55
C PRO A 32 11.85 -1.49 -8.01
N GLN A 33 10.82 -1.37 -8.84
CA GLN A 33 11.00 -1.07 -10.25
C GLN A 33 10.12 0.10 -10.67
N PRO A 34 10.55 0.83 -11.72
CA PRO A 34 9.81 1.97 -12.25
C PRO A 34 8.52 1.57 -12.94
N THR A 35 7.39 1.88 -12.31
CA THR A 35 6.08 1.54 -12.87
C THR A 35 5.40 2.78 -13.45
N PHE A 36 4.47 2.55 -14.37
CA PHE A 36 3.75 3.63 -15.01
C PHE A 36 2.45 3.94 -14.26
N CYS A 37 2.38 5.12 -13.65
CA CYS A 37 1.20 5.52 -12.90
C CYS A 37 -0.02 5.61 -13.82
N SER A 38 -1.10 4.94 -13.43
CA SER A 38 -2.33 4.94 -14.21
C SER A 38 -3.17 6.18 -13.91
N VAL A 39 -2.53 7.20 -13.34
CA VAL A 39 -3.21 8.44 -13.00
C VAL A 39 -2.49 9.65 -13.59
N CYS A 40 -1.24 9.82 -13.20
CA CYS A 40 -0.43 10.94 -13.69
C CYS A 40 0.48 10.49 -14.82
N HIS A 41 0.66 9.18 -14.96
CA HIS A 41 1.51 8.63 -16.00
C HIS A 41 2.96 9.09 -15.83
N GLU A 42 3.48 8.95 -14.61
CA GLU A 42 4.85 9.35 -14.32
C GLU A 42 5.63 8.20 -13.70
N PHE A 43 6.88 8.06 -14.10
CA PHE A 43 7.75 6.99 -13.59
C PHE A 43 7.53 6.80 -12.09
N VAL A 44 7.37 5.54 -11.68
CA VAL A 44 7.17 5.23 -10.28
C VAL A 44 8.27 4.32 -9.74
N TRP A 45 9.31 4.92 -9.22
CA TRP A 45 10.44 4.17 -8.67
C TRP A 45 11.05 4.88 -7.46
N GLY A 46 12.00 4.23 -6.82
CA GLY A 46 12.64 4.82 -5.65
C GLY A 46 12.12 4.24 -4.35
N LEU A 47 12.99 4.18 -3.35
CA LEU A 47 12.62 3.66 -2.04
C LEU A 47 11.47 4.45 -1.43
N ASN A 48 11.58 5.78 -1.51
CA ASN A 48 10.55 6.66 -0.97
C ASN A 48 9.39 6.81 -1.94
N LYS A 49 8.42 7.65 -1.59
CA LYS A 49 7.26 7.87 -2.43
C LYS A 49 6.50 6.58 -2.69
N GLN A 50 6.25 5.82 -1.62
CA GLN A 50 5.54 4.55 -1.73
C GLN A 50 4.38 4.67 -2.73
N GLY A 51 3.92 3.52 -3.22
CA GLY A 51 2.83 3.51 -4.17
C GLY A 51 1.60 2.79 -3.65
N TYR A 52 0.64 2.55 -4.53
CA TYR A 52 -0.59 1.87 -4.14
C TYR A 52 -1.01 0.85 -5.20
N GLN A 53 -1.30 -0.38 -4.77
CA GLN A 53 -1.71 -1.44 -5.67
C GLN A 53 -3.08 -1.99 -5.28
N CYS A 54 -4.03 -1.87 -6.20
CA CYS A 54 -5.39 -2.35 -5.95
C CYS A 54 -5.41 -3.87 -5.81
N ARG A 55 -6.48 -4.39 -5.24
CA ARG A 55 -6.62 -5.83 -5.04
C ARG A 55 -7.40 -6.47 -6.19
N GLN A 56 -8.22 -5.65 -6.86
CA GLN A 56 -9.02 -6.14 -7.98
C GLN A 56 -8.31 -5.90 -9.30
N CYS A 57 -8.30 -4.64 -9.74
CA CYS A 57 -7.66 -4.26 -11.00
C CYS A 57 -6.15 -4.30 -10.86
N ASN A 58 -5.67 -4.18 -9.63
CA ASN A 58 -4.24 -4.21 -9.35
C ASN A 58 -3.52 -3.06 -10.09
N ALA A 59 -4.02 -1.85 -9.90
CA ALA A 59 -3.44 -0.67 -10.53
C ALA A 59 -2.38 -0.03 -9.64
N ALA A 60 -1.21 0.23 -10.21
CA ALA A 60 -0.12 0.84 -9.47
C ALA A 60 -0.09 2.35 -9.69
N ILE A 61 -0.21 3.10 -8.60
CA ILE A 61 -0.20 4.56 -8.67
C ILE A 61 0.48 5.16 -7.44
N HIS A 62 0.81 6.45 -7.53
CA HIS A 62 1.46 7.15 -6.43
C HIS A 62 0.46 7.43 -5.31
N LYS A 63 0.97 7.56 -4.09
CA LYS A 63 0.14 7.84 -2.93
C LYS A 63 -0.66 9.12 -3.13
N LYS A 64 -0.05 10.11 -3.77
CA LYS A 64 -0.70 11.39 -4.03
C LYS A 64 -1.73 11.25 -5.16
N CYS A 65 -1.48 10.33 -6.08
CA CYS A 65 -2.38 10.10 -7.20
C CYS A 65 -3.51 9.16 -6.80
N ILE A 66 -3.85 9.16 -5.52
CA ILE A 66 -4.92 8.31 -5.01
C ILE A 66 -6.29 8.96 -5.17
N ASP A 67 -6.33 10.27 -4.94
CA ASP A 67 -7.58 11.02 -5.07
C ASP A 67 -7.87 11.35 -6.53
N LYS A 68 -6.82 11.36 -7.35
CA LYS A 68 -6.97 11.66 -8.77
C LYS A 68 -7.36 10.41 -9.55
N VAL A 69 -8.06 9.50 -8.89
CA VAL A 69 -8.50 8.26 -9.53
C VAL A 69 -9.98 8.31 -9.88
N ILE A 70 -10.28 8.14 -11.16
CA ILE A 70 -11.67 8.17 -11.62
C ILE A 70 -12.08 6.81 -12.20
N ALA A 71 -11.23 6.26 -13.06
CA ALA A 71 -11.50 4.97 -13.68
C ALA A 71 -12.02 3.97 -12.65
N LYS A 72 -13.18 3.38 -12.94
CA LYS A 72 -13.78 2.41 -12.05
C LYS A 72 -13.06 1.07 -12.13
N CYS A 73 -13.13 0.30 -11.05
CA CYS A 73 -12.47 -1.01 -11.00
C CYS A 73 -13.31 -2.06 -11.72
N THR A 74 -12.68 -2.75 -12.68
CA THR A 74 -13.38 -3.78 -13.44
C THR A 74 -12.75 -5.15 -13.19
N GLY A 75 -12.36 -5.40 -11.95
CA GLY A 75 -11.76 -6.69 -11.60
C GLY A 75 -12.79 -7.72 -11.18
N SER A 76 -13.64 -8.12 -12.12
CA SER A 76 -14.68 -9.10 -11.84
C SER A 76 -15.74 -8.52 -10.90
N ALA A 77 -15.88 -7.20 -10.93
CA ALA A 77 -16.86 -6.52 -10.08
C ALA A 77 -18.18 -6.32 -10.82
N GLY A 1 18.09 -19.29 54.18
CA GLY A 1 17.59 -19.72 52.89
C GLY A 1 16.76 -18.64 52.20
N SER A 2 16.85 -18.59 50.88
CA SER A 2 16.12 -17.58 50.10
C SER A 2 15.85 -18.09 48.69
N SER A 3 14.81 -17.55 48.07
CA SER A 3 14.44 -17.95 46.71
C SER A 3 13.58 -16.87 46.05
N GLY A 4 13.39 -17.02 44.74
CA GLY A 4 12.59 -16.06 44.01
C GLY A 4 12.57 -16.33 42.51
N SER A 5 11.80 -15.55 41.77
CA SER A 5 11.70 -15.71 40.32
C SER A 5 11.16 -14.45 39.67
N SER A 6 11.79 -14.04 38.57
CA SER A 6 11.38 -12.84 37.85
C SER A 6 11.60 -13.01 36.35
N GLY A 7 10.66 -12.52 35.55
CA GLY A 7 10.79 -12.61 34.11
C GLY A 7 10.50 -11.29 33.42
N GLN A 8 10.47 -11.32 32.08
CA GLN A 8 10.20 -10.13 31.30
C GLN A 8 9.46 -10.48 30.01
N ARG A 9 8.88 -9.47 29.38
CA ARG A 9 8.14 -9.67 28.14
C ARG A 9 8.48 -8.57 27.13
N ARG A 10 8.80 -8.98 25.89
CA ARG A 10 9.14 -8.05 24.84
C ARG A 10 8.72 -8.58 23.48
N GLY A 11 8.28 -7.68 22.60
CA GLY A 11 7.86 -8.08 21.27
C GLY A 11 6.86 -7.11 20.67
N ALA A 12 7.34 -6.27 19.76
CA ALA A 12 6.48 -5.29 19.10
C ALA A 12 5.88 -5.86 17.81
N ILE A 13 4.83 -5.21 17.32
CA ILE A 13 4.17 -5.65 16.09
C ILE A 13 3.60 -4.46 15.32
N LYS A 14 3.46 -4.62 14.02
CA LYS A 14 2.92 -3.57 13.16
C LYS A 14 2.06 -4.16 12.05
N GLN A 15 0.97 -3.47 11.73
CA GLN A 15 0.07 -3.92 10.67
C GLN A 15 -0.35 -2.77 9.78
N ALA A 16 -0.77 -3.09 8.55
CA ALA A 16 -1.21 -2.08 7.60
C ALA A 16 -2.71 -2.12 7.40
N LYS A 17 -3.20 -1.30 6.48
CA LYS A 17 -4.63 -1.24 6.18
C LYS A 17 -4.87 -1.15 4.68
N VAL A 18 -6.12 -1.37 4.27
CA VAL A 18 -6.48 -1.30 2.85
C VAL A 18 -7.45 -0.17 2.58
N HIS A 19 -6.96 0.86 1.88
CA HIS A 19 -7.80 2.02 1.56
C HIS A 19 -8.86 1.65 0.52
N HIS A 20 -9.91 2.46 0.45
CA HIS A 20 -10.99 2.21 -0.50
C HIS A 20 -11.25 3.45 -1.36
N VAL A 21 -10.90 3.36 -2.63
CA VAL A 21 -11.09 4.46 -3.57
C VAL A 21 -11.63 3.97 -4.91
N LYS A 22 -12.69 4.62 -5.38
CA LYS A 22 -13.31 4.25 -6.65
C LYS A 22 -13.27 2.74 -6.86
N CYS A 23 -13.63 2.00 -5.81
CA CYS A 23 -13.64 0.54 -5.87
C CYS A 23 -12.24 -0.01 -6.08
N HIS A 24 -11.29 0.52 -5.32
CA HIS A 24 -9.89 0.08 -5.42
C HIS A 24 -9.27 -0.09 -4.04
N GLU A 25 -8.67 -1.25 -3.81
CA GLU A 25 -8.05 -1.55 -2.52
C GLU A 25 -6.60 -1.05 -2.50
N PHE A 26 -6.43 0.26 -2.34
CA PHE A 26 -5.11 0.86 -2.31
C PHE A 26 -4.44 0.65 -0.94
N THR A 27 -3.23 0.09 -0.96
CA THR A 27 -2.50 -0.17 0.28
C THR A 27 -1.00 -0.03 0.06
N ALA A 28 -0.34 0.65 0.99
CA ALA A 28 1.10 0.86 0.91
C ALA A 28 1.82 -0.41 0.45
N THR A 29 2.43 -0.35 -0.72
CA THR A 29 3.15 -1.49 -1.27
C THR A 29 4.49 -1.08 -1.84
N PHE A 30 5.41 -2.04 -1.96
CA PHE A 30 6.74 -1.77 -2.49
C PHE A 30 6.95 -2.48 -3.82
N PHE A 31 7.17 -1.71 -4.88
CA PHE A 31 7.38 -2.27 -6.21
C PHE A 31 8.88 -2.44 -6.50
N PRO A 32 9.26 -3.65 -6.90
CA PRO A 32 10.66 -3.97 -7.22
C PRO A 32 11.14 -3.28 -8.49
N GLN A 33 10.19 -2.90 -9.35
CA GLN A 33 10.52 -2.23 -10.60
C GLN A 33 9.74 -0.93 -10.74
N PRO A 34 10.24 -0.02 -11.59
CA PRO A 34 9.61 1.28 -11.84
C PRO A 34 8.30 1.14 -12.60
N THR A 35 7.19 1.39 -11.92
CA THR A 35 5.87 1.30 -12.54
C THR A 35 5.37 2.67 -12.98
N PHE A 36 4.45 2.68 -13.94
CA PHE A 36 3.90 3.92 -14.45
C PHE A 36 2.58 4.25 -13.77
N CYS A 37 2.37 5.53 -13.48
CA CYS A 37 1.15 5.98 -12.83
C CYS A 37 0.01 6.11 -13.84
N SER A 38 -1.10 5.43 -13.56
CA SER A 38 -2.25 5.46 -14.45
C SER A 38 -3.16 6.64 -14.12
N VAL A 39 -2.58 7.65 -13.48
CA VAL A 39 -3.33 8.85 -13.11
C VAL A 39 -2.71 10.10 -13.71
N CYS A 40 -1.39 10.23 -13.56
CA CYS A 40 -0.67 11.39 -14.10
C CYS A 40 0.32 10.94 -15.18
N HIS A 41 0.53 9.65 -15.29
CA HIS A 41 1.45 9.10 -16.29
C HIS A 41 2.88 9.58 -16.03
N GLU A 42 3.34 9.39 -14.79
CA GLU A 42 4.70 9.80 -14.42
C GLU A 42 5.43 8.68 -13.69
N PHE A 43 6.69 8.47 -14.04
CA PHE A 43 7.50 7.42 -13.42
C PHE A 43 7.18 7.31 -11.93
N VAL A 44 6.84 6.10 -11.49
CA VAL A 44 6.52 5.85 -10.10
C VAL A 44 7.59 5.00 -9.42
N TRP A 45 8.69 5.64 -9.03
CA TRP A 45 9.79 4.93 -8.37
C TRP A 45 10.85 5.92 -7.89
N GLY A 46 11.62 5.50 -6.89
CA GLY A 46 12.66 6.36 -6.36
C GLY A 46 12.12 7.41 -5.41
N LEU A 47 11.22 8.25 -5.91
CA LEU A 47 10.62 9.30 -5.09
C LEU A 47 9.22 8.91 -4.64
N ASN A 48 8.68 9.65 -3.68
CA ASN A 48 7.35 9.39 -3.15
C ASN A 48 7.11 7.89 -3.03
N LYS A 49 8.11 7.17 -2.54
CA LYS A 49 8.01 5.73 -2.36
C LYS A 49 6.72 5.36 -1.62
N GLN A 50 6.48 4.06 -1.48
CA GLN A 50 5.29 3.57 -0.79
C GLN A 50 4.03 3.95 -1.57
N GLY A 51 3.98 3.57 -2.84
CA GLY A 51 2.83 3.86 -3.66
C GLY A 51 1.61 3.09 -3.24
N TYR A 52 0.62 3.00 -4.14
CA TYR A 52 -0.61 2.28 -3.86
C TYR A 52 -0.90 1.25 -4.95
N GLN A 53 -1.19 0.03 -4.53
CA GLN A 53 -1.49 -1.06 -5.47
C GLN A 53 -2.83 -1.71 -5.14
N CYS A 54 -3.72 -1.75 -6.12
CA CYS A 54 -5.04 -2.35 -5.94
C CYS A 54 -4.96 -3.87 -5.98
N ARG A 55 -5.55 -4.51 -4.98
CA ARG A 55 -5.54 -5.97 -4.90
C ARG A 55 -6.62 -6.56 -5.80
N GLN A 56 -7.09 -5.78 -6.76
CA GLN A 56 -8.13 -6.23 -7.68
C GLN A 56 -7.67 -6.07 -9.13
N CYS A 57 -7.41 -4.82 -9.52
CA CYS A 57 -6.97 -4.54 -10.88
C CYS A 57 -5.44 -4.50 -10.96
N ASN A 58 -4.80 -4.24 -9.84
CA ASN A 58 -3.34 -4.18 -9.78
C ASN A 58 -2.81 -2.92 -10.45
N ALA A 59 -3.43 -1.79 -10.12
CA ALA A 59 -3.03 -0.50 -10.68
C ALA A 59 -2.07 0.23 -9.74
N ALA A 60 -0.88 0.55 -10.23
CA ALA A 60 0.11 1.25 -9.43
C ALA A 60 0.07 2.76 -9.71
N ILE A 61 -0.14 3.54 -8.65
CA ILE A 61 -0.20 4.99 -8.79
C ILE A 61 0.47 5.68 -7.60
N HIS A 62 0.70 6.98 -7.73
CA HIS A 62 1.34 7.76 -6.68
C HIS A 62 0.40 7.92 -5.49
N LYS A 63 0.97 8.05 -4.30
CA LYS A 63 0.18 8.22 -3.09
C LYS A 63 -0.73 9.45 -3.18
N LYS A 64 -0.23 10.49 -3.85
CA LYS A 64 -0.98 11.72 -4.02
C LYS A 64 -1.99 11.59 -5.16
N CYS A 65 -1.68 10.71 -6.11
CA CYS A 65 -2.56 10.49 -7.26
C CYS A 65 -3.68 9.52 -6.90
N ILE A 66 -4.05 9.48 -5.63
CA ILE A 66 -5.11 8.59 -5.17
C ILE A 66 -6.47 9.24 -5.32
N ASP A 67 -6.55 10.54 -5.03
CA ASP A 67 -7.79 11.28 -5.14
C ASP A 67 -8.14 11.54 -6.60
N LYS A 68 -7.11 11.66 -7.44
CA LYS A 68 -7.30 11.92 -8.86
C LYS A 68 -7.58 10.61 -9.61
N VAL A 69 -8.30 9.70 -8.97
CA VAL A 69 -8.63 8.42 -9.58
C VAL A 69 -10.13 8.30 -9.84
N ILE A 70 -10.48 7.95 -11.07
CA ILE A 70 -11.88 7.81 -11.45
C ILE A 70 -12.15 6.43 -12.06
N ALA A 71 -11.35 6.07 -13.07
CA ALA A 71 -11.51 4.77 -13.73
C ALA A 71 -11.92 3.70 -12.74
N LYS A 72 -13.11 3.13 -12.94
CA LYS A 72 -13.63 2.09 -12.08
C LYS A 72 -12.76 0.84 -12.15
N CYS A 73 -12.88 -0.01 -11.13
CA CYS A 73 -12.09 -1.25 -11.07
C CYS A 73 -12.83 -2.38 -11.79
N THR A 74 -12.05 -3.25 -12.45
CA THR A 74 -12.62 -4.37 -13.18
C THR A 74 -12.67 -5.62 -12.31
N GLY A 75 -11.62 -5.83 -11.53
CA GLY A 75 -11.56 -7.00 -10.66
C GLY A 75 -11.28 -8.27 -11.43
N SER A 76 -10.08 -8.82 -11.25
CA SER A 76 -9.69 -10.05 -11.93
C SER A 76 -9.55 -11.20 -10.93
N ALA A 77 -10.26 -11.11 -9.82
CA ALA A 77 -10.22 -12.14 -8.79
C ALA A 77 -11.59 -12.74 -8.57
N GLY A 1 18.40 -6.24 56.38
CA GLY A 1 17.77 -6.88 55.24
C GLY A 1 17.70 -5.95 54.04
N SER A 2 17.45 -6.53 52.86
CA SER A 2 17.35 -5.76 51.63
C SER A 2 16.75 -6.59 50.51
N SER A 3 15.79 -6.00 49.79
CA SER A 3 15.12 -6.69 48.69
C SER A 3 14.17 -5.75 47.97
N GLY A 4 13.79 -6.13 46.75
CA GLY A 4 12.89 -5.31 45.97
C GLY A 4 12.61 -5.90 44.59
N SER A 5 11.49 -6.59 44.46
CA SER A 5 11.12 -7.20 43.18
C SER A 5 10.85 -6.14 42.12
N SER A 6 11.82 -5.91 41.26
CA SER A 6 11.68 -4.92 40.20
C SER A 6 11.63 -5.59 38.82
N GLY A 7 10.46 -5.57 38.20
CA GLY A 7 10.30 -6.17 36.89
C GLY A 7 9.59 -5.26 35.92
N GLN A 8 9.75 -5.55 34.62
CA GLN A 8 9.11 -4.74 33.59
C GLN A 8 8.83 -5.58 32.35
N ARG A 9 7.55 -5.70 32.01
CA ARG A 9 7.13 -6.48 30.84
C ARG A 9 6.88 -5.58 29.65
N ARG A 10 6.85 -6.18 28.46
CA ARG A 10 6.61 -5.42 27.24
C ARG A 10 5.73 -6.22 26.27
N GLY A 11 4.84 -5.51 25.57
CA GLY A 11 3.95 -6.17 24.63
C GLY A 11 3.90 -5.45 23.29
N ALA A 12 3.58 -6.20 22.24
CA ALA A 12 3.50 -5.63 20.90
C ALA A 12 2.12 -5.86 20.29
N ILE A 13 1.82 -5.14 19.22
CA ILE A 13 0.53 -5.27 18.54
C ILE A 13 0.58 -4.64 17.15
N LYS A 14 0.11 -5.39 16.16
CA LYS A 14 0.10 -4.91 14.78
C LYS A 14 -1.30 -5.05 14.17
N GLN A 15 -1.49 -4.45 13.00
CA GLN A 15 -2.77 -4.50 12.31
C GLN A 15 -2.65 -3.98 10.89
N ALA A 16 -3.73 -4.09 10.13
CA ALA A 16 -3.75 -3.62 8.74
C ALA A 16 -5.05 -2.88 8.44
N LYS A 17 -5.07 -2.20 7.29
CA LYS A 17 -6.24 -1.44 6.88
C LYS A 17 -6.29 -1.30 5.36
N VAL A 18 -7.48 -1.46 4.80
CA VAL A 18 -7.66 -1.35 3.35
C VAL A 18 -8.43 -0.09 2.99
N HIS A 19 -7.82 0.76 2.16
CA HIS A 19 -8.45 2.00 1.74
C HIS A 19 -9.37 1.76 0.55
N HIS A 20 -10.66 2.01 0.74
CA HIS A 20 -11.64 1.81 -0.33
C HIS A 20 -11.90 3.13 -1.07
N VAL A 21 -11.26 3.26 -2.23
CA VAL A 21 -11.42 4.47 -3.03
C VAL A 21 -11.82 4.13 -4.47
N LYS A 22 -13.08 4.40 -4.81
CA LYS A 22 -13.58 4.12 -6.15
C LYS A 22 -13.55 2.62 -6.44
N CYS A 23 -13.91 1.82 -5.44
CA CYS A 23 -13.92 0.37 -5.60
C CYS A 23 -12.52 -0.16 -5.83
N HIS A 24 -11.55 0.42 -5.14
CA HIS A 24 -10.15 0.01 -5.27
C HIS A 24 -9.51 -0.19 -3.90
N GLU A 25 -8.95 -1.38 -3.68
CA GLU A 25 -8.30 -1.69 -2.41
C GLU A 25 -6.81 -1.39 -2.47
N PHE A 26 -6.47 -0.11 -2.36
CA PHE A 26 -5.08 0.32 -2.40
C PHE A 26 -4.37 -0.02 -1.09
N THR A 27 -3.31 -0.81 -1.20
CA THR A 27 -2.54 -1.22 -0.02
C THR A 27 -1.06 -0.85 -0.17
N ALA A 28 -0.54 -0.14 0.82
CA ALA A 28 0.87 0.28 0.80
C ALA A 28 1.77 -0.86 0.33
N THR A 29 2.40 -0.67 -0.81
CA THR A 29 3.30 -1.69 -1.36
C THR A 29 4.61 -1.06 -1.86
N PHE A 30 5.71 -1.78 -1.67
CA PHE A 30 7.01 -1.30 -2.09
C PHE A 30 7.43 -1.93 -3.42
N PHE A 31 7.40 -1.12 -4.48
CA PHE A 31 7.77 -1.61 -5.81
C PHE A 31 9.28 -1.63 -5.98
N PRO A 32 9.82 -2.79 -6.40
CA PRO A 32 11.25 -2.97 -6.61
C PRO A 32 11.76 -2.19 -7.81
N GLN A 33 10.88 -1.94 -8.78
CA GLN A 33 11.24 -1.20 -9.98
C GLN A 33 10.24 -0.08 -10.24
N PRO A 34 10.72 0.97 -10.93
CA PRO A 34 9.88 2.13 -11.27
C PRO A 34 8.82 1.80 -12.31
N THR A 35 7.56 1.79 -11.88
CA THR A 35 6.45 1.49 -12.78
C THR A 35 5.79 2.76 -13.29
N PHE A 36 5.18 2.68 -14.45
CA PHE A 36 4.50 3.84 -15.05
C PHE A 36 3.10 4.02 -14.46
N CYS A 37 2.89 5.16 -13.82
CA CYS A 37 1.60 5.46 -13.21
C CYS A 37 0.47 5.30 -14.21
N SER A 38 -0.75 5.15 -13.71
CA SER A 38 -1.92 5.00 -14.56
C SER A 38 -2.73 6.29 -14.64
N VAL A 39 -2.65 7.08 -13.57
CA VAL A 39 -3.38 8.34 -13.50
C VAL A 39 -2.58 9.46 -14.18
N CYS A 40 -1.45 9.81 -13.59
CA CYS A 40 -0.60 10.86 -14.14
C CYS A 40 0.27 10.33 -15.27
N HIS A 41 0.48 9.01 -15.27
CA HIS A 41 1.29 8.37 -16.30
C HIS A 41 2.73 8.87 -16.24
N GLU A 42 3.28 8.92 -15.02
CA GLU A 42 4.66 9.38 -14.82
C GLU A 42 5.45 8.36 -14.01
N PHE A 43 6.66 8.07 -14.47
CA PHE A 43 7.52 7.11 -13.79
C PHE A 43 7.34 7.20 -12.27
N VAL A 44 6.65 6.22 -11.70
CA VAL A 44 6.42 6.20 -10.25
C VAL A 44 7.68 5.78 -9.50
N TRP A 45 8.57 6.74 -9.28
CA TRP A 45 9.82 6.48 -8.57
C TRP A 45 10.62 7.76 -8.38
N GLY A 46 11.22 7.91 -7.20
CA GLY A 46 12.02 9.09 -6.92
C GLY A 46 12.51 9.13 -5.49
N LEU A 47 11.81 9.88 -4.64
CA LEU A 47 12.19 9.99 -3.24
C LEU A 47 11.98 8.68 -2.51
N ASN A 48 12.22 8.69 -1.19
CA ASN A 48 12.06 7.49 -0.38
C ASN A 48 10.61 7.33 0.08
N LYS A 49 9.81 6.65 -0.74
CA LYS A 49 8.41 6.43 -0.43
C LYS A 49 7.83 5.28 -1.25
N GLN A 50 6.58 4.95 -1.00
CA GLN A 50 5.92 3.86 -1.72
C GLN A 50 4.64 4.35 -2.39
N GLY A 51 4.15 3.58 -3.36
CA GLY A 51 2.94 3.96 -4.05
C GLY A 51 1.73 3.19 -3.57
N TYR A 52 0.74 3.02 -4.44
CA TYR A 52 -0.48 2.30 -4.10
C TYR A 52 -0.85 1.30 -5.19
N GLN A 53 -1.38 0.15 -4.77
CA GLN A 53 -1.77 -0.89 -5.71
C GLN A 53 -3.09 -1.53 -5.27
N CYS A 54 -4.01 -1.69 -6.22
CA CYS A 54 -5.31 -2.29 -5.94
C CYS A 54 -5.18 -3.79 -5.76
N ARG A 55 -6.20 -4.40 -5.16
CA ARG A 55 -6.20 -5.84 -4.93
C ARG A 55 -6.84 -6.58 -6.10
N GLN A 56 -7.63 -5.86 -6.88
CA GLN A 56 -8.31 -6.45 -8.04
C GLN A 56 -7.64 -6.01 -9.34
N CYS A 57 -7.82 -4.73 -9.68
CA CYS A 57 -7.24 -4.19 -10.90
C CYS A 57 -5.72 -4.04 -10.77
N ASN A 58 -5.24 -4.09 -9.54
CA ASN A 58 -3.80 -3.97 -9.28
C ASN A 58 -3.24 -2.74 -9.97
N ALA A 59 -3.91 -1.61 -9.83
CA ALA A 59 -3.46 -0.36 -10.44
C ALA A 59 -2.38 0.32 -9.60
N ALA A 60 -1.20 0.47 -10.18
CA ALA A 60 -0.09 1.10 -9.48
C ALA A 60 -0.04 2.60 -9.76
N ILE A 61 -0.12 3.40 -8.70
CA ILE A 61 -0.08 4.84 -8.82
C ILE A 61 0.63 5.49 -7.64
N HIS A 62 0.81 6.80 -7.70
CA HIS A 62 1.47 7.54 -6.63
C HIS A 62 0.59 7.60 -5.39
N LYS A 63 1.14 8.16 -4.31
CA LYS A 63 0.42 8.29 -3.05
C LYS A 63 -0.70 9.32 -3.17
N LYS A 64 -0.39 10.45 -3.79
CA LYS A 64 -1.37 11.52 -3.98
C LYS A 64 -2.29 11.22 -5.15
N CYS A 65 -1.73 10.61 -6.20
CA CYS A 65 -2.51 10.26 -7.38
C CYS A 65 -3.78 9.50 -7.00
N ILE A 66 -3.76 8.88 -5.83
CA ILE A 66 -4.91 8.12 -5.35
C ILE A 66 -6.18 8.97 -5.40
N ASP A 67 -6.05 10.25 -5.06
CA ASP A 67 -7.19 11.16 -5.07
C ASP A 67 -7.62 11.47 -6.50
N LYS A 68 -6.66 11.50 -7.42
CA LYS A 68 -6.95 11.79 -8.81
C LYS A 68 -7.41 10.53 -9.54
N VAL A 69 -8.17 9.70 -8.85
CA VAL A 69 -8.68 8.46 -9.43
C VAL A 69 -10.20 8.50 -9.57
N ILE A 70 -10.68 8.47 -10.81
CA ILE A 70 -12.11 8.50 -11.08
C ILE A 70 -12.59 7.16 -11.62
N ALA A 71 -11.83 6.59 -12.55
CA ALA A 71 -12.18 5.31 -13.15
C ALA A 71 -12.66 4.31 -12.09
N LYS A 72 -13.32 3.26 -12.53
CA LYS A 72 -13.83 2.24 -11.63
C LYS A 72 -13.05 0.93 -11.80
N CYS A 73 -13.18 0.05 -10.81
CA CYS A 73 -12.49 -1.24 -10.85
C CYS A 73 -13.32 -2.28 -11.58
N THR A 74 -12.87 -2.66 -12.77
CA THR A 74 -13.58 -3.65 -13.58
C THR A 74 -13.08 -5.06 -13.29
N GLY A 75 -12.64 -5.28 -12.05
CA GLY A 75 -12.15 -6.59 -11.66
C GLY A 75 -10.70 -6.80 -12.04
N SER A 76 -10.36 -6.47 -13.29
CA SER A 76 -9.00 -6.63 -13.78
C SER A 76 -8.77 -5.80 -15.04
N ALA A 77 -7.55 -5.31 -15.20
CA ALA A 77 -7.20 -4.50 -16.36
C ALA A 77 -6.93 -5.37 -17.58
N GLY A 1 5.09 -20.76 52.14
CA GLY A 1 5.60 -20.51 50.81
C GLY A 1 5.41 -19.07 50.38
N SER A 2 5.17 -18.86 49.09
CA SER A 2 4.97 -17.52 48.55
C SER A 2 3.78 -17.48 47.61
N SER A 3 3.65 -18.50 46.78
CA SER A 3 2.55 -18.59 45.82
C SER A 3 2.62 -17.45 44.80
N GLY A 4 3.83 -17.21 44.30
CA GLY A 4 4.02 -16.15 43.32
C GLY A 4 3.39 -16.48 41.99
N SER A 5 2.57 -15.56 41.48
CA SER A 5 1.89 -15.76 40.20
C SER A 5 1.87 -14.47 39.39
N SER A 6 2.64 -14.45 38.32
CA SER A 6 2.72 -13.26 37.45
C SER A 6 2.55 -13.66 35.99
N GLY A 7 2.03 -12.73 35.20
CA GLY A 7 1.82 -12.99 33.79
C GLY A 7 3.08 -13.46 33.09
N GLN A 8 2.92 -13.93 31.85
CA GLN A 8 4.06 -14.42 31.08
C GLN A 8 4.13 -13.73 29.73
N ARG A 9 3.14 -13.98 28.87
CA ARG A 9 3.10 -13.38 27.55
C ARG A 9 1.67 -13.00 27.17
N ARG A 10 1.47 -11.73 26.87
CA ARG A 10 0.15 -11.22 26.49
C ARG A 10 -0.16 -11.55 25.03
N GLY A 11 0.80 -11.28 24.16
CA GLY A 11 0.62 -11.54 22.74
C GLY A 11 -0.46 -10.67 22.12
N ALA A 12 -0.08 -9.92 21.10
CA ALA A 12 -1.02 -9.03 20.42
C ALA A 12 -1.01 -9.28 18.91
N ILE A 13 -2.04 -8.78 18.23
CA ILE A 13 -2.15 -8.96 16.79
C ILE A 13 -1.96 -7.63 16.06
N LYS A 14 -1.30 -7.68 14.92
CA LYS A 14 -1.04 -6.49 14.12
C LYS A 14 -2.36 -5.88 13.62
N GLN A 15 -2.36 -4.56 13.43
CA GLN A 15 -3.55 -3.86 12.96
C GLN A 15 -3.54 -3.73 11.44
N ALA A 16 -4.58 -4.25 10.80
CA ALA A 16 -4.68 -4.19 9.35
C ALA A 16 -5.89 -3.36 8.92
N LYS A 17 -5.84 -2.84 7.70
CA LYS A 17 -6.92 -2.01 7.17
C LYS A 17 -6.73 -1.75 5.68
N VAL A 18 -7.84 -1.62 4.96
CA VAL A 18 -7.78 -1.36 3.53
C VAL A 18 -8.44 -0.03 3.19
N HIS A 19 -7.76 0.78 2.38
CA HIS A 19 -8.29 2.07 1.98
C HIS A 19 -9.15 1.95 0.72
N HIS A 20 -10.46 1.93 0.92
CA HIS A 20 -11.40 1.81 -0.20
C HIS A 20 -11.50 3.13 -0.96
N VAL A 21 -11.12 3.09 -2.23
CA VAL A 21 -11.17 4.28 -3.08
C VAL A 21 -11.67 3.94 -4.48
N LYS A 22 -12.75 4.59 -4.90
CA LYS A 22 -13.32 4.36 -6.21
C LYS A 22 -13.34 2.87 -6.55
N CYS A 23 -13.75 2.06 -5.59
CA CYS A 23 -13.81 0.61 -5.78
C CYS A 23 -12.41 0.04 -6.03
N HIS A 24 -11.44 0.51 -5.26
CA HIS A 24 -10.06 0.05 -5.39
C HIS A 24 -9.43 -0.17 -4.03
N GLU A 25 -9.02 -1.41 -3.76
CA GLU A 25 -8.40 -1.77 -2.49
C GLU A 25 -6.91 -1.46 -2.51
N PHE A 26 -6.57 -0.18 -2.33
CA PHE A 26 -5.18 0.24 -2.33
C PHE A 26 -4.48 -0.20 -1.04
N THR A 27 -3.23 -0.65 -1.17
CA THR A 27 -2.46 -1.10 -0.03
C THR A 27 -1.00 -0.69 -0.16
N ALA A 28 -0.48 -0.01 0.86
CA ALA A 28 0.90 0.45 0.86
C ALA A 28 1.84 -0.67 0.42
N THR A 29 2.36 -0.56 -0.80
CA THR A 29 3.26 -1.56 -1.34
C THR A 29 4.57 -0.93 -1.81
N PHE A 30 5.60 -1.75 -1.95
CA PHE A 30 6.91 -1.27 -2.39
C PHE A 30 7.25 -1.81 -3.77
N PHE A 31 7.36 -0.92 -4.75
CA PHE A 31 7.69 -1.31 -6.11
C PHE A 31 9.20 -1.33 -6.33
N PRO A 32 9.76 -2.53 -6.50
CA PRO A 32 11.19 -2.72 -6.72
C PRO A 32 11.64 -2.21 -8.09
N GLN A 33 10.67 -1.98 -8.97
CA GLN A 33 10.97 -1.51 -10.32
C GLN A 33 10.10 -0.30 -10.66
N PRO A 34 10.54 0.48 -11.67
CA PRO A 34 9.82 1.67 -12.12
C PRO A 34 8.51 1.33 -12.81
N THR A 35 7.39 1.65 -12.17
CA THR A 35 6.07 1.38 -12.72
C THR A 35 5.45 2.64 -13.32
N PHE A 36 4.67 2.46 -14.38
CA PHE A 36 4.01 3.59 -15.04
C PHE A 36 2.65 3.86 -14.41
N CYS A 37 2.55 4.98 -13.70
CA CYS A 37 1.30 5.36 -13.05
C CYS A 37 0.13 5.24 -14.01
N SER A 38 -1.08 5.17 -13.47
CA SER A 38 -2.29 5.05 -14.29
C SER A 38 -2.98 6.41 -14.42
N VAL A 39 -2.79 7.26 -13.43
CA VAL A 39 -3.40 8.59 -13.45
C VAL A 39 -2.50 9.59 -14.16
N CYS A 40 -1.42 9.98 -13.50
CA CYS A 40 -0.47 10.93 -14.07
C CYS A 40 0.39 10.28 -15.14
N HIS A 41 0.50 8.96 -15.08
CA HIS A 41 1.29 8.21 -16.04
C HIS A 41 2.77 8.61 -15.96
N GLU A 42 3.28 8.72 -14.74
CA GLU A 42 4.68 9.09 -14.53
C GLU A 42 5.42 8.01 -13.77
N PHE A 43 6.68 7.79 -14.14
CA PHE A 43 7.50 6.78 -13.49
C PHE A 43 7.31 6.81 -11.97
N VAL A 44 6.91 5.67 -11.41
CA VAL A 44 6.69 5.56 -9.98
C VAL A 44 7.88 4.90 -9.28
N TRP A 45 8.92 5.70 -9.04
CA TRP A 45 10.12 5.19 -8.38
C TRP A 45 11.12 6.31 -8.15
N GLY A 46 11.76 6.30 -6.97
CA GLY A 46 12.73 7.34 -6.65
C GLY A 46 13.19 7.25 -5.21
N LEU A 47 12.60 8.06 -4.34
CA LEU A 47 12.96 8.08 -2.93
C LEU A 47 12.47 6.81 -2.23
N ASN A 48 12.77 6.71 -0.94
CA ASN A 48 12.37 5.55 -0.16
C ASN A 48 10.91 5.66 0.27
N LYS A 49 10.05 6.03 -0.68
CA LYS A 49 8.62 6.17 -0.42
C LYS A 49 7.83 5.08 -1.11
N GLN A 50 6.53 5.04 -0.85
CA GLN A 50 5.65 4.04 -1.45
C GLN A 50 4.39 4.68 -2.00
N GLY A 51 3.66 3.95 -2.83
CA GLY A 51 2.43 4.47 -3.41
C GLY A 51 1.22 3.63 -3.05
N TYR A 52 0.50 3.18 -4.06
CA TYR A 52 -0.70 2.37 -3.84
C TYR A 52 -0.91 1.39 -4.99
N GLN A 53 -1.43 0.22 -4.68
CA GLN A 53 -1.69 -0.81 -5.69
C GLN A 53 -2.95 -1.60 -5.36
N CYS A 54 -3.96 -1.48 -6.20
CA CYS A 54 -5.22 -2.18 -5.99
C CYS A 54 -4.99 -3.69 -5.90
N ARG A 55 -5.97 -4.40 -5.33
CA ARG A 55 -5.86 -5.84 -5.18
C ARG A 55 -6.57 -6.56 -6.33
N GLN A 56 -7.48 -5.85 -7.00
CA GLN A 56 -8.22 -6.42 -8.11
C GLN A 56 -7.58 -6.04 -9.45
N CYS A 57 -7.69 -4.78 -9.81
CA CYS A 57 -7.11 -4.29 -11.06
C CYS A 57 -5.60 -4.22 -10.98
N ASN A 58 -5.08 -4.17 -9.74
CA ASN A 58 -3.64 -4.10 -9.53
C ASN A 58 -3.04 -2.90 -10.24
N ALA A 59 -3.62 -1.73 -10.00
CA ALA A 59 -3.14 -0.50 -10.61
C ALA A 59 -2.20 0.25 -9.68
N ALA A 60 -1.01 0.57 -10.17
CA ALA A 60 -0.02 1.29 -9.38
C ALA A 60 -0.14 2.80 -9.60
N ILE A 61 -0.16 3.55 -8.50
CA ILE A 61 -0.26 5.01 -8.58
C ILE A 61 0.41 5.66 -7.37
N HIS A 62 0.90 6.88 -7.57
CA HIS A 62 1.56 7.62 -6.50
C HIS A 62 0.60 7.87 -5.34
N LYS A 63 1.16 8.10 -4.15
CA LYS A 63 0.37 8.35 -2.96
C LYS A 63 -0.46 9.62 -3.11
N LYS A 64 -0.12 10.43 -4.11
CA LYS A 64 -0.83 11.68 -4.37
C LYS A 64 -1.86 11.50 -5.49
N CYS A 65 -1.64 10.50 -6.32
CA CYS A 65 -2.54 10.22 -7.43
C CYS A 65 -3.74 9.38 -6.97
N ILE A 66 -3.94 9.34 -5.66
CA ILE A 66 -5.04 8.58 -5.09
C ILE A 66 -6.35 9.37 -5.17
N ASP A 67 -6.27 10.67 -4.94
CA ASP A 67 -7.45 11.53 -4.99
C ASP A 67 -7.88 11.79 -6.43
N LYS A 68 -6.90 11.75 -7.34
CA LYS A 68 -7.18 11.98 -8.76
C LYS A 68 -7.55 10.67 -9.45
N VAL A 69 -8.21 9.79 -8.72
CA VAL A 69 -8.64 8.51 -9.27
C VAL A 69 -10.15 8.45 -9.43
N ILE A 70 -10.61 8.43 -10.68
CA ILE A 70 -12.03 8.37 -10.98
C ILE A 70 -12.42 7.03 -11.58
N ALA A 71 -11.64 6.59 -12.56
CA ALA A 71 -11.90 5.31 -13.24
C ALA A 71 -12.40 4.27 -12.25
N LYS A 72 -13.12 3.28 -12.76
CA LYS A 72 -13.65 2.21 -11.92
C LYS A 72 -12.82 0.95 -12.04
N CYS A 73 -12.99 0.03 -11.10
CA CYS A 73 -12.25 -1.22 -11.10
C CYS A 73 -13.01 -2.31 -11.86
N THR A 74 -12.28 -3.09 -12.65
CA THR A 74 -12.89 -4.16 -13.43
C THR A 74 -12.24 -5.51 -13.12
N GLY A 75 -11.90 -5.72 -11.85
CA GLY A 75 -11.27 -6.96 -11.45
C GLY A 75 -12.13 -7.76 -10.50
N SER A 76 -12.87 -8.72 -11.05
CA SER A 76 -13.75 -9.57 -10.25
C SER A 76 -13.04 -10.84 -9.82
N ALA A 77 -13.33 -11.29 -8.60
CA ALA A 77 -12.72 -12.50 -8.06
C ALA A 77 -13.53 -13.74 -8.42
#